data_9HH3
#
_entry.id   9HH3
#
_cell.length_a   73.800
_cell.length_b   199.150
_cell.length_c   75.350
_cell.angle_alpha   90.000
_cell.angle_beta   99.330
_cell.angle_gamma   90.000
#
_symmetry.space_group_name_H-M   'P 1 21 1'
#
loop_
_entity.id
_entity.type
_entity.pdbx_description
1 polymer 'Sulfatase, family S1-19'
2 non-polymer 'BROMIDE ION'
3 non-polymer 'CHLORIDE ION'
4 non-polymer 'CALCIUM ION'
5 water water
#
_entity_poly.entity_id   1
_entity_poly.type   'polypeptide(L)'
_entity_poly.pdbx_seq_one_letter_code
;MGSSHHHHHHGSQETRPNILVVLCDDLGYADVGFNGSTDILTPELDNLAQNGSIFTSAYVAHPFCGPSRSAILTGRYPHL
TGTAYNLFHNSSEDDKDNMGVPVEETYMSKVLQNAGYYTSAIGKWHLGAAPKFHPNKRGFDDFYGFLGGGHDYFPSEYQK
TYKAQKKAGNPNIRDYVFPMEHNGKPANETEYITDGFSREAIKNIKIAAAKKQPFFIYLAYNAPHVPLQAKAEDVAKFAH
IKDKDRRTYAAMVYAVDRGVGKIVQTLKETKQFDNTLIVFLSDNGGNFNHGANNYPLKGTKGDTWEGGYRVPMFFHWPKK
IKKDQRFDFPVSSLDLYPTFTGLAEAKLPKGKQLDGKNIMDDVLKNTEPYKDEMIYSLRYREGYNDVGARMGDWKITRMG
NEPWRLHNITQDIGEKKNLAGRYPDRLKEMIAKTQEWTKSFVKPLWVYSVKDKELWESGQMPNYEATFEVDKLVDSPYHK
;
_entity_poly.pdbx_strand_id   A,B,C,D
#
loop_
_chem_comp.id
_chem_comp.type
_chem_comp.name
_chem_comp.formula
BR non-polymer 'BROMIDE ION' 'Br -1'
CA non-polymer 'CALCIUM ION' 'Ca 2'
CL non-polymer 'CHLORIDE ION' 'Cl -1'
#
# COMPACT_ATOMS: atom_id res chain seq x y z
N THR A 15 3.82 -7.00 59.52
CA THR A 15 2.88 -8.01 59.02
C THR A 15 2.13 -7.39 57.80
N ARG A 16 1.76 -6.11 57.89
CA ARG A 16 0.94 -5.52 56.84
C ARG A 16 1.72 -5.53 55.53
N PRO A 17 1.05 -5.73 54.40
CA PRO A 17 1.76 -5.80 53.12
C PRO A 17 2.05 -4.42 52.56
N ASN A 18 3.07 -4.38 51.70
CA ASN A 18 3.25 -3.26 50.80
C ASN A 18 2.20 -3.32 49.68
N ILE A 19 1.90 -2.17 49.09
CA ILE A 19 0.93 -2.09 48.01
C ILE A 19 1.51 -1.30 46.84
N LEU A 20 1.64 -1.95 45.68
CA LEU A 20 2.12 -1.33 44.45
C LEU A 20 1.01 -1.37 43.39
N VAL A 21 0.51 -0.20 43.01
CA VAL A 21 -0.47 -0.08 41.94
C VAL A 21 0.24 0.34 40.67
N VAL A 22 0.27 -0.54 39.68
CA VAL A 22 0.80 -0.23 38.37
C VAL A 22 -0.40 0.05 37.46
N LEU A 23 -0.58 1.33 37.13
CA LEU A 23 -1.71 1.82 36.36
C LEU A 23 -1.17 2.28 35.02
N CYS A 24 -1.54 1.57 33.96
CA CYS A 24 -1.25 2.03 32.62
C CYS A 24 -2.38 2.92 32.14
N ASP A 25 -2.12 3.61 31.04
CA ASP A 25 -3.02 4.64 30.50
C ASP A 25 -3.44 4.25 29.10
N ASP A 26 -4.72 3.93 28.91
CA ASP A 26 -5.27 3.56 27.60
C ASP A 26 -4.73 2.22 27.06
N LEU A 27 -4.41 1.27 27.94
CA LEU A 27 -3.94 -0.04 27.48
C LEU A 27 -5.11 -0.88 26.96
N GLY A 28 -5.02 -1.39 25.73
CA GLY A 28 -6.08 -2.20 25.16
C GLY A 28 -6.21 -3.58 25.78
N TYR A 29 -7.42 -4.13 25.71
CA TYR A 29 -7.76 -5.37 26.41
C TYR A 29 -6.91 -6.55 25.97
N ALA A 30 -6.46 -6.56 24.74
CA ALA A 30 -5.67 -7.65 24.18
C ALA A 30 -4.21 -7.26 24.03
N ASP A 31 -3.73 -6.31 24.82
CA ASP A 31 -2.41 -5.73 24.58
C ASP A 31 -1.41 -6.12 25.65
N VAL A 32 -1.72 -7.12 26.45
CA VAL A 32 -0.73 -7.80 27.29
C VAL A 32 -0.83 -9.30 27.07
N GLY A 33 0.32 -9.99 27.21
CA GLY A 33 0.35 -11.42 26.98
C GLY A 33 -0.70 -12.18 27.79
N PHE A 34 -0.77 -11.90 29.10
CA PHE A 34 -1.67 -12.66 29.95
C PHE A 34 -3.13 -12.42 29.62
N ASN A 35 -3.45 -11.43 28.81
CA ASN A 35 -4.83 -11.17 28.45
C ASN A 35 -5.11 -11.44 26.98
N GLY A 36 -4.22 -12.18 26.30
CA GLY A 36 -4.49 -12.66 24.96
C GLY A 36 -3.67 -12.04 23.84
N SER A 37 -2.72 -11.16 24.12
CA SER A 37 -1.97 -10.54 23.04
C SER A 37 -1.10 -11.55 22.31
N THR A 38 -1.15 -11.51 20.97
CA THR A 38 -0.30 -12.37 20.15
C THR A 38 0.91 -11.66 19.55
N ASP A 39 0.96 -10.32 19.57
CA ASP A 39 2.08 -9.62 18.96
C ASP A 39 2.88 -8.74 19.91
N ILE A 40 2.31 -8.31 21.02
CA ILE A 40 3.01 -7.51 22.02
C ILE A 40 3.54 -8.42 23.11
N LEU A 41 4.83 -8.36 23.39
CA LEU A 41 5.47 -9.22 24.38
C LEU A 41 5.51 -8.53 25.74
N THR A 42 4.95 -9.19 26.76
CA THR A 42 5.02 -8.68 28.13
C THR A 42 5.46 -9.78 29.12
N PRO A 43 6.65 -10.37 28.92
CA PRO A 43 7.06 -11.51 29.76
C PRO A 43 7.05 -11.23 31.26
N GLU A 44 7.53 -10.06 31.67
CA GLU A 44 7.52 -9.74 33.09
C GLU A 44 6.10 -9.66 33.63
N LEU A 45 5.22 -8.89 32.97
CA LEU A 45 3.84 -8.81 33.43
C LEU A 45 3.18 -10.19 33.43
N ASP A 46 3.45 -11.01 32.41
CA ASP A 46 2.86 -12.34 32.34
C ASP A 46 3.32 -13.23 33.50
N ASN A 47 4.62 -13.18 33.82
CA ASN A 47 5.11 -14.02 34.92
C ASN A 47 4.42 -13.65 36.24
N LEU A 48 4.30 -12.36 36.55
CA LEU A 48 3.55 -11.97 37.73
C LEU A 48 2.11 -12.48 37.67
N ALA A 49 1.46 -12.35 36.50
CA ALA A 49 0.06 -12.75 36.39
C ALA A 49 -0.09 -14.26 36.55
N GLN A 50 0.80 -15.04 35.94
CA GLN A 50 0.75 -16.49 36.07
C GLN A 50 0.94 -16.93 37.51
N ASN A 51 1.68 -16.14 38.30
CA ASN A 51 1.96 -16.43 39.70
C ASN A 51 1.02 -15.72 40.64
N GLY A 52 -0.11 -15.24 40.16
CA GLY A 52 -1.12 -14.61 41.00
C GLY A 52 -2.49 -14.88 40.44
N SER A 53 -3.40 -13.93 40.59
CA SER A 53 -4.76 -14.09 40.14
C SER A 53 -5.09 -13.12 39.00
N ILE A 54 -5.42 -13.68 37.83
CA ILE A 54 -5.89 -12.90 36.70
C ILE A 54 -7.39 -12.66 36.84
N PHE A 55 -7.82 -11.43 36.59
CA PHE A 55 -9.22 -11.03 36.66
C PHE A 55 -9.77 -10.90 35.25
N THR A 56 -10.65 -11.83 34.86
CA THR A 56 -11.20 -11.89 33.51
C THR A 56 -12.42 -11.02 33.29
N SER A 57 -13.00 -10.43 34.33
CA SER A 57 -14.09 -9.46 34.20
C SER A 57 -13.84 -8.27 35.13
N ALA A 58 -12.76 -7.54 34.88
CA ALA A 58 -12.38 -6.36 35.67
C ALA A 58 -12.86 -5.08 34.99
N TYR A 59 -13.39 -4.16 35.77
CA TYR A 59 -13.98 -2.94 35.21
C TYR A 59 -13.45 -1.71 35.93
N VAL A 60 -13.19 -0.64 35.18
CA VAL A 60 -12.94 0.67 35.79
C VAL A 60 -14.27 1.40 35.87
N ALA A 61 -14.32 2.46 36.68
CA ALA A 61 -15.60 3.12 36.97
C ALA A 61 -16.00 4.15 35.91
N HIS A 62 -15.17 4.39 34.88
CA HIS A 62 -15.56 5.34 33.85
C HIS A 62 -14.73 5.04 32.62
N PRO A 63 -15.28 5.18 31.40
CA PRO A 63 -14.52 4.77 30.22
C PRO A 63 -13.47 5.77 29.74
N PHE A 64 -13.07 6.79 30.52
CA PHE A 64 -11.87 7.55 30.15
C PHE A 64 -11.18 8.17 31.38
N CYS A 65 -9.95 8.66 31.13
CA CYS A 65 -8.90 9.05 32.07
C CYS A 65 -9.36 9.67 33.39
N DDZ A 65 -9.95 8.64 31.11
CA DDZ A 65 -8.82 9.10 31.99
C DDZ A 65 -9.24 9.70 33.34
O DDZ A 65 -9.07 9.02 34.38
OG1 DDZ A 65 -7.35 9.54 30.06
OG2 DDZ A 65 -7.09 10.87 31.98
CB DDZ A 65 -8.00 10.12 31.18
N GLY A 66 -9.67 10.96 33.37
CA GLY A 66 -9.85 11.72 34.60
C GLY A 66 -10.83 11.17 35.60
N PRO A 67 -12.06 10.89 35.16
CA PRO A 67 -13.05 10.35 36.08
C PRO A 67 -12.69 8.97 36.58
N SER A 68 -12.12 8.13 35.73
CA SER A 68 -11.67 6.82 36.19
C SER A 68 -10.65 6.97 37.30
N ARG A 69 -9.68 7.87 37.11
CA ARG A 69 -8.65 8.06 38.12
C ARG A 69 -9.22 8.68 39.40
N SER A 70 -10.08 9.69 39.26
CA SER A 70 -10.80 10.20 40.42
C SER A 70 -11.50 9.08 41.19
N ALA A 71 -12.12 8.15 40.47
CA ALA A 71 -12.81 7.05 41.12
C ALA A 71 -11.85 6.13 41.86
N ILE A 72 -10.68 5.86 41.27
CA ILE A 72 -9.73 4.95 41.89
C ILE A 72 -9.27 5.51 43.23
N LEU A 73 -8.94 6.80 43.28
CA LEU A 73 -8.38 7.34 44.51
C LEU A 73 -9.46 7.69 45.52
N THR A 74 -10.66 8.09 45.09
CA THR A 74 -11.76 8.40 46.00
C THR A 74 -12.62 7.20 46.35
N GLY A 75 -12.55 6.11 45.58
CA GLY A 75 -13.40 4.97 45.85
C GLY A 75 -14.87 5.20 45.53
N ARG A 76 -15.19 6.26 44.79
CA ARG A 76 -16.56 6.60 44.47
C ARG A 76 -16.72 6.83 42.98
N TYR A 77 -17.91 6.54 42.48
CA TYR A 77 -18.23 6.86 41.11
C TYR A 77 -18.05 8.36 40.88
N PRO A 78 -17.48 8.78 39.74
CA PRO A 78 -17.31 10.22 39.50
C PRO A 78 -18.62 10.98 39.39
N HIS A 79 -19.74 10.30 39.12
CA HIS A 79 -21.03 10.98 39.05
C HIS A 79 -21.51 11.41 40.43
N LEU A 80 -20.90 10.87 41.48
CA LEU A 80 -21.26 11.19 42.85
C LEU A 80 -20.36 12.26 43.45
N THR A 81 -19.17 12.46 42.88
CA THR A 81 -18.21 13.47 43.31
C THR A 81 -18.13 14.66 42.37
N GLY A 82 -18.88 14.64 41.27
CA GLY A 82 -18.88 15.75 40.33
C GLY A 82 -17.73 15.79 39.33
N THR A 83 -17.02 14.69 39.14
CA THR A 83 -15.77 14.70 38.38
C THR A 83 -15.85 13.82 37.13
N ALA A 84 -17.04 13.71 36.53
CA ALA A 84 -17.24 12.83 35.39
C ALA A 84 -16.86 13.45 34.05
N TYR A 85 -16.32 14.67 34.01
CA TYR A 85 -15.67 15.18 32.81
C TYR A 85 -14.17 15.35 33.07
N ASN A 86 -13.38 15.24 31.99
CA ASN A 86 -11.95 15.52 32.10
C ASN A 86 -11.71 16.99 32.41
N LEU A 87 -10.64 17.24 33.15
CA LEU A 87 -10.11 18.60 33.19
C LEU A 87 -9.50 18.93 31.84
N PHE A 88 -9.80 20.12 31.33
CA PHE A 88 -9.18 20.55 30.09
C PHE A 88 -7.68 20.69 30.27
N HIS A 89 -6.94 20.53 29.19
CA HIS A 89 -5.51 20.74 29.29
C HIS A 89 -5.22 22.18 29.75
N ASN A 90 -4.12 22.34 30.49
CA ASN A 90 -3.72 23.63 31.07
C ASN A 90 -4.82 24.23 31.96
N SER A 91 -5.50 23.37 32.73
CA SER A 91 -6.58 23.83 33.58
C SER A 91 -6.02 24.70 34.72
N SER A 92 -6.93 25.43 35.36
CA SER A 92 -6.54 26.51 36.28
C SER A 92 -5.66 26.02 37.42
N GLU A 93 -4.61 26.79 37.70
CA GLU A 93 -3.67 26.50 38.76
C GLU A 93 -3.91 27.34 40.01
N ASP A 94 -5.03 28.04 40.07
CA ASP A 94 -5.40 28.84 41.22
C ASP A 94 -6.44 28.10 42.02
N ASP A 95 -6.16 27.93 43.33
CA ASP A 95 -7.09 27.23 44.23
C ASP A 95 -8.49 27.81 44.13
N LYS A 96 -8.59 29.09 43.77
CA LYS A 96 -9.87 29.79 43.69
C LYS A 96 -10.79 29.18 42.64
N ASP A 97 -10.24 28.75 41.50
CA ASP A 97 -11.07 28.20 40.44
C ASP A 97 -11.56 26.77 40.69
N ASN A 98 -11.03 26.07 41.70
CA ASN A 98 -11.45 24.71 42.09
C ASN A 98 -11.53 23.73 40.92
N MET A 99 -10.51 23.74 40.07
CA MET A 99 -10.42 22.81 38.95
C MET A 99 -9.64 21.57 39.43
N GLY A 100 -10.33 20.74 40.22
CA GLY A 100 -9.72 19.54 40.76
C GLY A 100 -10.72 18.75 41.57
N VAL A 101 -10.36 17.50 41.87
CA VAL A 101 -11.24 16.64 42.66
C VAL A 101 -11.48 17.27 44.03
N PRO A 102 -12.73 17.34 44.51
CA PRO A 102 -13.01 17.98 45.81
C PRO A 102 -12.05 17.51 46.90
N VAL A 103 -11.50 18.46 47.66
CA VAL A 103 -10.51 18.09 48.66
C VAL A 103 -11.15 17.41 49.86
N GLU A 104 -12.47 17.53 50.03
CA GLU A 104 -13.13 16.86 51.14
C GLU A 104 -13.26 15.36 50.91
N GLU A 105 -13.15 14.91 49.67
CA GLU A 105 -13.25 13.48 49.32
C GLU A 105 -11.88 12.83 49.55
N THR A 106 -11.70 12.17 50.69
CA THR A 106 -10.38 11.73 51.10
C THR A 106 -9.86 10.60 50.21
N TYR A 107 -8.64 10.76 49.70
CA TYR A 107 -8.00 9.72 48.90
C TYR A 107 -7.52 8.57 49.77
N MET A 108 -7.47 7.37 49.19
CA MET A 108 -6.93 6.24 49.91
C MET A 108 -5.45 6.43 50.24
N SER A 109 -4.75 7.30 49.53
CA SER A 109 -3.36 7.57 49.87
C SER A 109 -3.26 8.24 51.24
N LYS A 110 -4.13 9.21 51.51
CA LYS A 110 -4.12 9.86 52.83
C LYS A 110 -4.49 8.86 53.93
N VAL A 111 -5.53 8.04 53.69
CA VAL A 111 -5.90 7.01 54.66
C VAL A 111 -4.72 6.10 54.92
N LEU A 112 -4.05 5.65 53.86
CA LEU A 112 -2.88 4.81 54.07
C LEU A 112 -1.74 5.59 54.72
N GLN A 113 -1.61 6.87 54.38
CA GLN A 113 -0.59 7.70 55.00
C GLN A 113 -0.81 7.79 56.51
N ASN A 114 -2.05 8.09 56.92
CA ASN A 114 -2.43 8.19 58.32
C ASN A 114 -2.33 6.87 59.07
N ALA A 115 -2.12 5.75 58.38
CA ALA A 115 -1.95 4.46 59.00
C ALA A 115 -0.50 3.98 59.01
N GLY A 116 0.45 4.88 58.76
CA GLY A 116 1.86 4.55 58.87
C GLY A 116 2.54 4.07 57.61
N TYR A 117 1.88 4.20 56.46
CA TYR A 117 2.47 3.80 55.20
C TYR A 117 3.32 4.95 54.66
N TYR A 118 4.43 4.60 54.03
CA TYR A 118 5.16 5.54 53.19
C TYR A 118 4.45 5.61 51.83
N THR A 119 3.96 6.80 51.43
CA THR A 119 3.15 6.94 50.24
C THR A 119 3.89 7.69 49.13
N SER A 120 3.71 7.24 47.89
CA SER A 120 4.43 7.78 46.74
C SER A 120 3.53 7.74 45.51
N ALA A 121 3.52 8.83 44.74
CA ALA A 121 2.82 8.91 43.45
C ALA A 121 3.85 9.22 42.37
N ILE A 122 3.75 8.52 41.24
CA ILE A 122 4.69 8.63 40.14
C ILE A 122 3.92 8.69 38.83
N GLY A 123 4.38 9.55 37.92
CA GLY A 123 3.80 9.61 36.59
C GLY A 123 2.67 10.60 36.55
N LYS A 124 1.54 10.19 35.96
CA LYS A 124 0.43 11.06 35.62
C LYS A 124 -0.48 11.33 36.82
N TRP A 125 -0.97 12.56 36.92
CA TRP A 125 -1.90 12.92 37.98
C TRP A 125 -3.30 13.19 37.40
N HIS A 126 -3.53 14.41 36.90
CA HIS A 126 -4.78 14.79 36.22
C HIS A 126 -5.98 14.90 37.16
N LEU A 127 -5.75 15.13 38.44
CA LEU A 127 -6.85 15.31 39.39
C LEU A 127 -6.86 16.74 39.93
N GLY A 128 -6.21 17.68 39.23
CA GLY A 128 -6.17 19.07 39.64
C GLY A 128 -4.76 19.62 39.66
N ALA A 129 -4.55 20.76 39.00
CA ALA A 129 -3.24 21.36 38.86
C ALA A 129 -3.01 22.55 39.78
N ALA A 130 -4.01 22.91 40.63
CA ALA A 130 -3.88 23.95 41.65
C ALA A 130 -3.33 23.34 42.94
N PRO A 131 -2.65 24.17 43.75
CA PRO A 131 -1.93 23.61 44.92
C PRO A 131 -2.78 22.80 45.87
N LYS A 132 -4.03 23.17 46.14
CA LYS A 132 -4.85 22.36 47.05
C LYS A 132 -5.15 20.96 46.51
N PHE A 133 -4.92 20.72 45.22
CA PHE A 133 -5.15 19.40 44.62
C PHE A 133 -3.86 18.62 44.42
N HIS A 134 -2.74 19.17 44.89
CA HIS A 134 -1.43 18.58 44.65
C HIS A 134 -1.31 17.23 45.36
N PRO A 135 -0.60 16.27 44.77
CA PRO A 135 -0.41 14.97 45.45
C PRO A 135 0.15 15.08 46.87
N ASN A 136 1.08 16.02 47.11
CA ASN A 136 1.67 16.14 48.45
C ASN A 136 0.66 16.64 49.47
N LYS A 137 -0.40 17.30 49.04
CA LYS A 137 -1.48 17.64 49.95
C LYS A 137 -2.58 16.58 49.99
N ARG A 138 -2.49 15.53 49.16
CA ARG A 138 -3.54 14.51 49.07
C ARG A 138 -3.06 13.16 49.58
N GLY A 139 -2.11 13.16 50.52
CA GLY A 139 -1.69 11.95 51.19
C GLY A 139 -0.43 11.30 50.66
N PHE A 140 0.26 11.93 49.73
CA PHE A 140 1.45 11.33 49.14
C PHE A 140 2.68 12.00 49.72
N ASP A 141 3.50 11.22 50.45
CA ASP A 141 4.77 11.74 50.94
C ASP A 141 5.63 12.23 49.79
N ASP A 142 5.63 11.50 48.69
CA ASP A 142 6.48 11.82 47.55
C ASP A 142 5.64 11.84 46.26
N PHE A 143 5.95 12.79 45.37
CA PHE A 143 5.36 12.85 44.03
C PHE A 143 6.46 13.10 43.02
N TYR A 144 6.50 12.30 41.96
CA TYR A 144 7.43 12.54 40.87
C TYR A 144 6.64 12.35 39.58
N GLY A 145 6.34 13.44 38.88
CA GLY A 145 5.62 13.33 37.62
C GLY A 145 5.12 14.67 37.12
N PHE A 146 3.93 14.63 36.49
CA PHE A 146 3.29 15.81 35.90
C PHE A 146 1.84 15.88 36.35
N LEU A 147 1.31 17.09 36.37
CA LEU A 147 0.02 17.33 37.00
C LEU A 147 -1.17 17.12 36.07
N GLY A 148 -0.98 17.25 34.75
CA GLY A 148 -2.06 17.15 33.79
C GLY A 148 -2.28 15.75 33.26
N GLY A 149 -2.86 15.68 32.06
CA GLY A 149 -3.40 14.45 31.52
C GLY A 149 -2.49 13.65 30.62
N GLY A 150 -1.36 14.23 30.20
CA GLY A 150 -0.43 13.53 29.32
C GLY A 150 0.88 14.29 29.26
N HIS A 151 1.83 13.68 28.54
CA HIS A 151 3.15 14.28 28.45
C HIS A 151 3.93 13.61 27.33
N ASP A 152 4.77 14.40 26.65
CA ASP A 152 5.74 13.85 25.72
C ASP A 152 6.80 13.02 26.45
N TYR A 153 7.41 12.07 25.73
CA TYR A 153 8.21 11.01 26.36
C TYR A 153 9.72 11.26 26.40
N PHE A 154 10.27 12.12 25.54
CA PHE A 154 11.72 12.25 25.46
C PHE A 154 12.15 13.61 25.98
N PRO A 155 12.85 13.66 27.12
CA PRO A 155 13.22 14.96 27.70
C PRO A 155 14.11 15.81 26.80
N SER A 156 15.03 15.18 26.05
CA SER A 156 15.85 15.94 25.12
C SER A 156 14.99 16.76 24.17
N GLU A 157 13.82 16.23 23.76
CA GLU A 157 12.94 16.92 22.83
C GLU A 157 11.98 17.90 23.51
N TYR A 158 11.34 17.51 24.61
CA TYR A 158 10.34 18.43 25.14
C TYR A 158 10.98 19.54 25.97
N GLN A 159 12.15 19.29 26.58
CA GLN A 159 12.88 20.34 27.31
C GLN A 159 13.36 21.41 26.34
N LYS A 160 13.91 20.99 25.20
CA LYS A 160 14.30 21.94 24.16
C LYS A 160 13.12 22.78 23.71
N THR A 161 11.97 22.16 23.43
CA THR A 161 10.80 22.92 23.02
C THR A 161 10.32 23.86 24.13
N TYR A 162 10.29 23.36 25.38
CA TYR A 162 9.78 24.19 26.46
C TYR A 162 10.64 25.42 26.64
N LYS A 163 11.97 25.23 26.61
CA LYS A 163 12.88 26.34 26.78
C LYS A 163 12.73 27.36 25.65
N ALA A 164 12.74 26.89 24.40
CA ALA A 164 12.62 27.83 23.28
C ALA A 164 11.35 28.65 23.43
N GLN A 165 10.24 28.00 23.73
CA GLN A 165 8.96 28.71 23.82
C GLN A 165 8.86 29.57 25.07
N LYS A 166 9.55 29.18 26.16
CA LYS A 166 9.53 30.05 27.34
C LYS A 166 10.34 31.31 27.08
N LYS A 167 11.46 31.18 26.38
CA LYS A 167 12.28 32.34 26.06
C LYS A 167 11.61 33.26 25.05
N ALA A 168 10.64 32.77 24.28
CA ALA A 168 9.93 33.61 23.34
C ALA A 168 8.64 34.15 23.94
N GLY A 169 8.45 33.98 25.24
CA GLY A 169 7.23 34.45 25.90
C GLY A 169 5.94 33.92 25.32
N ASN A 170 5.94 32.70 24.81
CA ASN A 170 4.73 32.05 24.32
C ASN A 170 3.74 31.92 25.47
N PRO A 171 2.55 32.51 25.37
CA PRO A 171 1.57 32.43 26.46
C PRO A 171 0.72 31.16 26.46
N ASN A 172 0.87 30.27 25.47
CA ASN A 172 0.04 29.07 25.43
C ASN A 172 0.92 27.85 25.20
N ILE A 173 1.88 27.64 26.08
CA ILE A 173 2.71 26.45 26.03
C ILE A 173 1.87 25.24 26.43
N ARG A 174 1.94 24.18 25.64
CA ARG A 174 1.15 23.00 25.96
C ARG A 174 1.72 22.32 27.19
N ASP A 175 0.85 21.90 28.11
CA ASP A 175 1.40 21.28 29.33
C ASP A 175 2.08 19.95 29.03
N TYR A 176 1.87 19.36 27.84
CA TYR A 176 2.60 18.16 27.47
C TYR A 176 4.12 18.36 27.41
N VAL A 177 4.60 19.60 27.43
CA VAL A 177 6.04 19.83 27.42
C VAL A 177 6.54 20.55 28.67
N PHE A 178 5.67 20.84 29.65
CA PHE A 178 6.12 21.44 30.90
C PHE A 178 7.17 20.55 31.56
N PRO A 179 8.13 21.15 32.25
CA PRO A 179 9.04 20.34 33.07
C PRO A 179 8.26 19.50 34.06
N MET A 180 8.70 18.27 34.27
CA MET A 180 8.11 17.50 35.34
C MET A 180 8.68 17.98 36.66
N GLU A 181 8.07 17.53 37.75
CA GLU A 181 8.43 18.02 39.06
C GLU A 181 8.66 16.84 40.00
N HIS A 182 9.45 17.12 41.03
CA HIS A 182 9.70 16.23 42.17
C HIS A 182 9.34 17.03 43.41
N ASN A 183 8.13 16.80 43.93
CA ASN A 183 7.63 17.49 45.12
C ASN A 183 7.71 19.00 44.95
N GLY A 184 7.29 19.49 43.80
CA GLY A 184 7.23 20.92 43.60
C GLY A 184 8.48 21.54 43.02
N LYS A 185 9.61 20.84 43.03
CA LYS A 185 10.86 21.31 42.46
C LYS A 185 11.06 20.68 41.08
N PRO A 186 11.88 21.28 40.21
CA PRO A 186 12.09 20.68 38.88
C PRO A 186 12.65 19.26 38.98
N ALA A 187 12.14 18.36 38.13
CA ALA A 187 12.58 16.97 38.15
C ALA A 187 13.90 16.76 37.44
N ASN A 188 14.20 17.61 36.44
CA ASN A 188 15.40 17.47 35.61
C ASN A 188 15.51 16.04 35.08
N GLU A 189 14.45 15.57 34.43
CA GLU A 189 14.45 14.22 33.89
C GLU A 189 15.45 14.10 32.74
N THR A 190 16.13 12.97 32.66
CA THR A 190 17.13 12.74 31.63
C THR A 190 16.90 11.50 30.75
N GLU A 191 15.82 10.76 30.96
CA GLU A 191 15.60 9.60 30.10
C GLU A 191 14.12 9.49 29.74
N TYR A 192 13.85 8.70 28.70
CA TYR A 192 12.52 8.24 28.33
C TYR A 192 11.67 8.07 29.59
N ILE A 193 10.59 8.85 29.72
CA ILE A 193 9.98 9.02 31.03
C ILE A 193 9.42 7.71 31.59
N THR A 194 9.04 6.77 30.73
CA THR A 194 8.66 5.47 31.23
C THR A 194 9.81 4.85 32.02
N ASP A 195 11.01 4.89 31.46
CA ASP A 195 12.18 4.43 32.20
C ASP A 195 12.41 5.29 33.41
N GLY A 196 12.17 6.60 33.27
CA GLY A 196 12.34 7.49 34.41
C GLY A 196 11.37 7.15 35.53
N PHE A 197 10.14 6.81 35.17
CA PHE A 197 9.17 6.45 36.20
C PHE A 197 9.53 5.15 36.88
N SER A 198 10.05 4.18 36.14
CA SER A 198 10.47 2.94 36.77
C SER A 198 11.59 3.20 37.76
N ARG A 199 12.57 4.00 37.37
CA ARG A 199 13.69 4.31 38.26
C ARG A 199 13.19 4.93 39.57
N GLU A 200 12.18 5.80 39.48
CA GLU A 200 11.62 6.42 40.68
C GLU A 200 10.87 5.41 41.55
N ALA A 201 10.20 4.43 40.94
CA ALA A 201 9.54 3.42 41.76
C ALA A 201 10.57 2.62 42.53
N ILE A 202 11.68 2.28 41.88
CA ILE A 202 12.76 1.56 42.54
C ILE A 202 13.31 2.41 43.68
N LYS A 203 13.54 3.70 43.41
CA LYS A 203 14.05 4.60 44.43
C LYS A 203 13.10 4.67 45.61
N ASN A 204 11.80 4.76 45.36
CA ASN A 204 10.88 4.85 46.47
C ASN A 204 10.74 3.52 47.23
N ILE A 205 10.96 2.37 46.57
CA ILE A 205 10.94 1.10 47.28
C ILE A 205 12.08 1.05 48.29
N LYS A 206 13.27 1.50 47.88
CA LYS A 206 14.41 1.54 48.80
C LYS A 206 14.20 2.53 49.94
N ILE A 207 13.52 3.65 49.68
CA ILE A 207 13.24 4.60 50.75
C ILE A 207 12.36 3.95 51.81
N ALA A 208 11.27 3.31 51.38
CA ALA A 208 10.37 2.64 52.31
C ALA A 208 11.09 1.54 53.09
N ALA A 209 11.99 0.81 52.43
CA ALA A 209 12.75 -0.20 53.13
C ALA A 209 13.64 0.44 54.20
N ALA A 210 14.33 1.55 53.86
CA ALA A 210 15.20 2.19 54.84
C ALA A 210 14.39 2.76 55.99
N LYS A 211 13.19 3.25 55.73
CA LYS A 211 12.37 3.73 56.82
C LYS A 211 11.74 2.60 57.63
N LYS A 212 11.93 1.34 57.19
CA LYS A 212 11.23 0.19 57.78
C LYS A 212 9.72 0.46 57.89
N GLN A 213 9.13 0.89 56.80
CA GLN A 213 7.73 1.26 56.67
C GLN A 213 7.10 0.51 55.50
N PRO A 214 5.86 0.05 55.64
CA PRO A 214 5.17 -0.48 54.45
C PRO A 214 4.91 0.67 53.49
N PHE A 215 5.04 0.40 52.20
CA PHE A 215 4.84 1.43 51.19
C PHE A 215 3.52 1.25 50.44
N PHE A 216 2.99 2.37 49.97
CA PHE A 216 1.93 2.42 48.98
C PHE A 216 2.42 3.30 47.84
N ILE A 217 2.69 2.68 46.68
CA ILE A 217 3.21 3.37 45.49
C ILE A 217 2.14 3.38 44.41
N TYR A 218 1.80 4.57 43.96
CA TYR A 218 0.82 4.77 42.89
C TYR A 218 1.62 5.08 41.64
N LEU A 219 1.92 4.03 40.86
CA LEU A 219 2.77 4.12 39.67
C LEU A 219 1.87 4.32 38.44
N ALA A 220 1.64 5.59 38.08
CA ALA A 220 0.71 5.93 37.01
C ALA A 220 1.48 6.28 35.73
N TYR A 221 2.00 5.24 35.09
CA TYR A 221 2.60 5.38 33.77
C TYR A 221 1.64 6.08 32.82
N ASN A 222 2.17 6.97 31.99
CA ASN A 222 1.29 7.47 30.93
C ASN A 222 1.30 6.59 29.69
N ALA A 223 2.27 5.69 29.55
CA ALA A 223 2.25 4.73 28.46
C ALA A 223 1.06 3.79 28.59
N PRO A 224 0.47 3.34 27.45
CA PRO A 224 0.79 3.69 26.06
C PRO A 224 -0.11 4.79 25.45
N HIS A 225 -0.50 5.79 26.24
CA HIS A 225 -1.26 6.96 25.80
C HIS A 225 -0.47 7.78 24.77
N VAL A 226 -1.17 8.49 23.88
CA VAL A 226 -0.51 9.31 22.87
C VAL A 226 0.30 10.39 23.60
N PRO A 227 1.35 10.96 22.99
CA PRO A 227 1.89 10.69 21.65
C PRO A 227 2.59 9.35 21.58
N LEU A 228 2.44 8.62 20.49
CA LEU A 228 3.12 7.35 20.30
C LEU A 228 4.61 7.63 20.10
N GLN A 229 5.40 7.44 21.15
CA GLN A 229 6.83 7.69 21.07
C GLN A 229 7.54 6.55 21.77
N ALA A 230 8.55 5.99 21.11
CA ALA A 230 9.21 4.82 21.66
C ALA A 230 10.69 4.88 21.39
N LYS A 231 11.43 4.19 22.24
CA LYS A 231 12.87 4.06 22.06
C LYS A 231 13.14 3.10 20.91
N ALA A 232 14.17 3.42 20.12
CA ALA A 232 14.52 2.62 18.95
C ALA A 232 14.85 1.18 19.33
N GLU A 233 15.53 1.00 20.46
CA GLU A 233 15.90 -0.34 20.90
C GLU A 233 14.65 -1.16 21.21
N ASP A 234 13.60 -0.53 21.71
CA ASP A 234 12.35 -1.23 21.95
C ASP A 234 11.59 -1.47 20.66
N VAL A 235 11.62 -0.50 19.74
CA VAL A 235 10.97 -0.70 18.44
C VAL A 235 11.60 -1.88 17.70
N ALA A 236 12.91 -2.07 17.87
CA ALA A 236 13.60 -3.12 17.14
C ALA A 236 13.06 -4.51 17.49
N LYS A 237 12.54 -4.68 18.71
CA LYS A 237 11.98 -5.96 19.13
C LYS A 237 10.65 -6.27 18.48
N PHE A 238 10.06 -5.32 17.77
CA PHE A 238 8.77 -5.52 17.13
C PHE A 238 8.86 -5.08 15.68
N ALA A 239 10.03 -5.28 15.08
CA ALA A 239 10.23 -4.82 13.71
C ALA A 239 9.36 -5.59 12.70
N HIS A 240 8.96 -6.83 13.00
CA HIS A 240 8.05 -7.52 12.08
C HIS A 240 6.63 -6.98 12.13
N ILE A 241 6.30 -6.04 13.03
CA ILE A 241 4.97 -5.47 13.02
C ILE A 241 4.96 -4.37 11.97
N LYS A 242 4.08 -4.52 10.96
CA LYS A 242 4.12 -3.68 9.77
C LYS A 242 3.51 -2.29 10.00
N ASP A 243 2.40 -2.21 10.71
CA ASP A 243 1.75 -0.91 10.95
C ASP A 243 2.61 -0.08 11.90
N LYS A 244 2.95 1.13 11.48
CA LYS A 244 3.87 1.93 12.27
C LYS A 244 3.30 2.24 13.65
N ASP A 245 2.01 2.60 13.70
CA ASP A 245 1.40 2.94 15.00
C ASP A 245 1.35 1.72 15.91
N ARG A 246 0.92 0.56 15.38
CA ARG A 246 0.89 -0.63 16.22
C ARG A 246 2.29 -0.97 16.71
N ARG A 247 3.30 -0.80 15.85
CA ARG A 247 4.66 -1.14 16.23
C ARG A 247 5.18 -0.24 17.37
N THR A 248 4.96 1.08 17.25
CA THR A 248 5.42 2.00 18.30
C THR A 248 4.70 1.72 19.61
N TYR A 249 3.38 1.53 19.52
CA TYR A 249 2.55 1.19 20.68
C TYR A 249 3.08 -0.07 21.36
N ALA A 250 3.39 -1.09 20.56
CA ALA A 250 3.96 -2.31 21.13
C ALA A 250 5.25 -1.99 21.87
N ALA A 251 6.11 -1.16 21.27
CA ALA A 251 7.34 -0.79 21.94
C ALA A 251 7.08 -0.01 23.24
N MET A 252 6.02 0.82 23.28
CA MET A 252 5.71 1.56 24.51
C MET A 252 5.25 0.62 25.61
N VAL A 253 4.36 -0.32 25.28
CA VAL A 253 3.94 -1.29 26.29
C VAL A 253 5.15 -2.08 26.78
N TYR A 254 6.06 -2.41 25.86
CA TYR A 254 7.22 -3.19 26.24
C TYR A 254 8.09 -2.45 27.23
N ALA A 255 8.31 -1.15 27.03
CA ALA A 255 9.12 -0.42 27.99
C ALA A 255 8.49 -0.45 29.39
N VAL A 256 7.16 -0.49 29.48
CA VAL A 256 6.54 -0.65 30.79
C VAL A 256 6.88 -2.01 31.38
N ASP A 257 6.84 -3.05 30.54
CA ASP A 257 7.15 -4.40 30.99
C ASP A 257 8.59 -4.49 31.51
N ARG A 258 9.56 -3.92 30.75
CA ARG A 258 10.95 -3.88 31.22
C ARG A 258 11.06 -3.24 32.59
N GLY A 259 10.34 -2.14 32.81
CA GLY A 259 10.42 -1.47 34.11
C GLY A 259 9.78 -2.30 35.22
N VAL A 260 8.70 -3.00 34.90
CA VAL A 260 8.12 -3.88 35.90
C VAL A 260 9.12 -4.96 36.31
N GLY A 261 9.94 -5.44 35.36
CA GLY A 261 10.94 -6.44 35.69
C GLY A 261 12.04 -5.90 36.58
N LYS A 262 12.49 -4.67 36.33
CA LYS A 262 13.45 -4.04 37.23
C LYS A 262 12.84 -3.78 38.60
N ILE A 263 11.57 -3.39 38.66
CA ILE A 263 10.92 -3.21 39.95
C ILE A 263 10.87 -4.52 40.70
N VAL A 264 10.58 -5.62 39.98
CA VAL A 264 10.52 -6.93 40.61
C VAL A 264 11.88 -7.30 41.19
N GLN A 265 12.96 -7.06 40.43
CA GLN A 265 14.29 -7.33 40.95
C GLN A 265 14.56 -6.58 42.24
N THR A 266 14.15 -5.31 42.31
CA THR A 266 14.37 -4.54 43.53
C THR A 266 13.60 -5.13 44.69
N LEU A 267 12.36 -5.53 44.45
CA LEU A 267 11.55 -6.10 45.52
C LEU A 267 12.20 -7.36 46.11
N LYS A 268 12.89 -8.14 45.28
CA LYS A 268 13.54 -9.33 45.77
C LYS A 268 14.80 -8.98 46.56
N GLU A 269 15.59 -8.01 46.07
CA GLU A 269 16.79 -7.61 46.79
C GLU A 269 16.44 -7.03 48.15
N THR A 270 15.42 -6.18 48.21
CA THR A 270 14.98 -5.69 49.51
C THR A 270 14.15 -6.73 50.26
N LYS A 271 14.05 -7.94 49.73
CA LYS A 271 13.25 -9.01 50.36
C LYS A 271 11.81 -8.56 50.67
N GLN A 272 11.25 -7.67 49.86
CA GLN A 272 9.87 -7.27 50.04
C GLN A 272 8.89 -7.98 49.11
N PHE A 273 9.39 -8.84 48.21
CA PHE A 273 8.57 -9.38 47.12
C PHE A 273 7.38 -10.19 47.63
N ASP A 274 7.62 -11.14 48.54
CA ASP A 274 6.54 -12.05 48.93
C ASP A 274 5.42 -11.36 49.68
N ASN A 275 5.70 -10.30 50.46
CA ASN A 275 4.65 -9.59 51.19
C ASN A 275 4.29 -8.25 50.55
N THR A 276 4.35 -8.17 49.22
CA THR A 276 3.86 -7.01 48.48
C THR A 276 2.67 -7.45 47.62
N LEU A 277 1.54 -6.72 47.74
CA LEU A 277 0.43 -6.89 46.81
C LEU A 277 0.65 -5.97 45.61
N ILE A 278 0.93 -6.56 44.46
CA ILE A 278 1.06 -5.82 43.21
C ILE A 278 -0.28 -5.92 42.48
N VAL A 279 -0.88 -4.78 42.17
CA VAL A 279 -2.11 -4.68 41.38
C VAL A 279 -1.74 -4.02 40.07
N PHE A 280 -2.05 -4.68 38.96
CA PHE A 280 -1.81 -4.10 37.64
C PHE A 280 -3.13 -3.95 36.91
N LEU A 281 -3.37 -2.78 36.33
CA LEU A 281 -4.58 -2.56 35.55
C LEU A 281 -4.39 -1.35 34.64
N SER A 282 -5.34 -1.18 33.72
CA SER A 282 -5.43 0.01 32.87
C SER A 282 -6.51 0.94 33.39
N ASP A 283 -6.35 2.23 33.13
CA ASP A 283 -7.36 3.15 33.65
C ASP A 283 -8.64 3.17 32.82
N ASN A 284 -8.59 2.65 31.59
CA ASN A 284 -9.78 2.53 30.74
C ASN A 284 -9.41 1.70 29.52
N GLY A 285 -10.37 1.49 28.64
CA GLY A 285 -10.13 0.69 27.45
C GLY A 285 -9.15 1.34 26.48
N GLY A 286 -8.61 0.53 25.58
CA GLY A 286 -7.69 1.03 24.59
C GLY A 286 -8.40 1.88 23.54
N ASN A 287 -7.69 2.89 23.03
CA ASN A 287 -8.19 3.71 21.92
C ASN A 287 -7.77 3.04 20.62
N PHE A 288 -8.72 2.45 19.87
CA PHE A 288 -8.24 1.68 18.73
C PHE A 288 -7.84 2.56 17.54
N ASN A 289 -7.92 3.88 17.67
CA ASN A 289 -7.36 4.77 16.66
C ASN A 289 -5.89 5.06 16.86
N HIS A 290 -5.32 4.69 18.00
CA HIS A 290 -3.94 5.00 18.35
C HIS A 290 -3.20 3.76 18.84
N GLY A 291 -3.35 2.66 18.09
CA GLY A 291 -2.51 1.50 18.26
C GLY A 291 -3.02 0.41 19.17
N ALA A 292 -4.12 0.62 19.90
CA ALA A 292 -4.61 -0.33 20.89
C ALA A 292 -5.52 -1.39 20.26
N ASN A 293 -5.65 -2.54 20.95
CA ASN A 293 -6.49 -3.63 20.49
C ASN A 293 -7.28 -4.15 21.69
N ASN A 294 -8.61 -4.11 21.59
CA ASN A 294 -9.50 -4.51 22.67
C ASN A 294 -10.13 -5.90 22.45
N TYR A 295 -9.64 -6.68 21.50
CA TYR A 295 -10.24 -7.97 21.22
C TYR A 295 -10.28 -8.83 22.50
N PRO A 296 -11.37 -9.55 22.72
CA PRO A 296 -12.54 -9.69 21.83
C PRO A 296 -13.66 -8.69 22.11
N LEU A 297 -13.41 -7.58 22.82
CA LEU A 297 -14.48 -6.67 23.20
C LEU A 297 -14.87 -5.78 22.04
N LYS A 298 -16.08 -5.26 22.13
CA LYS A 298 -16.57 -4.29 21.16
C LYS A 298 -16.20 -2.88 21.62
N GLY A 299 -15.82 -2.03 20.66
CA GLY A 299 -15.65 -0.62 20.97
C GLY A 299 -14.25 -0.23 21.43
N THR A 300 -14.20 1.00 21.96
CA THR A 300 -12.95 1.72 22.13
C THR A 300 -13.09 2.60 23.36
N LYS A 301 -11.95 3.14 23.82
CA LYS A 301 -11.91 4.11 24.90
C LYS A 301 -13.06 5.11 24.79
N GLY A 302 -13.79 5.29 25.88
CA GLY A 302 -14.89 6.23 25.94
C GLY A 302 -16.27 5.62 25.76
N ASP A 303 -16.38 4.39 25.26
CA ASP A 303 -17.67 3.75 25.00
C ASP A 303 -18.20 3.08 26.26
N THR A 304 -19.53 2.88 26.33
CA THR A 304 -20.04 1.97 27.35
C THR A 304 -20.21 0.54 26.86
N TRP A 305 -19.80 0.22 25.62
CA TRP A 305 -19.47 -1.16 25.32
C TRP A 305 -18.38 -1.63 26.26
N GLU A 306 -18.23 -2.96 26.37
CA GLU A 306 -17.16 -3.53 27.19
C GLU A 306 -15.80 -2.92 26.83
N GLY A 307 -15.58 -2.60 25.55
CA GLY A 307 -14.27 -2.11 25.11
C GLY A 307 -13.86 -0.80 25.76
N GLY A 308 -14.81 0.01 26.21
CA GLY A 308 -14.50 1.26 26.88
C GLY A 308 -13.99 1.09 28.31
N TYR A 309 -14.53 0.15 29.12
CA TYR A 309 -14.16 0.17 30.53
C TYR A 309 -13.87 -1.18 31.17
N ARG A 310 -13.80 -2.27 30.40
CA ARG A 310 -13.32 -3.55 30.89
C ARG A 310 -11.83 -3.65 30.58
N VAL A 311 -11.02 -3.90 31.60
CA VAL A 311 -9.57 -3.74 31.48
C VAL A 311 -8.87 -5.00 31.98
N PRO A 312 -7.64 -5.21 31.54
CA PRO A 312 -6.83 -6.27 32.13
C PRO A 312 -6.50 -5.93 33.56
N MET A 313 -6.39 -6.97 34.40
CA MET A 313 -6.02 -6.73 35.79
C MET A 313 -5.55 -8.03 36.46
N PHE A 314 -4.50 -7.93 37.27
CA PHE A 314 -4.15 -9.03 38.15
C PHE A 314 -3.73 -8.51 39.52
N PHE A 315 -3.92 -9.38 40.52
CA PHE A 315 -3.36 -9.25 41.86
C PHE A 315 -2.23 -10.27 41.99
N HIS A 316 -1.10 -9.84 42.54
CA HIS A 316 0.04 -10.73 42.75
C HIS A 316 0.58 -10.51 44.15
N TRP A 317 0.53 -11.56 44.99
CA TRP A 317 0.87 -11.41 46.40
C TRP A 317 1.28 -12.78 46.93
N PRO A 318 2.53 -13.18 46.75
CA PRO A 318 2.89 -14.59 46.99
C PRO A 318 2.49 -15.12 48.36
N LYS A 319 2.53 -14.29 49.41
CA LYS A 319 2.22 -14.78 50.75
C LYS A 319 0.81 -15.34 50.87
N LYS A 320 -0.13 -14.88 50.04
CA LYS A 320 -1.51 -15.27 50.26
C LYS A 320 -2.25 -15.71 49.00
N ILE A 321 -1.93 -15.14 47.84
CA ILE A 321 -2.66 -15.42 46.61
C ILE A 321 -1.99 -16.58 45.87
N LYS A 322 -2.76 -17.62 45.58
CA LYS A 322 -2.22 -18.82 44.95
C LYS A 322 -1.81 -18.55 43.50
N LYS A 323 -0.88 -19.35 43.02
CA LYS A 323 -0.43 -19.19 41.65
C LYS A 323 -1.47 -19.75 40.67
N ASP A 324 -1.40 -19.28 39.40
CA ASP A 324 -2.27 -19.75 38.32
C ASP A 324 -3.77 -19.57 38.60
N GLN A 325 -4.14 -18.61 39.42
CA GLN A 325 -5.55 -18.41 39.66
C GLN A 325 -6.17 -17.53 38.55
N ARG A 326 -7.42 -17.84 38.21
CA ARG A 326 -8.27 -17.02 37.34
C ARG A 326 -9.54 -16.68 38.10
N PHE A 327 -9.78 -15.41 38.36
CA PHE A 327 -10.97 -14.93 39.06
C PHE A 327 -11.96 -14.40 38.00
N ASP A 328 -13.11 -15.09 37.87
CA ASP A 328 -14.07 -14.83 36.79
C ASP A 328 -15.31 -14.03 37.20
N PHE A 329 -15.50 -13.73 38.47
CA PHE A 329 -16.62 -12.88 38.86
C PHE A 329 -16.26 -11.42 38.59
N PRO A 330 -17.23 -10.59 38.23
CA PRO A 330 -16.93 -9.19 37.93
C PRO A 330 -16.45 -8.42 39.14
N VAL A 331 -15.38 -7.64 38.93
CA VAL A 331 -14.88 -6.72 39.96
C VAL A 331 -14.80 -5.33 39.36
N SER A 332 -14.65 -4.36 40.26
CA SER A 332 -14.54 -2.95 39.93
C SER A 332 -13.28 -2.38 40.55
N SER A 333 -12.68 -1.43 39.84
CA SER A 333 -11.57 -0.66 40.36
C SER A 333 -11.95 0.12 41.60
N LEU A 334 -13.26 0.38 41.80
CA LEU A 334 -13.71 0.94 43.06
C LEU A 334 -13.43 0.02 44.23
N ASP A 335 -13.17 -1.26 43.97
CA ASP A 335 -12.90 -2.19 45.06
C ASP A 335 -11.52 -1.99 45.66
N LEU A 336 -10.62 -1.30 44.96
CA LEU A 336 -9.26 -1.20 45.48
C LEU A 336 -9.20 -0.36 46.77
N TYR A 337 -10.01 0.71 46.85
CA TYR A 337 -9.97 1.54 48.05
C TYR A 337 -10.30 0.76 49.32
N PRO A 338 -11.48 0.12 49.46
CA PRO A 338 -11.73 -0.66 50.68
C PRO A 338 -10.86 -1.90 50.80
N THR A 339 -10.41 -2.47 49.69
CA THR A 339 -9.49 -3.60 49.80
C THR A 339 -8.14 -3.17 50.36
N PHE A 340 -7.60 -2.03 49.89
CA PHE A 340 -6.29 -1.62 50.38
C PHE A 340 -6.35 -1.20 51.85
N THR A 341 -7.34 -0.37 52.21
CA THR A 341 -7.44 0.08 53.59
C THR A 341 -7.72 -1.10 54.54
N GLY A 342 -8.55 -2.05 54.09
CA GLY A 342 -8.72 -3.28 54.85
C GLY A 342 -7.39 -3.98 55.10
N LEU A 343 -6.60 -4.16 54.03
CA LEU A 343 -5.28 -4.75 54.22
C LEU A 343 -4.40 -3.86 55.09
N ALA A 344 -4.60 -2.56 55.05
CA ALA A 344 -3.74 -1.70 55.86
C ALA A 344 -4.21 -1.65 57.29
N GLU A 345 -5.33 -2.31 57.61
CA GLU A 345 -5.95 -2.23 58.94
C GLU A 345 -6.21 -0.79 59.33
N ALA A 346 -6.50 0.04 58.35
CA ALA A 346 -6.73 1.47 58.58
C ALA A 346 -8.19 1.72 58.90
N LYS A 347 -8.43 2.78 59.65
CA LYS A 347 -9.79 3.21 59.96
C LYS A 347 -10.22 4.25 58.93
N LEU A 348 -11.44 4.13 58.48
CA LEU A 348 -11.88 5.07 57.48
C LEU A 348 -12.20 6.41 58.12
N PRO A 349 -12.05 7.51 57.39
CA PRO A 349 -12.46 8.81 57.93
C PRO A 349 -13.94 8.78 58.30
N LYS A 350 -14.30 9.58 59.29
CA LYS A 350 -15.69 9.62 59.73
C LYS A 350 -16.58 10.13 58.62
N GLY A 351 -17.52 9.29 58.17
CA GLY A 351 -18.45 9.66 57.13
C GLY A 351 -18.01 9.39 55.70
N LYS A 352 -16.92 8.65 55.51
CA LYS A 352 -16.41 8.41 54.18
C LYS A 352 -17.32 7.43 53.44
N GLN A 353 -17.75 7.83 52.25
CA GLN A 353 -18.61 7.01 51.42
C GLN A 353 -17.79 6.25 50.38
N LEU A 354 -18.12 4.97 50.17
CA LEU A 354 -17.42 4.11 49.24
C LEU A 354 -18.45 3.37 48.39
N ASP A 355 -18.15 3.20 47.11
CA ASP A 355 -19.08 2.49 46.24
C ASP A 355 -18.64 1.07 45.96
N GLY A 356 -17.40 0.72 46.29
CA GLY A 356 -16.91 -0.62 46.10
C GLY A 356 -16.84 -1.38 47.42
N LYS A 357 -16.15 -2.52 47.38
CA LYS A 357 -16.09 -3.41 48.51
C LYS A 357 -14.73 -4.07 48.56
N ASN A 358 -14.34 -4.47 49.76
CA ASN A 358 -13.14 -5.25 49.96
C ASN A 358 -13.34 -6.64 49.37
N ILE A 359 -12.50 -7.02 48.40
CA ILE A 359 -12.67 -8.28 47.70
C ILE A 359 -11.56 -9.27 47.99
N MET A 360 -10.64 -8.95 48.91
CA MET A 360 -9.50 -9.83 49.12
C MET A 360 -9.94 -11.19 49.65
N ASP A 361 -10.92 -11.22 50.54
CA ASP A 361 -11.44 -12.50 51.02
C ASP A 361 -12.07 -13.30 49.87
N ASP A 362 -12.95 -12.62 49.10
CA ASP A 362 -13.55 -13.24 47.90
C ASP A 362 -12.49 -13.76 46.95
N VAL A 363 -11.39 -13.05 46.79
CA VAL A 363 -10.34 -13.55 45.90
C VAL A 363 -9.69 -14.79 46.51
N LEU A 364 -9.46 -14.79 47.83
CA LEU A 364 -8.77 -15.94 48.42
C LEU A 364 -9.68 -17.15 48.50
N LYS A 365 -10.98 -16.97 48.66
CA LYS A 365 -11.91 -18.10 48.71
C LYS A 365 -12.67 -18.31 47.41
N ASN A 366 -12.40 -17.52 46.36
CA ASN A 366 -13.10 -17.63 45.09
C ASN A 366 -14.62 -17.59 45.25
N THR A 367 -15.11 -16.51 45.82
CA THR A 367 -16.53 -16.27 45.99
C THR A 367 -16.90 -14.99 45.24
N GLU A 368 -18.20 -14.85 44.92
CA GLU A 368 -18.73 -13.78 44.08
C GLU A 368 -18.96 -12.48 44.86
N PRO A 369 -18.17 -11.44 44.62
CA PRO A 369 -18.37 -10.19 45.36
C PRO A 369 -19.59 -9.39 44.96
N TYR A 370 -20.13 -9.55 43.75
CA TYR A 370 -21.24 -8.71 43.29
C TYR A 370 -22.48 -9.53 42.96
N LYS A 371 -22.73 -10.59 43.72
CA LYS A 371 -23.94 -11.39 43.52
C LYS A 371 -25.17 -10.50 43.70
N ASP A 372 -26.02 -10.50 42.68
CA ASP A 372 -27.26 -9.73 42.68
C ASP A 372 -27.02 -8.23 42.78
N GLU A 373 -25.80 -7.77 42.49
CA GLU A 373 -25.47 -6.35 42.53
C GLU A 373 -24.88 -5.88 41.21
N MET A 374 -24.85 -4.58 41.04
CA MET A 374 -24.58 -3.97 39.75
C MET A 374 -23.19 -3.38 39.69
N ILE A 375 -22.58 -3.48 38.51
CA ILE A 375 -21.39 -2.71 38.16
C ILE A 375 -21.79 -1.81 36.99
N TYR A 376 -21.59 -0.51 37.15
CA TYR A 376 -22.19 0.51 36.30
C TYR A 376 -21.18 1.28 35.47
N SER A 377 -21.70 1.89 34.40
CA SER A 377 -21.00 2.98 33.73
C SER A 377 -22.03 3.91 33.08
N LEU A 378 -21.79 5.22 33.21
CA LEU A 378 -22.58 6.20 32.48
C LEU A 378 -21.65 7.28 31.93
N ARG A 379 -21.65 7.48 30.61
CA ARG A 379 -20.76 8.45 30.01
C ARG A 379 -21.58 9.54 29.33
N TYR A 380 -21.32 10.79 29.71
CA TYR A 380 -22.08 11.90 29.13
C TYR A 380 -21.64 12.14 27.70
N ARG A 381 -22.62 12.30 26.79
CA ARG A 381 -22.35 12.67 25.41
C ARG A 381 -22.96 14.05 25.15
N GLU A 382 -22.90 14.50 23.90
CA GLU A 382 -23.41 15.82 23.52
C GLU A 382 -24.92 15.74 23.29
N GLY A 383 -25.67 15.72 24.39
CA GLY A 383 -27.12 15.70 24.30
C GLY A 383 -27.76 14.39 24.70
N TYR A 384 -26.99 13.38 25.06
CA TYR A 384 -27.59 12.12 25.47
C TYR A 384 -26.56 11.40 26.33
N ASN A 385 -26.93 10.23 26.84
CA ASN A 385 -26.03 9.45 27.68
C ASN A 385 -25.80 8.06 27.12
N ASP A 386 -24.53 7.63 27.16
CA ASP A 386 -24.16 6.25 26.93
C ASP A 386 -24.19 5.52 28.26
N VAL A 387 -24.80 4.32 28.28
CA VAL A 387 -24.95 3.58 29.52
C VAL A 387 -24.53 2.14 29.30
N GLY A 388 -24.00 1.54 30.36
CA GLY A 388 -23.76 0.12 30.50
C GLY A 388 -23.94 -0.30 31.96
N ALA A 389 -24.50 -1.49 32.19
CA ALA A 389 -24.75 -1.97 33.56
C ALA A 389 -24.72 -3.49 33.55
N ARG A 390 -23.92 -4.09 34.42
CA ARG A 390 -23.81 -5.53 34.41
C ARG A 390 -24.22 -6.10 35.76
N MET A 391 -24.97 -7.20 35.73
CA MET A 391 -25.24 -7.99 36.92
C MET A 391 -25.11 -9.45 36.54
N GLY A 392 -24.12 -10.12 37.11
CA GLY A 392 -23.91 -11.53 36.81
C GLY A 392 -23.48 -11.83 35.40
N ASP A 393 -24.28 -12.62 34.68
CA ASP A 393 -23.97 -12.94 33.30
C ASP A 393 -24.63 -11.94 32.35
N TRP A 394 -25.38 -10.99 32.87
CA TRP A 394 -26.24 -10.12 32.07
C TRP A 394 -25.76 -8.68 32.09
N LYS A 395 -25.82 -8.04 30.93
CA LYS A 395 -25.45 -6.65 30.79
C LYS A 395 -26.46 -5.91 29.91
N ILE A 396 -26.81 -4.70 30.29
CA ILE A 396 -27.56 -3.82 29.40
C ILE A 396 -26.63 -2.73 28.91
N THR A 397 -26.87 -2.28 27.67
CA THR A 397 -26.01 -1.32 26.99
C THR A 397 -26.91 -0.38 26.20
N ARG A 398 -26.68 0.92 26.34
CA ARG A 398 -27.19 1.90 25.40
C ARG A 398 -26.04 2.74 24.86
N MET A 399 -25.85 2.73 23.54
CA MET A 399 -24.78 3.48 22.89
C MET A 399 -25.38 4.38 21.80
N GLY A 400 -24.90 5.63 21.74
CA GLY A 400 -25.32 6.55 20.71
C GLY A 400 -26.78 6.88 20.72
N ASN A 401 -27.47 6.64 21.83
CA ASN A 401 -28.91 6.85 21.99
C ASN A 401 -29.74 5.88 21.16
N GLU A 402 -29.14 4.78 20.70
CA GLU A 402 -29.89 3.74 20.00
C GLU A 402 -30.83 2.99 20.97
N PRO A 403 -31.68 2.11 20.46
CA PRO A 403 -32.48 1.27 21.38
C PRO A 403 -31.62 0.48 22.36
N TRP A 404 -32.19 0.19 23.52
CA TRP A 404 -31.47 -0.56 24.54
C TRP A 404 -31.13 -1.97 24.08
N ARG A 405 -29.97 -2.44 24.50
CA ARG A 405 -29.52 -3.79 24.20
C ARG A 405 -29.37 -4.55 25.51
N LEU A 406 -29.66 -5.84 25.44
CA LEU A 406 -29.48 -6.78 26.53
C LEU A 406 -28.58 -7.89 26.05
N HIS A 407 -27.48 -8.13 26.77
CA HIS A 407 -26.56 -9.19 26.40
C HIS A 407 -26.27 -10.15 27.54
N ASN A 408 -26.11 -11.42 27.17
CA ASN A 408 -25.48 -12.40 28.03
C ASN A 408 -23.99 -12.28 27.71
N ILE A 409 -23.27 -11.44 28.49
CA ILE A 409 -21.87 -11.17 28.15
C ILE A 409 -21.01 -12.39 28.39
N THR A 410 -21.49 -13.36 29.17
CA THR A 410 -20.71 -14.57 29.34
C THR A 410 -20.75 -15.42 28.08
N GLN A 411 -21.88 -15.46 27.41
CA GLN A 411 -21.98 -16.22 26.17
C GLN A 411 -21.68 -15.38 24.93
N ASP A 412 -21.80 -14.03 25.05
CA ASP A 412 -21.75 -13.06 23.92
C ASP A 412 -20.88 -11.89 24.35
N ILE A 413 -19.58 -12.15 24.54
CA ILE A 413 -18.69 -11.15 25.11
C ILE A 413 -18.54 -9.94 24.20
N GLY A 414 -18.70 -10.12 22.87
CA GLY A 414 -18.64 -9.03 21.92
C GLY A 414 -19.91 -8.21 21.75
N GLU A 415 -20.95 -8.50 22.53
CA GLU A 415 -22.22 -7.77 22.50
C GLU A 415 -22.80 -7.71 21.08
N LYS A 416 -22.83 -8.86 20.43
CA LYS A 416 -23.36 -8.92 19.07
C LYS A 416 -24.84 -9.27 19.00
N LYS A 417 -25.37 -10.02 19.98
CA LYS A 417 -26.73 -10.58 19.89
C LYS A 417 -27.63 -9.92 20.93
N ASN A 418 -28.49 -9.00 20.48
CA ASN A 418 -29.40 -8.29 21.39
C ASN A 418 -30.54 -9.22 21.79
N LEU A 419 -30.68 -9.49 23.09
CA LEU A 419 -31.74 -10.35 23.60
C LEU A 419 -32.85 -9.55 24.27
N ALA A 420 -32.87 -8.22 24.07
CA ALA A 420 -33.89 -7.38 24.72
C ALA A 420 -35.31 -7.78 24.34
N GLY A 421 -35.53 -8.24 23.11
CA GLY A 421 -36.86 -8.70 22.74
C GLY A 421 -37.21 -10.02 23.40
N ARG A 422 -36.21 -10.90 23.55
CA ARG A 422 -36.48 -12.22 24.09
C ARG A 422 -36.75 -12.18 25.60
N TYR A 423 -36.10 -11.30 26.34
CA TYR A 423 -36.25 -11.24 27.80
C TYR A 423 -36.57 -9.83 28.26
N PRO A 424 -37.72 -9.29 27.87
CA PRO A 424 -38.04 -7.91 28.24
C PRO A 424 -38.27 -7.74 29.72
N ASP A 425 -38.60 -8.80 30.46
CA ASP A 425 -38.71 -8.65 31.89
C ASP A 425 -37.36 -8.33 32.52
N ARG A 426 -36.34 -9.12 32.20
CA ARG A 426 -35.01 -8.86 32.74
C ARG A 426 -34.51 -7.49 32.33
N LEU A 427 -34.68 -7.13 31.04
CA LEU A 427 -34.22 -5.85 30.56
C LEU A 427 -34.78 -4.71 31.39
N LYS A 428 -36.09 -4.73 31.61
CA LYS A 428 -36.74 -3.61 32.28
C LYS A 428 -36.37 -3.56 33.76
N GLU A 429 -36.14 -4.70 34.40
CA GLU A 429 -35.72 -4.67 35.80
C GLU A 429 -34.29 -4.14 35.93
N MET A 430 -33.39 -4.48 35.00
CA MET A 430 -32.05 -3.94 35.06
C MET A 430 -32.05 -2.43 34.80
N ILE A 431 -32.91 -1.96 33.89
CA ILE A 431 -33.02 -0.52 33.65
C ILE A 431 -33.58 0.20 34.86
N ALA A 432 -34.54 -0.43 35.55
CA ALA A 432 -35.10 0.21 36.74
C ALA A 432 -34.02 0.41 37.78
N LYS A 433 -33.21 -0.63 38.03
CA LYS A 433 -32.16 -0.48 39.03
C LYS A 433 -31.14 0.57 38.60
N THR A 434 -30.75 0.57 37.32
CA THR A 434 -29.81 1.57 36.84
C THR A 434 -30.36 2.98 36.95
N GLN A 435 -31.64 3.17 36.64
CA GLN A 435 -32.24 4.49 36.78
C GLN A 435 -32.22 4.97 38.23
N GLU A 436 -32.56 4.09 39.18
CA GLU A 436 -32.51 4.50 40.58
C GLU A 436 -31.10 4.92 40.97
N TRP A 437 -30.08 4.21 40.47
CA TRP A 437 -28.69 4.62 40.69
C TRP A 437 -28.45 6.05 40.23
N THR A 438 -28.97 6.44 39.05
CA THR A 438 -28.73 7.81 38.57
C THR A 438 -29.46 8.84 39.40
N LYS A 439 -30.45 8.43 40.19
CA LYS A 439 -31.17 9.38 41.03
C LYS A 439 -30.28 9.99 42.12
N SER A 440 -29.16 9.34 42.46
CA SER A 440 -28.26 9.88 43.49
C SER A 440 -27.15 10.78 42.94
N PHE A 441 -27.10 11.05 41.64
CA PHE A 441 -25.98 11.76 41.05
C PHE A 441 -25.98 13.22 41.48
N VAL A 442 -24.81 13.85 41.40
CA VAL A 442 -24.68 15.29 41.62
C VAL A 442 -24.40 15.97 40.28
N LYS A 443 -24.49 17.30 40.29
CA LYS A 443 -24.14 18.08 39.13
C LYS A 443 -22.63 18.07 38.91
N PRO A 444 -22.16 18.03 37.67
CA PRO A 444 -20.73 18.12 37.39
C PRO A 444 -20.19 19.44 37.92
N LEU A 445 -19.01 19.36 38.57
CA LEU A 445 -18.31 20.56 38.99
C LEU A 445 -17.74 21.32 37.82
N TRP A 446 -17.49 20.65 36.70
CA TRP A 446 -17.06 21.29 35.47
C TRP A 446 -17.52 20.38 34.34
N VAL A 447 -17.55 20.93 33.13
CA VAL A 447 -17.86 20.15 31.94
C VAL A 447 -16.66 20.26 31.03
N TYR A 448 -16.75 19.77 29.79
CA TYR A 448 -15.56 19.72 28.94
C TYR A 448 -15.56 20.73 27.80
N SER A 449 -16.69 20.96 27.15
CA SER A 449 -16.73 21.86 26.00
C SER A 449 -17.78 22.95 26.22
N VAL A 450 -17.69 24.02 25.41
CA VAL A 450 -18.75 25.02 25.38
C VAL A 450 -20.11 24.39 25.12
N LYS A 451 -20.17 23.46 24.16
CA LYS A 451 -21.42 22.75 23.89
C LYS A 451 -21.98 22.08 25.15
N ASP A 452 -21.10 21.44 25.94
CA ASP A 452 -21.52 20.83 27.21
C ASP A 452 -22.23 21.84 28.10
N LYS A 453 -21.64 23.03 28.25
CA LYS A 453 -22.19 24.02 29.17
C LYS A 453 -23.59 24.46 28.76
N GLU A 454 -23.78 24.78 27.48
CA GLU A 454 -25.10 25.21 27.00
C GLU A 454 -26.15 24.15 27.29
N LEU A 455 -25.83 22.89 27.00
CA LEU A 455 -26.82 21.83 27.19
C LEU A 455 -27.17 21.65 28.66
N TRP A 456 -26.19 21.79 29.56
CA TRP A 456 -26.49 21.61 30.98
C TRP A 456 -27.30 22.79 31.54
N GLU A 457 -27.03 24.01 31.06
CA GLU A 457 -27.73 25.19 31.57
C GLU A 457 -29.17 25.23 31.08
N SER A 458 -29.42 24.77 29.86
CA SER A 458 -30.78 24.71 29.35
C SER A 458 -31.55 23.49 29.84
N GLY A 459 -30.89 22.53 30.47
CA GLY A 459 -31.57 21.32 30.89
C GLY A 459 -31.62 20.23 29.84
N GLN A 460 -31.16 20.51 28.62
CA GLN A 460 -31.04 19.48 27.59
C GLN A 460 -30.22 18.31 28.11
N MET A 461 -29.24 18.58 28.98
CA MET A 461 -28.54 17.56 29.77
C MET A 461 -28.96 17.71 31.22
N PRO A 462 -28.99 16.65 32.00
CA PRO A 462 -28.59 15.27 31.66
C PRO A 462 -29.74 14.44 31.10
N ASN A 463 -30.97 14.82 31.44
CA ASN A 463 -32.21 14.14 31.03
C ASN A 463 -32.09 12.63 31.16
N TYR A 464 -31.82 12.20 32.40
CA TYR A 464 -31.78 10.78 32.69
C TYR A 464 -33.11 10.13 32.36
N GLU A 465 -34.20 10.89 32.44
CA GLU A 465 -35.54 10.32 32.21
C GLU A 465 -35.62 9.77 30.78
N ALA A 466 -35.22 10.57 29.80
CA ALA A 466 -35.20 10.11 28.42
C ALA A 466 -34.22 8.96 28.22
N THR A 467 -33.11 8.97 28.94
CA THR A 467 -32.14 7.90 28.80
C THR A 467 -32.74 6.53 29.08
N PHE A 468 -33.70 6.44 29.99
CA PHE A 468 -34.22 5.14 30.39
C PHE A 468 -35.55 4.81 29.73
N GLU A 469 -35.96 5.57 28.70
CA GLU A 469 -37.04 5.13 27.84
C GLU A 469 -36.65 3.80 27.18
N VAL A 470 -37.66 2.96 26.91
CA VAL A 470 -37.41 1.66 26.28
C VAL A 470 -38.37 1.42 25.12
N ASP A 471 -39.66 1.39 25.41
CA ASP A 471 -40.63 0.96 24.39
C ASP A 471 -40.68 1.92 23.21
N LYS A 472 -40.64 3.24 23.48
CA LYS A 472 -40.77 4.18 22.38
C LYS A 472 -39.61 4.09 21.39
N LEU A 473 -38.47 3.54 21.80
CA LEU A 473 -37.33 3.47 20.88
C LEU A 473 -37.50 2.35 19.85
N VAL A 474 -38.34 1.35 20.10
CA VAL A 474 -38.51 0.23 19.19
C VAL A 474 -39.90 0.14 18.58
N ASP A 475 -40.93 0.79 19.15
CA ASP A 475 -42.30 0.67 18.66
C ASP A 475 -42.53 1.48 17.39
N SER A 476 -43.26 0.89 16.45
CA SER A 476 -43.63 1.67 15.29
C SER A 476 -44.84 2.55 15.61
N PRO A 477 -44.86 3.80 15.12
CA PRO A 477 -46.02 4.67 15.34
C PRO A 477 -47.21 4.43 14.42
N TYR A 478 -47.19 3.37 13.59
CA TYR A 478 -48.25 3.15 12.62
C TYR A 478 -48.96 1.81 12.80
N THR B 15 -26.15 -1.57 -31.23
CA THR B 15 -27.13 -2.35 -30.48
C THR B 15 -27.02 -2.16 -28.94
N ARG B 16 -28.13 -1.72 -28.35
CA ARG B 16 -28.13 -1.31 -26.97
C ARG B 16 -27.84 -2.50 -26.04
N PRO B 17 -27.09 -2.30 -24.96
CA PRO B 17 -26.72 -3.45 -24.11
C PRO B 17 -27.82 -3.85 -23.15
N ASN B 18 -27.81 -5.12 -22.79
CA ASN B 18 -28.53 -5.58 -21.61
C ASN B 18 -27.87 -5.02 -20.36
N ILE B 19 -28.65 -4.86 -19.31
CA ILE B 19 -28.15 -4.36 -18.03
C ILE B 19 -28.58 -5.32 -16.93
N LEU B 20 -27.62 -5.88 -16.20
CA LEU B 20 -27.87 -6.77 -15.05
C LEU B 20 -27.26 -6.14 -13.80
N VAL B 21 -28.11 -5.76 -12.86
CA VAL B 21 -27.66 -5.26 -11.56
C VAL B 21 -27.77 -6.38 -10.56
N VAL B 22 -26.64 -6.86 -10.04
CA VAL B 22 -26.63 -7.82 -8.94
C VAL B 22 -26.40 -7.06 -7.66
N LEU B 23 -27.44 -6.93 -6.83
CA LEU B 23 -27.40 -6.15 -5.60
C LEU B 23 -27.51 -7.09 -4.39
N CYS B 24 -26.45 -7.21 -3.60
CA CYS B 24 -26.51 -7.97 -2.37
C CYS B 24 -26.98 -7.10 -1.20
N ASP B 25 -27.33 -7.76 -0.09
CA ASP B 25 -27.97 -7.08 1.05
C ASP B 25 -27.08 -7.21 2.29
N ASP B 26 -26.46 -6.10 2.71
CA ASP B 26 -25.57 -6.05 3.88
C ASP B 26 -24.25 -6.80 3.66
N LEU B 27 -23.75 -6.85 2.44
CA LEU B 27 -22.45 -7.49 2.19
C LEU B 27 -21.34 -6.57 2.67
N GLY B 28 -20.45 -7.11 3.52
CA GLY B 28 -19.38 -6.31 4.09
C GLY B 28 -18.29 -5.99 3.08
N TYR B 29 -17.57 -4.91 3.35
CA TYR B 29 -16.58 -4.41 2.40
C TYR B 29 -15.49 -5.45 2.08
N ALA B 30 -15.13 -6.29 3.04
CA ALA B 30 -14.08 -7.27 2.86
C ALA B 30 -14.61 -8.68 2.62
N ASP B 31 -15.83 -8.83 2.12
CA ASP B 31 -16.46 -10.15 2.11
C ASP B 31 -16.62 -10.74 0.71
N VAL B 32 -15.92 -10.19 -0.27
CA VAL B 32 -15.74 -10.82 -1.57
C VAL B 32 -14.25 -10.84 -1.87
N GLY B 33 -13.80 -11.88 -2.58
CA GLY B 33 -12.37 -12.02 -2.87
C GLY B 33 -11.75 -10.80 -3.54
N PHE B 34 -12.39 -10.29 -4.59
CA PHE B 34 -11.81 -9.19 -5.35
C PHE B 34 -11.66 -7.91 -4.51
N ASN B 35 -12.27 -7.84 -3.34
CA ASN B 35 -12.17 -6.68 -2.47
C ASN B 35 -11.43 -6.98 -1.18
N GLY B 36 -10.66 -8.04 -1.14
CA GLY B 36 -9.74 -8.32 -0.04
C GLY B 36 -10.07 -9.50 0.86
N SER B 37 -11.15 -10.25 0.61
CA SER B 37 -11.48 -11.33 1.52
C SER B 37 -10.45 -12.46 1.50
N THR B 38 -10.06 -12.91 2.69
CA THR B 38 -9.17 -14.04 2.83
C THR B 38 -9.90 -15.33 3.17
N ASP B 39 -11.14 -15.25 3.64
CA ASP B 39 -11.82 -16.46 4.06
C ASP B 39 -13.09 -16.78 3.29
N ILE B 40 -13.69 -15.81 2.63
CA ILE B 40 -14.86 -16.06 1.80
C ILE B 40 -14.41 -16.23 0.36
N LEU B 41 -14.78 -17.35 -0.24
CA LEU B 41 -14.42 -17.67 -1.62
C LEU B 41 -15.56 -17.25 -2.55
N THR B 42 -15.26 -16.36 -3.50
CA THR B 42 -16.23 -15.91 -4.49
C THR B 42 -15.61 -15.99 -5.90
N PRO B 43 -15.23 -17.19 -6.35
CA PRO B 43 -14.54 -17.28 -7.65
C PRO B 43 -15.32 -16.71 -8.82
N GLU B 44 -16.64 -16.91 -8.90
CA GLU B 44 -17.35 -16.36 -10.05
C GLU B 44 -17.33 -14.84 -10.06
N LEU B 45 -17.66 -14.22 -8.92
CA LEU B 45 -17.62 -12.76 -8.80
C LEU B 45 -16.22 -12.22 -9.08
N ASP B 46 -15.19 -12.89 -8.57
CA ASP B 46 -13.83 -12.42 -8.81
C ASP B 46 -13.51 -12.42 -10.30
N ASN B 47 -13.86 -13.50 -10.99
CA ASN B 47 -13.56 -13.58 -12.41
C ASN B 47 -14.25 -12.46 -13.20
N LEU B 48 -15.52 -12.19 -12.90
CA LEU B 48 -16.18 -11.03 -13.53
C LEU B 48 -15.43 -9.73 -13.21
N ALA B 49 -15.05 -9.54 -11.94
CA ALA B 49 -14.40 -8.29 -11.55
C ALA B 49 -13.04 -8.12 -12.24
N GLN B 50 -12.25 -9.19 -12.30
CA GLN B 50 -10.95 -9.14 -12.96
C GLN B 50 -11.08 -8.86 -14.46
N ASN B 51 -12.21 -9.21 -15.06
CA ASN B 51 -12.44 -8.94 -16.48
C ASN B 51 -13.21 -7.66 -16.71
N GLY B 52 -13.28 -6.79 -15.72
CA GLY B 52 -13.95 -5.52 -15.88
C GLY B 52 -13.25 -4.47 -15.02
N SER B 53 -14.02 -3.52 -14.52
CA SER B 53 -13.50 -2.41 -13.73
C SER B 53 -13.98 -2.55 -12.29
N ILE B 54 -13.02 -2.65 -11.37
CA ILE B 54 -13.31 -2.66 -9.92
C ILE B 54 -13.30 -1.22 -9.42
N PHE B 55 -14.29 -0.86 -8.60
CA PHE B 55 -14.42 0.50 -8.08
C PHE B 55 -13.96 0.52 -6.61
N THR B 56 -12.80 1.13 -6.36
CA THR B 56 -12.22 1.12 -5.03
C THR B 56 -12.77 2.21 -4.10
N SER B 57 -13.58 3.15 -4.61
CA SER B 57 -14.25 4.15 -3.76
C SER B 57 -15.70 4.32 -4.26
N ALA B 58 -16.51 3.25 -4.14
CA ALA B 58 -17.93 3.30 -4.51
C ALA B 58 -18.79 3.53 -3.28
N TYR B 59 -19.81 4.38 -3.42
CA TYR B 59 -20.66 4.73 -2.30
C TYR B 59 -22.14 4.57 -2.64
N VAL B 60 -22.91 4.08 -1.67
CA VAL B 60 -24.35 4.16 -1.77
C VAL B 60 -24.80 5.44 -1.09
N ALA B 61 -26.04 5.84 -1.34
CA ALA B 61 -26.54 7.15 -0.92
C ALA B 61 -27.09 7.16 0.51
N HIS B 62 -27.10 6.01 1.20
CA HIS B 62 -27.53 5.99 2.59
C HIS B 62 -26.99 4.72 3.22
N PRO B 63 -26.60 4.73 4.50
CA PRO B 63 -25.97 3.54 5.07
C PRO B 63 -26.93 2.44 5.53
N PHE B 64 -28.21 2.39 5.10
CA PHE B 64 -28.99 1.17 5.35
C PHE B 64 -30.12 1.03 4.31
N CYS B 65 -30.85 -0.09 4.42
CA CYS B 65 -31.57 -0.75 3.34
C CYS B 65 -32.53 0.14 2.55
N DDZ B 65 -30.83 -0.10 4.43
CA DDZ B 65 -31.64 -0.81 3.39
C DDZ B 65 -32.54 0.15 2.58
O DDZ B 65 -32.13 0.53 1.47
OG1 DDZ B 65 -33.53 -2.34 3.13
OG2 DDZ B 65 -31.76 -3.00 4.53
CB DDZ B 65 -32.52 -1.90 4.04
N GLY B 66 -33.71 0.46 3.12
CA GLY B 66 -34.75 1.18 2.39
C GLY B 66 -34.32 2.43 1.63
N PRO B 67 -33.69 3.38 2.33
CA PRO B 67 -33.26 4.61 1.63
C PRO B 67 -32.22 4.36 0.56
N SER B 68 -31.30 3.42 0.77
CA SER B 68 -30.32 3.12 -0.27
C SER B 68 -31.03 2.60 -1.52
N ARG B 69 -32.00 1.71 -1.34
CA ARG B 69 -32.73 1.17 -2.48
C ARG B 69 -33.62 2.24 -3.13
N SER B 70 -34.26 3.07 -2.31
CA SER B 70 -34.98 4.22 -2.84
C SER B 70 -34.09 5.08 -3.73
N ALA B 71 -32.84 5.31 -3.30
CA ALA B 71 -31.93 6.13 -4.11
C ALA B 71 -31.51 5.43 -5.40
N ILE B 72 -31.25 4.13 -5.36
CA ILE B 72 -30.80 3.45 -6.57
C ILE B 72 -31.86 3.54 -7.67
N LEU B 73 -33.13 3.32 -7.32
CA LEU B 73 -34.18 3.28 -8.32
C LEU B 73 -34.73 4.66 -8.70
N THR B 74 -34.72 5.64 -7.79
CA THR B 74 -35.15 6.99 -8.14
C THR B 74 -34.01 7.87 -8.67
N GLY B 75 -32.77 7.51 -8.41
CA GLY B 75 -31.65 8.37 -8.79
C GLY B 75 -31.51 9.61 -7.94
N ARG B 76 -32.22 9.68 -6.81
CA ARG B 76 -32.17 10.84 -5.93
C ARG B 76 -31.84 10.41 -4.51
N TYR B 77 -31.16 11.30 -3.78
CA TYR B 77 -30.94 11.10 -2.37
C TYR B 77 -32.28 10.91 -1.66
N PRO B 78 -32.37 10.00 -0.68
CA PRO B 78 -33.66 9.80 0.01
C PRO B 78 -34.11 11.02 0.79
N HIS B 79 -33.20 11.93 1.11
CA HIS B 79 -33.56 13.16 1.80
C HIS B 79 -34.36 14.10 0.91
N LEU B 80 -34.34 13.88 -0.41
CA LEU B 80 -35.10 14.72 -1.32
C LEU B 80 -36.45 14.13 -1.69
N THR B 81 -36.63 12.82 -1.51
CA THR B 81 -37.87 12.13 -1.84
C THR B 81 -38.69 11.79 -0.60
N GLY B 82 -38.19 12.08 0.60
CA GLY B 82 -38.91 11.78 1.82
C GLY B 82 -38.78 10.36 2.32
N THR B 83 -37.79 9.59 1.85
CA THR B 83 -37.72 8.16 2.13
C THR B 83 -36.44 7.78 2.87
N ALA B 84 -35.95 8.66 3.75
CA ALA B 84 -34.70 8.44 4.46
C ALA B 84 -34.86 7.60 5.74
N TYR B 85 -36.06 7.12 6.04
CA TYR B 85 -36.25 6.09 7.07
C TYR B 85 -36.76 4.81 6.41
N ASN B 86 -36.45 3.67 7.03
CA ASN B 86 -37.00 2.41 6.58
C ASN B 86 -38.49 2.33 6.86
N LEU B 87 -39.21 1.68 5.95
CA LEU B 87 -40.55 1.22 6.26
C LEU B 87 -40.49 0.11 7.31
N PHE B 88 -41.37 0.18 8.31
CA PHE B 88 -41.47 -0.88 9.31
C PHE B 88 -41.93 -2.16 8.67
N HIS B 89 -41.56 -3.29 9.27
CA HIS B 89 -42.01 -4.57 8.77
C HIS B 89 -43.54 -4.62 8.79
N ASN B 90 -44.11 -5.34 7.84
CA ASN B 90 -45.56 -5.42 7.70
C ASN B 90 -46.15 -4.02 7.56
N SER B 91 -45.48 -3.15 6.80
CA SER B 91 -46.01 -1.81 6.57
C SER B 91 -47.31 -1.90 5.78
N SER B 92 -48.09 -0.81 5.84
CA SER B 92 -49.47 -0.83 5.32
C SER B 92 -49.53 -1.17 3.85
N GLU B 93 -50.50 -2.02 3.48
CA GLU B 93 -50.71 -2.45 2.12
C GLU B 93 -51.88 -1.75 1.44
N ASP B 94 -52.43 -0.71 2.07
CA ASP B 94 -53.54 0.05 1.52
C ASP B 94 -53.00 1.32 0.88
N ASP B 95 -53.37 1.55 -0.39
CA ASP B 95 -52.89 2.74 -1.10
C ASP B 95 -53.21 4.03 -0.36
N LYS B 96 -54.32 4.09 0.39
CA LYS B 96 -54.68 5.32 1.08
C LYS B 96 -53.56 5.75 2.01
N ASP B 97 -52.96 4.79 2.70
CA ASP B 97 -51.73 5.02 3.44
C ASP B 97 -50.62 5.08 2.42
N ASN B 98 -49.83 6.13 2.44
CA ASN B 98 -48.79 6.25 1.42
C ASN B 98 -47.46 5.71 1.95
N MET B 99 -47.49 4.45 2.37
CA MET B 99 -46.29 3.79 2.92
C MET B 99 -45.46 3.18 1.79
N GLY B 100 -44.83 4.06 1.04
CA GLY B 100 -44.02 3.67 -0.11
C GLY B 100 -43.41 4.89 -0.78
N VAL B 101 -42.44 4.62 -1.64
CA VAL B 101 -41.77 5.69 -2.37
C VAL B 101 -42.77 6.43 -3.27
N PRO B 102 -42.84 7.76 -3.23
CA PRO B 102 -43.82 8.48 -4.05
C PRO B 102 -43.87 8.00 -5.50
N VAL B 103 -45.08 7.74 -5.99
CA VAL B 103 -45.23 7.20 -7.34
C VAL B 103 -44.87 8.23 -8.40
N GLU B 104 -44.87 9.51 -8.04
CA GLU B 104 -44.48 10.54 -9.00
C GLU B 104 -42.99 10.49 -9.30
N GLU B 105 -42.19 9.91 -8.42
CA GLU B 105 -40.74 9.82 -8.64
C GLU B 105 -40.48 8.62 -9.54
N THR B 106 -40.28 8.88 -10.82
CA THR B 106 -40.19 7.79 -11.80
C THR B 106 -38.89 7.00 -11.67
N TYR B 107 -39.03 5.68 -11.54
CA TYR B 107 -37.90 4.76 -11.43
C TYR B 107 -37.20 4.58 -12.78
N MET B 108 -35.92 4.23 -12.73
CA MET B 108 -35.22 3.97 -13.99
C MET B 108 -35.75 2.72 -14.69
N SER B 109 -36.37 1.80 -13.96
CA SER B 109 -36.95 0.63 -14.60
C SER B 109 -38.09 1.01 -15.53
N LYS B 110 -38.93 1.95 -15.11
CA LYS B 110 -40.00 2.42 -15.98
C LYS B 110 -39.42 3.11 -17.21
N VAL B 111 -38.42 3.96 -17.02
CA VAL B 111 -37.75 4.61 -18.14
C VAL B 111 -37.21 3.56 -19.09
N LEU B 112 -36.53 2.54 -18.56
CA LEU B 112 -35.99 1.53 -19.47
C LEU B 112 -37.11 0.76 -20.12
N GLN B 113 -38.19 0.52 -19.38
CA GLN B 113 -39.34 -0.19 -19.94
C GLN B 113 -39.97 0.60 -21.08
N ASN B 114 -40.18 1.91 -20.89
CA ASN B 114 -40.72 2.74 -21.96
C ASN B 114 -39.79 2.86 -23.17
N ALA B 115 -38.52 2.47 -23.04
CA ALA B 115 -37.59 2.46 -24.17
C ALA B 115 -37.44 1.07 -24.78
N GLY B 116 -38.37 0.16 -24.47
CA GLY B 116 -38.38 -1.13 -25.13
C GLY B 116 -37.57 -2.21 -24.45
N TYR B 117 -37.17 -2.04 -23.20
CA TYR B 117 -36.41 -3.08 -22.52
C TYR B 117 -37.38 -4.06 -21.86
N TYR B 118 -37.00 -5.33 -21.86
CA TYR B 118 -37.67 -6.32 -21.04
C TYR B 118 -37.15 -6.18 -19.62
N THR B 119 -38.04 -5.86 -18.67
CA THR B 119 -37.64 -5.53 -17.31
C THR B 119 -38.07 -6.60 -16.31
N SER B 120 -37.19 -6.89 -15.36
CA SER B 120 -37.46 -7.96 -14.42
C SER B 120 -36.81 -7.59 -13.08
N ALA B 121 -37.59 -7.71 -12.01
CA ALA B 121 -37.15 -7.51 -10.64
C ALA B 121 -37.31 -8.83 -9.90
N ILE B 122 -36.27 -9.23 -9.19
CA ILE B 122 -36.21 -10.51 -8.49
C ILE B 122 -35.68 -10.29 -7.07
N GLY B 123 -36.33 -10.92 -6.09
CA GLY B 123 -35.85 -10.88 -4.72
C GLY B 123 -36.51 -9.79 -3.91
N LYS B 124 -35.69 -9.01 -3.19
CA LYS B 124 -36.17 -8.05 -2.19
C LYS B 124 -36.61 -6.73 -2.82
N TRP B 125 -37.69 -6.15 -2.30
CA TRP B 125 -38.20 -4.86 -2.76
C TRP B 125 -37.99 -3.80 -1.70
N HIS B 126 -38.89 -3.73 -0.72
CA HIS B 126 -38.81 -2.81 0.41
C HIS B 126 -39.06 -1.36 -0.01
N LEU B 127 -39.77 -1.14 -1.11
CA LEU B 127 -40.13 0.22 -1.52
C LEU B 127 -41.63 0.46 -1.44
N GLY B 128 -42.34 -0.35 -0.68
CA GLY B 128 -43.76 -0.14 -0.55
C GLY B 128 -44.52 -1.42 -0.80
N ALA B 129 -45.41 -1.79 0.12
CA ALA B 129 -46.15 -3.04 0.01
C ALA B 129 -47.59 -2.85 -0.48
N ALA B 130 -48.03 -1.63 -0.73
CA ALA B 130 -49.36 -1.38 -1.29
C ALA B 130 -49.35 -1.47 -2.81
N PRO B 131 -50.52 -1.74 -3.42
CA PRO B 131 -50.55 -1.98 -4.87
C PRO B 131 -49.94 -0.86 -5.72
N LYS B 132 -50.14 0.40 -5.36
CA LYS B 132 -49.58 1.46 -6.20
C LYS B 132 -48.05 1.48 -6.17
N PHE B 133 -47.41 0.83 -5.19
CA PHE B 133 -45.96 0.77 -5.10
C PHE B 133 -45.38 -0.54 -5.61
N HIS B 134 -46.21 -1.42 -6.17
CA HIS B 134 -45.78 -2.75 -6.58
C HIS B 134 -44.83 -2.66 -7.79
N PRO B 135 -43.89 -3.60 -7.91
CA PRO B 135 -42.96 -3.55 -9.05
C PRO B 135 -43.62 -3.55 -10.42
N ASN B 136 -44.69 -4.35 -10.61
CA ASN B 136 -45.33 -4.39 -11.92
C ASN B 136 -45.95 -3.05 -12.30
N LYS B 137 -46.22 -2.18 -11.31
CA LYS B 137 -46.64 -0.80 -11.55
C LYS B 137 -45.49 0.19 -11.63
N ARG B 138 -44.25 -0.21 -11.29
CA ARG B 138 -43.13 0.72 -11.25
C ARG B 138 -42.09 0.39 -12.30
N GLY B 139 -42.52 -0.14 -13.44
CA GLY B 139 -41.64 -0.32 -14.57
C GLY B 139 -41.12 -1.73 -14.80
N PHE B 140 -41.61 -2.73 -14.06
CA PHE B 140 -41.11 -4.09 -14.18
C PHE B 140 -42.15 -5.00 -14.84
N ASP B 141 -41.83 -5.52 -16.02
CA ASP B 141 -42.71 -6.51 -16.66
C ASP B 141 -42.93 -7.71 -15.77
N ASP B 142 -41.88 -8.15 -15.08
CA ASP B 142 -41.87 -9.37 -14.29
C ASP B 142 -41.32 -9.08 -12.90
N PHE B 143 -41.99 -9.63 -11.89
CA PHE B 143 -41.53 -9.56 -10.51
C PHE B 143 -41.65 -10.93 -9.84
N TYR B 144 -40.57 -11.37 -9.22
CA TYR B 144 -40.55 -12.61 -8.44
C TYR B 144 -39.76 -12.35 -7.17
N GLY B 145 -40.45 -12.29 -6.04
CA GLY B 145 -39.82 -12.04 -4.77
C GLY B 145 -40.81 -11.69 -3.68
N PHE B 146 -40.40 -10.80 -2.78
CA PHE B 146 -41.20 -10.40 -1.62
C PHE B 146 -41.13 -8.90 -1.47
N LEU B 147 -42.15 -8.34 -0.84
CA LEU B 147 -42.32 -6.90 -0.88
C LEU B 147 -41.61 -6.18 0.26
N GLY B 148 -41.31 -6.87 1.35
CA GLY B 148 -40.76 -6.26 2.54
C GLY B 148 -39.24 -6.24 2.58
N GLY B 149 -38.71 -6.18 3.81
CA GLY B 149 -37.29 -5.93 4.01
C GLY B 149 -36.42 -7.16 4.19
N GLY B 150 -37.02 -8.33 4.40
CA GLY B 150 -36.21 -9.50 4.57
C GLY B 150 -37.08 -10.74 4.52
N HIS B 151 -36.43 -11.90 4.59
CA HIS B 151 -37.19 -13.12 4.47
C HIS B 151 -36.37 -14.31 4.92
N ASP B 152 -37.04 -15.28 5.54
CA ASP B 152 -36.41 -16.55 5.82
C ASP B 152 -36.08 -17.27 4.51
N TYR B 153 -35.03 -18.10 4.56
CA TYR B 153 -34.41 -18.59 3.33
C TYR B 153 -34.91 -19.95 2.84
N PHE B 154 -35.51 -20.78 3.71
CA PHE B 154 -35.87 -22.16 3.38
C PHE B 154 -37.39 -22.34 3.34
N PRO B 155 -37.98 -22.55 2.15
CA PRO B 155 -39.45 -22.67 2.07
C PRO B 155 -40.02 -23.80 2.91
N SER B 156 -39.31 -24.92 3.03
CA SER B 156 -39.77 -25.99 3.91
C SER B 156 -40.02 -25.48 5.32
N GLU B 157 -39.17 -24.58 5.81
CA GLU B 157 -39.36 -24.07 7.17
C GLU B 157 -40.40 -22.93 7.21
N TYR B 158 -40.29 -21.95 6.31
CA TYR B 158 -41.15 -20.78 6.52
C TYR B 158 -42.59 -21.00 6.03
N GLN B 159 -42.82 -21.89 5.06
CA GLN B 159 -44.20 -22.20 4.68
C GLN B 159 -44.94 -22.89 5.81
N LYS B 160 -44.29 -23.88 6.43
CA LYS B 160 -44.87 -24.54 7.60
C LYS B 160 -45.23 -23.56 8.68
N THR B 161 -44.29 -22.67 9.00
CA THR B 161 -44.56 -21.68 10.04
C THR B 161 -45.74 -20.82 9.65
N TYR B 162 -45.82 -20.44 8.37
CA TYR B 162 -46.91 -19.57 7.92
C TYR B 162 -48.26 -20.26 8.07
N LYS B 163 -48.35 -21.53 7.65
CA LYS B 163 -49.61 -22.26 7.80
C LYS B 163 -49.97 -22.40 9.26
N ALA B 164 -49.03 -22.89 10.08
CA ALA B 164 -49.27 -23.02 11.51
C ALA B 164 -49.76 -21.73 12.12
N GLN B 165 -49.13 -20.60 11.75
CA GLN B 165 -49.55 -19.32 12.33
C GLN B 165 -50.94 -18.94 11.83
N LYS B 166 -51.32 -19.39 10.64
CA LYS B 166 -52.71 -19.23 10.22
C LYS B 166 -53.62 -20.17 11.02
N LYS B 167 -53.12 -21.36 11.36
CA LYS B 167 -53.89 -22.33 12.12
C LYS B 167 -54.23 -21.84 13.52
N ALA B 168 -53.49 -20.86 14.03
CA ALA B 168 -53.85 -20.20 15.28
C ALA B 168 -54.50 -18.83 15.05
N GLY B 169 -54.89 -18.51 13.81
CA GLY B 169 -55.48 -17.21 13.54
C GLY B 169 -54.65 -16.02 13.99
N ASN B 170 -53.32 -16.11 13.87
CA ASN B 170 -52.40 -15.05 14.26
C ASN B 170 -52.67 -13.77 13.46
N PRO B 171 -53.01 -12.66 14.11
CA PRO B 171 -53.32 -11.44 13.35
C PRO B 171 -52.12 -10.61 12.95
N ASN B 172 -50.91 -10.95 13.43
CA ASN B 172 -49.69 -10.20 13.10
C ASN B 172 -48.59 -11.17 12.73
N ILE B 173 -48.82 -11.90 11.64
CA ILE B 173 -47.79 -12.77 11.10
C ILE B 173 -46.68 -11.93 10.51
N ARG B 174 -45.43 -12.32 10.79
CA ARG B 174 -44.27 -11.58 10.31
C ARG B 174 -44.13 -11.73 8.80
N ASP B 175 -43.84 -10.63 8.12
CA ASP B 175 -43.69 -10.73 6.67
C ASP B 175 -42.47 -11.56 6.26
N TYR B 176 -41.53 -11.82 7.18
CA TYR B 176 -40.42 -12.71 6.87
C TYR B 176 -40.86 -14.13 6.54
N VAL B 177 -42.10 -14.50 6.87
CA VAL B 177 -42.55 -15.85 6.56
C VAL B 177 -43.69 -15.87 5.54
N PHE B 178 -44.14 -14.70 5.04
CA PHE B 178 -45.18 -14.66 3.99
C PHE B 178 -44.77 -15.46 2.77
N PRO B 179 -45.75 -16.06 2.08
CA PRO B 179 -45.47 -16.61 0.75
C PRO B 179 -44.94 -15.52 -0.18
N MET B 180 -43.97 -15.89 -1.02
CA MET B 180 -43.49 -15.00 -2.05
C MET B 180 -44.44 -15.03 -3.26
N GLU B 181 -44.23 -14.12 -4.19
CA GLU B 181 -45.15 -13.92 -5.30
C GLU B 181 -44.43 -13.84 -6.62
N HIS B 182 -45.16 -14.18 -7.68
CA HIS B 182 -44.75 -14.02 -9.07
C HIS B 182 -45.84 -13.20 -9.75
N ASN B 183 -45.61 -11.90 -9.88
CA ASN B 183 -46.54 -10.97 -10.50
C ASN B 183 -47.91 -11.02 -9.83
N GLY B 184 -47.92 -11.09 -8.50
CA GLY B 184 -49.14 -11.07 -7.74
C GLY B 184 -49.72 -12.42 -7.37
N LYS B 185 -49.24 -13.51 -7.96
CA LYS B 185 -49.70 -14.86 -7.69
C LYS B 185 -48.72 -15.61 -6.79
N PRO B 186 -49.17 -16.64 -6.09
CA PRO B 186 -48.27 -17.38 -5.19
C PRO B 186 -47.05 -17.91 -5.93
N ALA B 187 -45.86 -17.72 -5.34
CA ALA B 187 -44.65 -18.18 -6.02
C ALA B 187 -44.44 -19.68 -5.90
N ASN B 188 -44.90 -20.29 -4.80
CA ASN B 188 -44.71 -21.72 -4.52
C ASN B 188 -43.23 -22.10 -4.68
N GLU B 189 -42.37 -21.33 -4.03
CA GLU B 189 -40.95 -21.61 -4.08
C GLU B 189 -40.67 -22.94 -3.38
N THR B 190 -39.71 -23.70 -3.91
CA THR B 190 -39.36 -24.97 -3.31
C THR B 190 -37.90 -25.10 -2.94
N GLU B 191 -37.08 -24.09 -3.15
CA GLU B 191 -35.68 -24.26 -2.78
C GLU B 191 -35.20 -23.04 -2.02
N TYR B 192 -34.10 -23.23 -1.31
CA TYR B 192 -33.31 -22.15 -0.72
C TYR B 192 -33.40 -20.90 -1.59
N ILE B 193 -33.96 -19.80 -1.07
CA ILE B 193 -34.44 -18.73 -1.95
C ILE B 193 -33.30 -18.07 -2.75
N THR B 194 -32.08 -18.09 -2.22
CA THR B 194 -30.95 -17.61 -3.01
C THR B 194 -30.85 -18.41 -4.30
N ASP B 195 -30.99 -19.73 -4.21
CA ASP B 195 -30.97 -20.56 -5.41
C ASP B 195 -32.19 -20.27 -6.29
N GLY B 196 -33.34 -19.99 -5.69
CA GLY B 196 -34.50 -19.65 -6.50
C GLY B 196 -34.35 -18.34 -7.25
N PHE B 197 -33.78 -17.33 -6.60
CA PHE B 197 -33.60 -16.05 -7.28
C PHE B 197 -32.62 -16.19 -8.44
N SER B 198 -31.58 -17.00 -8.25
CA SER B 198 -30.69 -17.31 -9.36
C SER B 198 -31.46 -18.03 -10.47
N ARG B 199 -32.31 -19.00 -10.10
CA ARG B 199 -33.09 -19.73 -11.08
C ARG B 199 -33.99 -18.79 -11.88
N GLU B 200 -34.62 -17.82 -11.19
CA GLU B 200 -35.48 -16.85 -11.88
C GLU B 200 -34.69 -15.87 -12.75
N ALA B 201 -33.46 -15.53 -12.34
CA ALA B 201 -32.66 -14.66 -13.20
C ALA B 201 -32.36 -15.34 -14.52
N ILE B 202 -32.00 -16.63 -14.46
CA ILE B 202 -31.69 -17.41 -15.64
C ILE B 202 -32.91 -17.52 -16.54
N LYS B 203 -34.08 -17.76 -15.95
CA LYS B 203 -35.30 -17.86 -16.74
C LYS B 203 -35.57 -16.55 -17.49
N ASN B 204 -35.47 -15.41 -16.80
CA ASN B 204 -35.75 -14.13 -17.43
C ASN B 204 -34.70 -13.77 -18.47
N ILE B 205 -33.46 -14.21 -18.32
CA ILE B 205 -32.49 -14.01 -19.38
C ILE B 205 -32.88 -14.81 -20.61
N LYS B 206 -33.37 -16.04 -20.41
CA LYS B 206 -33.79 -16.86 -21.54
C LYS B 206 -35.02 -16.29 -22.24
N ILE B 207 -35.93 -15.68 -21.46
CA ILE B 207 -37.12 -15.06 -22.03
C ILE B 207 -36.74 -13.87 -22.92
N ALA B 208 -35.94 -12.94 -22.38
CA ALA B 208 -35.51 -11.80 -23.16
C ALA B 208 -34.73 -12.21 -24.41
N ALA B 209 -33.90 -13.24 -24.29
CA ALA B 209 -33.17 -13.75 -25.45
C ALA B 209 -34.13 -14.29 -26.51
N ALA B 210 -35.15 -15.03 -26.08
CA ALA B 210 -36.09 -15.55 -27.05
C ALA B 210 -36.88 -14.42 -27.70
N LYS B 211 -37.12 -13.34 -26.95
CA LYS B 211 -37.81 -12.17 -27.50
C LYS B 211 -36.90 -11.28 -28.35
N LYS B 212 -35.61 -11.57 -28.42
CA LYS B 212 -34.63 -10.69 -29.07
C LYS B 212 -34.84 -9.23 -28.64
N GLN B 213 -34.97 -9.02 -27.34
CA GLN B 213 -35.21 -7.74 -26.69
C GLN B 213 -34.14 -7.50 -25.63
N PRO B 214 -33.58 -6.29 -25.54
CA PRO B 214 -32.63 -6.02 -24.45
C PRO B 214 -33.31 -6.11 -23.09
N PHE B 215 -32.59 -6.68 -22.13
CA PHE B 215 -33.16 -6.85 -20.79
C PHE B 215 -32.53 -5.88 -19.80
N PHE B 216 -33.32 -5.56 -18.78
CA PHE B 216 -32.86 -4.92 -17.57
C PHE B 216 -33.34 -5.79 -16.41
N ILE B 217 -32.41 -6.43 -15.70
CA ILE B 217 -32.74 -7.29 -14.57
C ILE B 217 -32.18 -6.71 -13.27
N TYR B 218 -33.07 -6.49 -12.30
CA TYR B 218 -32.73 -5.99 -10.97
C TYR B 218 -32.75 -7.20 -10.04
N LEU B 219 -31.59 -7.82 -9.85
CA LEU B 219 -31.49 -9.05 -9.07
C LEU B 219 -31.08 -8.66 -7.65
N ALA B 220 -32.08 -8.49 -6.78
CA ALA B 220 -31.89 -7.97 -5.41
C ALA B 220 -31.91 -9.12 -4.41
N TYR B 221 -30.81 -9.87 -4.36
CA TYR B 221 -30.65 -10.90 -3.34
C TYR B 221 -30.85 -10.35 -1.93
N ASN B 222 -31.56 -11.11 -1.09
CA ASN B 222 -31.57 -10.72 0.31
C ASN B 222 -30.33 -11.23 1.06
N ALA B 223 -29.60 -12.19 0.50
CA ALA B 223 -28.36 -12.61 1.11
C ALA B 223 -27.30 -11.51 1.02
N PRO B 224 -26.39 -11.42 2.01
CA PRO B 224 -26.30 -12.20 3.26
C PRO B 224 -26.96 -11.54 4.49
N HIS B 225 -28.09 -10.87 4.26
CA HIS B 225 -28.87 -10.28 5.34
C HIS B 225 -29.42 -11.35 6.28
N VAL B 226 -29.60 -10.99 7.55
CA VAL B 226 -30.15 -11.92 8.56
C VAL B 226 -31.54 -12.36 8.10
N PRO B 227 -32.05 -13.51 8.54
CA PRO B 227 -31.44 -14.48 9.47
C PRO B 227 -30.29 -15.18 8.79
N LEU B 228 -29.22 -15.49 9.51
CA LEU B 228 -28.11 -16.25 8.92
C LEU B 228 -28.56 -17.70 8.71
N GLN B 229 -28.92 -18.06 7.49
CA GLN B 229 -29.33 -19.42 7.18
C GLN B 229 -28.66 -19.85 5.89
N ALA B 230 -28.04 -21.03 5.90
CA ALA B 230 -27.27 -21.47 4.76
C ALA B 230 -27.47 -22.96 4.51
N LYS B 231 -27.21 -23.35 3.26
CA LYS B 231 -27.29 -24.74 2.86
C LYS B 231 -26.09 -25.52 3.37
N ALA B 232 -26.35 -26.78 3.76
CA ALA B 232 -25.30 -27.63 4.30
C ALA B 232 -24.15 -27.78 3.32
N GLU B 233 -24.45 -27.88 2.02
CA GLU B 233 -23.38 -28.01 1.04
C GLU B 233 -22.53 -26.75 0.98
N ASP B 234 -23.12 -25.58 1.23
CA ASP B 234 -22.31 -24.37 1.22
C ASP B 234 -21.52 -24.22 2.53
N VAL B 235 -22.14 -24.53 3.67
CA VAL B 235 -21.40 -24.45 4.93
C VAL B 235 -20.15 -25.30 4.87
N ALA B 236 -20.25 -26.45 4.21
CA ALA B 236 -19.13 -27.40 4.19
C ALA B 236 -17.91 -26.81 3.52
N LYS B 237 -18.11 -25.86 2.60
CA LYS B 237 -16.93 -25.24 2.01
C LYS B 237 -16.18 -24.36 3.01
N PHE B 238 -16.77 -24.10 4.18
CA PHE B 238 -16.15 -23.24 5.18
C PHE B 238 -16.17 -23.90 6.55
N ALA B 239 -16.11 -25.23 6.58
CA ALA B 239 -16.23 -25.94 7.85
C ALA B 239 -15.09 -25.63 8.82
N HIS B 240 -13.93 -25.21 8.32
CA HIS B 240 -12.81 -24.80 9.17
C HIS B 240 -12.97 -23.44 9.84
N ILE B 241 -14.00 -22.66 9.53
CA ILE B 241 -14.21 -21.38 10.20
C ILE B 241 -14.92 -21.64 11.52
N LYS B 242 -14.26 -21.28 12.63
CA LYS B 242 -14.73 -21.66 13.95
C LYS B 242 -15.93 -20.84 14.40
N ASP B 243 -15.96 -19.55 14.11
CA ASP B 243 -17.10 -18.77 14.52
C ASP B 243 -18.32 -19.14 13.67
N LYS B 244 -19.41 -19.55 14.33
CA LYS B 244 -20.58 -20.07 13.63
C LYS B 244 -21.23 -19.01 12.73
N ASP B 245 -21.34 -17.78 13.23
CA ASP B 245 -21.97 -16.73 12.42
C ASP B 245 -21.14 -16.44 11.17
N ARG B 246 -19.83 -16.31 11.33
CA ARG B 246 -18.98 -16.10 10.16
C ARG B 246 -19.08 -17.27 9.21
N ARG B 247 -19.15 -18.50 9.74
CA ARG B 247 -19.20 -19.65 8.85
C ARG B 247 -20.48 -19.61 8.03
N THR B 248 -21.61 -19.36 8.68
CA THR B 248 -22.90 -19.31 8.00
C THR B 248 -22.97 -18.16 7.01
N TYR B 249 -22.50 -16.99 7.41
CA TYR B 249 -22.44 -15.84 6.52
C TYR B 249 -21.62 -16.13 5.27
N ALA B 250 -20.45 -16.74 5.44
CA ALA B 250 -19.65 -17.10 4.28
C ALA B 250 -20.42 -18.04 3.35
N ALA B 251 -21.15 -19.01 3.92
CA ALA B 251 -21.89 -19.92 3.08
C ALA B 251 -22.97 -19.18 2.31
N MET B 252 -23.57 -18.17 2.94
CA MET B 252 -24.60 -17.40 2.26
C MET B 252 -24.02 -16.64 1.07
N VAL B 253 -22.86 -15.99 1.26
CA VAL B 253 -22.22 -15.26 0.17
C VAL B 253 -21.84 -16.22 -0.93
N TYR B 254 -21.38 -17.42 -0.54
CA TYR B 254 -20.97 -18.41 -1.52
C TYR B 254 -22.13 -18.85 -2.39
N ALA B 255 -23.32 -19.01 -1.80
CA ALA B 255 -24.49 -19.38 -2.59
C ALA B 255 -24.83 -18.31 -3.62
N VAL B 256 -24.61 -17.04 -3.27
CA VAL B 256 -24.83 -15.99 -4.26
C VAL B 256 -23.83 -16.14 -5.41
N ASP B 257 -22.58 -16.48 -5.05
CA ASP B 257 -21.53 -16.68 -6.05
C ASP B 257 -21.84 -17.87 -6.95
N ARG B 258 -22.34 -18.98 -6.39
CA ARG B 258 -22.72 -20.11 -7.23
C ARG B 258 -23.72 -19.69 -8.28
N GLY B 259 -24.73 -18.91 -7.88
CA GLY B 259 -25.77 -18.47 -8.81
C GLY B 259 -25.27 -17.52 -9.87
N VAL B 260 -24.33 -16.64 -9.52
CA VAL B 260 -23.74 -15.77 -10.54
C VAL B 260 -23.00 -16.60 -11.57
N GLY B 261 -22.36 -17.68 -11.14
CA GLY B 261 -21.70 -18.55 -12.10
C GLY B 261 -22.70 -19.21 -13.04
N LYS B 262 -23.83 -19.64 -12.49
CA LYS B 262 -24.86 -20.19 -13.36
C LYS B 262 -25.45 -19.11 -14.24
N ILE B 263 -25.63 -17.89 -13.70
CA ILE B 263 -26.14 -16.81 -14.53
C ILE B 263 -25.20 -16.52 -15.68
N VAL B 264 -23.88 -16.53 -15.40
CA VAL B 264 -22.89 -16.28 -16.43
C VAL B 264 -22.96 -17.34 -17.53
N GLN B 265 -23.09 -18.61 -17.14
CA GLN B 265 -23.19 -19.66 -18.17
C GLN B 265 -24.38 -19.41 -19.08
N THR B 266 -25.52 -19.03 -18.51
CA THR B 266 -26.69 -18.75 -19.33
C THR B 266 -26.42 -17.57 -20.26
N LEU B 267 -25.74 -16.53 -19.78
CA LEU B 267 -25.44 -15.41 -20.66
C LEU B 267 -24.60 -15.85 -21.85
N LYS B 268 -23.68 -16.79 -21.63
CA LYS B 268 -22.83 -17.22 -22.72
C LYS B 268 -23.59 -18.11 -23.71
N GLU B 269 -24.43 -19.01 -23.19
CA GLU B 269 -25.18 -19.88 -24.09
C GLU B 269 -26.11 -19.07 -24.97
N THR B 270 -26.79 -18.07 -24.40
CA THR B 270 -27.64 -17.18 -25.18
C THR B 270 -26.87 -16.10 -25.90
N LYS B 271 -25.54 -16.15 -25.90
CA LYS B 271 -24.73 -15.14 -26.59
C LYS B 271 -25.09 -13.72 -26.16
N GLN B 272 -25.51 -13.53 -24.91
CA GLN B 272 -25.76 -12.19 -24.41
C GLN B 272 -24.62 -11.67 -23.53
N PHE B 273 -23.61 -12.50 -23.28
CA PHE B 273 -22.55 -12.17 -22.31
C PHE B 273 -21.76 -10.94 -22.75
N ASP B 274 -21.31 -10.90 -24.01
CA ASP B 274 -20.36 -9.87 -24.44
C ASP B 274 -20.97 -8.47 -24.37
N ASN B 275 -22.25 -8.34 -24.68
CA ASN B 275 -22.96 -7.06 -24.68
C ASN B 275 -23.93 -6.92 -23.51
N THR B 276 -23.59 -7.48 -22.34
CA THR B 276 -24.35 -7.22 -21.13
C THR B 276 -23.49 -6.41 -20.16
N LEU B 277 -24.03 -5.30 -19.65
CA LEU B 277 -23.36 -4.57 -18.58
C LEU B 277 -23.81 -5.19 -17.26
N ILE B 278 -22.89 -5.87 -16.58
CA ILE B 278 -23.19 -6.46 -15.28
C ILE B 278 -22.66 -5.51 -14.22
N VAL B 279 -23.54 -5.02 -13.36
CA VAL B 279 -23.14 -4.18 -12.23
C VAL B 279 -23.39 -4.95 -10.95
N PHE B 280 -22.35 -5.14 -10.14
CA PHE B 280 -22.47 -5.82 -8.85
C PHE B 280 -22.08 -4.86 -7.74
N LEU B 281 -22.88 -4.82 -6.68
CA LEU B 281 -22.58 -3.96 -5.53
C LEU B 281 -23.38 -4.44 -4.32
N SER B 282 -23.07 -3.86 -3.16
CA SER B 282 -23.86 -4.03 -1.96
C SER B 282 -24.73 -2.80 -1.69
N ASP B 283 -25.86 -2.99 -1.01
CA ASP B 283 -26.74 -1.85 -0.81
C ASP B 283 -26.32 -0.96 0.36
N ASN B 284 -25.44 -1.45 1.24
CA ASN B 284 -24.90 -0.66 2.33
C ASN B 284 -23.76 -1.49 2.91
N GLY B 285 -23.05 -0.92 3.90
CA GLY B 285 -21.94 -1.64 4.50
C GLY B 285 -22.40 -2.84 5.30
N GLY B 286 -21.48 -3.76 5.56
CA GLY B 286 -21.82 -4.94 6.32
C GLY B 286 -22.13 -4.62 7.78
N ASN B 287 -23.04 -5.40 8.37
CA ASN B 287 -23.33 -5.34 9.79
C ASN B 287 -22.34 -6.25 10.50
N PHE B 288 -21.37 -5.66 11.23
CA PHE B 288 -20.36 -6.54 11.78
C PHE B 288 -20.83 -7.26 13.06
N ASN B 289 -22.07 -7.09 13.47
CA ASN B 289 -22.67 -7.92 14.51
C ASN B 289 -23.23 -9.24 13.98
N HIS B 290 -23.35 -9.40 12.66
CA HIS B 290 -24.02 -10.54 12.02
C HIS B 290 -23.19 -11.11 10.90
N GLY B 291 -21.90 -11.31 11.18
CA GLY B 291 -21.02 -12.07 10.33
C GLY B 291 -20.19 -11.26 9.36
N ALA B 292 -20.49 -9.98 9.18
CA ALA B 292 -19.83 -9.23 8.12
C ALA B 292 -18.48 -8.68 8.61
N ASN B 293 -17.60 -8.40 7.67
CA ASN B 293 -16.31 -7.77 7.94
C ASN B 293 -16.09 -6.64 6.93
N ASN B 294 -15.89 -5.42 7.43
CA ASN B 294 -15.74 -4.23 6.60
C ASN B 294 -14.28 -3.77 6.48
N TYR B 295 -13.32 -4.64 6.82
CA TYR B 295 -11.91 -4.27 6.79
C TYR B 295 -11.54 -3.71 5.43
N PRO B 296 -10.72 -2.65 5.35
CA PRO B 296 -10.04 -1.91 6.43
C PRO B 296 -10.85 -0.73 6.92
N LEU B 297 -12.14 -0.66 6.62
CA LEU B 297 -12.97 0.49 6.96
C LEU B 297 -13.39 0.43 8.41
N LYS B 298 -13.70 1.59 8.95
CA LYS B 298 -14.19 1.71 10.29
C LYS B 298 -15.70 1.61 10.28
N GLY B 299 -16.25 1.00 11.31
CA GLY B 299 -17.69 1.03 11.48
C GLY B 299 -18.45 -0.09 10.76
N THR B 300 -19.77 0.10 10.76
CA THR B 300 -20.71 -0.97 10.46
C THR B 300 -21.94 -0.37 9.77
N LYS B 301 -22.78 -1.25 9.25
CA LYS B 301 -24.05 -0.86 8.64
C LYS B 301 -24.73 0.20 9.48
N GLY B 302 -25.15 1.28 8.82
CA GLY B 302 -25.85 2.35 9.49
C GLY B 302 -25.02 3.57 9.82
N ASP B 303 -23.70 3.46 9.79
CA ASP B 303 -22.76 4.52 10.17
C ASP B 303 -22.45 5.42 8.97
N THR B 304 -22.03 6.66 9.26
CA THR B 304 -21.42 7.52 8.25
C THR B 304 -19.90 7.45 8.27
N TRP B 305 -19.32 6.57 9.08
CA TRP B 305 -17.99 6.09 8.76
C TRP B 305 -18.04 5.39 7.40
N GLU B 306 -16.87 5.29 6.74
CA GLU B 306 -16.83 4.61 5.44
C GLU B 306 -17.49 3.25 5.53
N GLY B 307 -17.32 2.56 6.66
CA GLY B 307 -17.86 1.22 6.77
C GLY B 307 -19.36 1.12 6.60
N GLY B 308 -20.08 2.22 6.83
CA GLY B 308 -21.52 2.19 6.64
C GLY B 308 -21.99 2.24 5.19
N TYR B 309 -21.30 3.01 4.33
CA TYR B 309 -21.87 3.22 3.01
C TYR B 309 -20.88 3.12 1.85
N ARG B 310 -19.64 2.74 2.09
CA ARG B 310 -18.71 2.40 1.02
C ARG B 310 -18.74 0.88 0.79
N VAL B 311 -18.98 0.47 -0.46
CA VAL B 311 -19.36 -0.91 -0.76
C VAL B 311 -18.46 -1.44 -1.88
N PRO B 312 -18.32 -2.77 -1.99
CA PRO B 312 -17.65 -3.31 -3.18
C PRO B 312 -18.51 -3.06 -4.39
N MET B 313 -17.86 -2.88 -5.54
CA MET B 313 -18.60 -2.67 -6.78
C MET B 313 -17.69 -2.91 -7.99
N PHE B 314 -18.25 -3.55 -9.01
CA PHE B 314 -17.57 -3.63 -10.29
C PHE B 314 -18.55 -3.45 -11.43
N PHE B 315 -18.04 -2.99 -12.56
CA PHE B 315 -18.73 -3.01 -13.83
C PHE B 315 -18.07 -4.07 -14.72
N HIS B 316 -18.89 -4.87 -15.40
CA HIS B 316 -18.38 -5.89 -16.33
C HIS B 316 -19.20 -5.83 -17.61
N TRP B 317 -18.54 -5.52 -18.74
CA TRP B 317 -19.15 -5.29 -20.06
C TRP B 317 -18.10 -5.53 -21.14
N PRO B 318 -17.91 -6.76 -21.59
CA PRO B 318 -16.74 -7.06 -22.43
C PRO B 318 -16.65 -6.21 -23.70
N LYS B 319 -17.78 -5.80 -24.29
CA LYS B 319 -17.73 -5.02 -25.52
C LYS B 319 -17.00 -3.69 -25.34
N LYS B 320 -16.95 -3.15 -24.13
CA LYS B 320 -16.41 -1.80 -23.97
C LYS B 320 -15.49 -1.61 -22.78
N ILE B 321 -15.70 -2.27 -21.65
CA ILE B 321 -14.87 -2.05 -20.46
C ILE B 321 -13.69 -3.02 -20.53
N LYS B 322 -12.49 -2.48 -20.44
CA LYS B 322 -11.28 -3.27 -20.53
C LYS B 322 -11.16 -4.17 -19.31
N LYS B 323 -10.38 -5.22 -19.46
CA LYS B 323 -10.14 -6.12 -18.34
C LYS B 323 -9.12 -5.51 -17.39
N ASP B 324 -9.09 -6.04 -16.16
CA ASP B 324 -8.07 -5.66 -15.14
C ASP B 324 -8.06 -4.16 -14.85
N GLN B 325 -9.19 -3.50 -14.96
CA GLN B 325 -9.23 -2.07 -14.65
C GLN B 325 -9.56 -1.84 -13.17
N ARG B 326 -8.94 -0.81 -12.60
CA ARG B 326 -9.26 -0.32 -11.27
C ARG B 326 -9.61 1.15 -11.38
N PHE B 327 -10.83 1.52 -11.01
CA PHE B 327 -11.30 2.90 -11.05
C PHE B 327 -11.26 3.46 -9.63
N ASP B 328 -10.33 4.39 -9.38
CA ASP B 328 -10.07 4.81 -8.00
C ASP B 328 -10.75 6.11 -7.64
N PHE B 329 -11.43 6.77 -8.58
CA PHE B 329 -12.15 8.01 -8.28
C PHE B 329 -13.50 7.69 -7.63
N PRO B 330 -13.94 8.52 -6.68
CA PRO B 330 -15.21 8.28 -5.98
C PRO B 330 -16.42 8.34 -6.89
N VAL B 331 -17.31 7.36 -6.77
CA VAL B 331 -18.57 7.32 -7.52
C VAL B 331 -19.72 7.05 -6.56
N SER B 332 -20.93 7.20 -7.07
CA SER B 332 -22.12 6.99 -6.27
C SER B 332 -23.06 5.99 -6.93
N SER B 333 -23.80 5.23 -6.12
CA SER B 333 -24.87 4.41 -6.68
C SER B 333 -25.91 5.28 -7.38
N LEU B 334 -25.98 6.57 -7.05
CA LEU B 334 -26.84 7.51 -7.78
C LEU B 334 -26.43 7.64 -9.24
N ASP B 335 -25.23 7.21 -9.59
CA ASP B 335 -24.82 7.30 -10.99
C ASP B 335 -25.47 6.22 -11.85
N LEU B 336 -25.99 5.16 -11.23
CA LEU B 336 -26.50 4.06 -12.05
C LEU B 336 -27.70 4.51 -12.89
N TYR B 337 -28.58 5.35 -12.32
CA TYR B 337 -29.76 5.81 -13.04
C TYR B 337 -29.39 6.53 -14.35
N PRO B 338 -28.65 7.64 -14.33
CA PRO B 338 -28.31 8.29 -15.61
C PRO B 338 -27.38 7.47 -16.50
N THR B 339 -26.54 6.61 -15.95
CA THR B 339 -25.69 5.75 -16.78
C THR B 339 -26.53 4.76 -17.56
N PHE B 340 -27.51 4.14 -16.89
CA PHE B 340 -28.33 3.14 -17.55
C PHE B 340 -29.24 3.78 -18.59
N THR B 341 -29.90 4.90 -18.25
CA THR B 341 -30.78 5.55 -19.21
C THR B 341 -29.99 6.06 -20.40
N GLY B 342 -28.76 6.53 -20.16
CA GLY B 342 -27.90 6.90 -21.27
C GLY B 342 -27.61 5.73 -22.21
N LEU B 343 -27.13 4.61 -21.65
CA LEU B 343 -26.81 3.44 -22.46
C LEU B 343 -28.03 2.93 -23.19
N ALA B 344 -29.20 3.11 -22.60
CA ALA B 344 -30.43 2.69 -23.22
C ALA B 344 -30.93 3.66 -24.27
N GLU B 345 -30.25 4.80 -24.46
CA GLU B 345 -30.70 5.84 -25.38
C GLU B 345 -32.11 6.28 -25.06
N ALA B 346 -32.45 6.23 -23.78
CA ALA B 346 -33.79 6.58 -23.35
C ALA B 346 -33.87 8.06 -23.03
N LYS B 347 -35.05 8.63 -23.17
CA LYS B 347 -35.30 10.01 -22.82
C LYS B 347 -35.86 10.08 -21.40
N LEU B 348 -35.38 11.01 -20.64
CA LEU B 348 -35.88 11.11 -19.28
C LEU B 348 -37.26 11.78 -19.27
N PRO B 349 -38.10 11.44 -18.29
CA PRO B 349 -39.40 12.12 -18.18
C PRO B 349 -39.17 13.61 -18.01
N LYS B 350 -40.13 14.40 -18.49
CA LYS B 350 -40.04 15.85 -18.38
C LYS B 350 -40.04 16.25 -16.92
N GLY B 351 -38.99 16.95 -16.51
CA GLY B 351 -38.91 17.44 -15.15
C GLY B 351 -38.28 16.50 -14.16
N LYS B 352 -37.65 15.42 -14.61
CA LYS B 352 -37.06 14.45 -13.71
C LYS B 352 -35.75 15.01 -13.17
N GLN B 353 -35.65 15.08 -11.86
CA GLN B 353 -34.43 15.54 -11.21
C GLN B 353 -33.59 14.35 -10.78
N LEU B 354 -32.27 14.47 -10.97
CA LEU B 354 -31.31 13.41 -10.70
C LEU B 354 -30.14 13.98 -9.91
N ASP B 355 -29.63 13.21 -8.94
CA ASP B 355 -28.52 13.70 -8.14
C ASP B 355 -27.17 13.12 -8.55
N GLY B 356 -27.14 12.09 -9.39
CA GLY B 356 -25.90 11.52 -9.87
C GLY B 356 -25.62 11.94 -11.30
N LYS B 357 -24.71 11.21 -11.95
CA LYS B 357 -24.34 11.51 -13.32
C LYS B 357 -23.96 10.22 -14.04
N ASN B 358 -24.04 10.27 -15.36
CA ASN B 358 -23.56 9.20 -16.24
C ASN B 358 -22.04 9.11 -16.21
N ILE B 359 -21.51 7.98 -15.76
CA ILE B 359 -20.08 7.84 -15.57
C ILE B 359 -19.46 6.90 -16.59
N MET B 360 -20.23 6.41 -17.55
CA MET B 360 -19.70 5.40 -18.47
C MET B 360 -18.51 5.92 -19.26
N ASP B 361 -18.63 7.16 -19.77
CA ASP B 361 -17.52 7.78 -20.48
C ASP B 361 -16.33 8.00 -19.55
N ASP B 362 -16.58 8.52 -18.33
CA ASP B 362 -15.52 8.64 -17.33
C ASP B 362 -14.84 7.31 -17.05
N VAL B 363 -15.61 6.22 -17.01
CA VAL B 363 -15.02 4.90 -16.74
C VAL B 363 -14.16 4.45 -17.91
N LEU B 364 -14.60 4.70 -19.14
CA LEU B 364 -13.84 4.24 -20.30
C LEU B 364 -12.55 5.02 -20.49
N LYS B 365 -12.52 6.30 -20.12
CA LYS B 365 -11.33 7.13 -20.30
C LYS B 365 -10.58 7.42 -19.01
N ASN B 366 -10.97 6.80 -17.89
CA ASN B 366 -10.36 7.01 -16.57
C ASN B 366 -10.31 8.49 -16.22
N THR B 367 -11.50 9.11 -16.17
CA THR B 367 -11.68 10.50 -15.85
C THR B 367 -12.54 10.64 -14.59
N GLU B 368 -12.29 11.72 -13.84
CA GLU B 368 -12.86 11.95 -12.53
C GLU B 368 -14.27 12.51 -12.63
N PRO B 369 -15.30 11.75 -12.26
CA PRO B 369 -16.68 12.27 -12.38
C PRO B 369 -17.05 13.30 -11.33
N TYR B 370 -16.42 13.31 -10.17
CA TYR B 370 -16.82 14.19 -9.06
C TYR B 370 -15.70 15.15 -8.68
N LYS B 371 -14.90 15.59 -9.65
CA LYS B 371 -13.83 16.53 -9.34
C LYS B 371 -14.41 17.78 -8.76
N ASP B 372 -13.99 18.13 -7.55
CA ASP B 372 -14.48 19.32 -6.86
C ASP B 372 -15.96 19.27 -6.53
N GLU B 373 -16.56 18.07 -6.51
CA GLU B 373 -17.95 17.85 -6.13
C GLU B 373 -18.03 16.87 -4.95
N MET B 374 -19.20 16.87 -4.32
CA MET B 374 -19.37 16.19 -3.04
C MET B 374 -20.13 14.88 -3.21
N ILE B 375 -19.77 13.88 -2.43
CA ILE B 375 -20.59 12.70 -2.21
C ILE B 375 -20.90 12.68 -0.72
N TYR B 376 -22.20 12.66 -0.39
CA TYR B 376 -22.73 12.92 0.93
C TYR B 376 -23.34 11.68 1.55
N SER B 377 -23.49 11.75 2.86
CA SER B 377 -24.36 10.85 3.60
C SER B 377 -24.85 11.60 4.85
N LEU B 378 -26.14 11.48 5.14
CA LEU B 378 -26.66 11.99 6.40
C LEU B 378 -27.66 10.98 6.93
N ARG B 379 -27.44 10.50 8.17
CA ARG B 379 -28.28 9.46 8.77
C ARG B 379 -28.90 10.00 10.05
N TYR B 380 -30.22 9.97 10.11
CA TYR B 380 -30.91 10.48 11.29
C TYR B 380 -30.72 9.52 12.44
N ARG B 381 -30.44 10.07 13.61
CA ARG B 381 -30.35 9.30 14.84
C ARG B 381 -31.45 9.81 15.78
N GLU B 382 -31.45 9.29 17.02
CA GLU B 382 -32.50 9.65 17.97
C GLU B 382 -32.11 10.96 18.65
N GLY B 383 -32.29 12.07 17.90
CA GLY B 383 -32.02 13.39 18.44
C GLY B 383 -30.83 14.13 17.86
N TYR B 384 -30.15 13.56 16.87
CA TYR B 384 -29.01 14.20 16.24
C TYR B 384 -28.81 13.51 14.90
N ASN B 385 -27.81 13.96 14.13
CA ASN B 385 -27.55 13.35 12.84
C ASN B 385 -26.09 12.95 12.71
N ASP B 386 -25.86 11.78 12.12
CA ASP B 386 -24.54 11.35 11.68
C ASP B 386 -24.34 11.85 10.24
N VAL B 387 -23.15 12.38 9.94
CA VAL B 387 -22.90 12.98 8.64
C VAL B 387 -21.58 12.45 8.09
N GLY B 388 -21.51 12.34 6.76
CA GLY B 388 -20.24 12.11 6.08
C GLY B 388 -20.26 12.78 4.71
N ALA B 389 -19.14 13.36 4.30
CA ALA B 389 -19.10 14.05 3.00
C ALA B 389 -17.68 13.97 2.44
N ARG B 390 -17.54 13.50 1.21
CA ARG B 390 -16.23 13.33 0.59
C ARG B 390 -16.11 14.19 -0.68
N MET B 391 -14.96 14.83 -0.83
CA MET B 391 -14.57 15.54 -2.05
C MET B 391 -13.09 15.26 -2.28
N GLY B 392 -12.78 14.61 -3.37
CA GLY B 392 -11.40 14.27 -3.66
C GLY B 392 -10.85 13.29 -2.63
N ASP B 393 -9.71 13.65 -2.02
CA ASP B 393 -9.05 12.85 -1.01
C ASP B 393 -9.51 13.16 0.40
N TRP B 394 -10.43 14.10 0.59
CA TRP B 394 -10.79 14.60 1.91
C TRP B 394 -12.19 14.17 2.28
N LYS B 395 -12.37 13.78 3.54
CA LYS B 395 -13.69 13.42 4.03
C LYS B 395 -13.91 14.05 5.40
N ILE B 396 -15.13 14.56 5.61
CA ILE B 396 -15.52 15.00 6.93
C ILE B 396 -16.54 14.03 7.50
N THR B 397 -16.50 13.85 8.81
CA THR B 397 -17.34 12.88 9.48
C THR B 397 -17.79 13.44 10.82
N ARG B 398 -19.09 13.29 11.12
CA ARG B 398 -19.59 13.40 12.48
C ARG B 398 -20.37 12.14 12.82
N MET B 399 -19.94 11.45 13.87
CA MET B 399 -20.56 10.25 14.40
C MET B 399 -20.86 10.42 15.89
N GLY B 400 -22.04 9.96 16.32
CA GLY B 400 -22.45 10.06 17.71
C GLY B 400 -22.56 11.47 18.27
N ASN B 401 -22.70 12.48 17.40
CA ASN B 401 -22.80 13.87 17.83
C ASN B 401 -21.51 14.37 18.49
N GLU B 402 -20.41 13.64 18.27
CA GLU B 402 -19.09 14.02 18.70
C GLU B 402 -18.54 15.20 17.89
N PRO B 403 -17.38 15.75 18.26
CA PRO B 403 -16.77 16.78 17.41
C PRO B 403 -16.59 16.28 15.97
N TRP B 404 -16.63 17.22 15.02
CA TRP B 404 -16.38 16.95 13.60
C TRP B 404 -14.98 16.41 13.38
N ARG B 405 -14.83 15.53 12.39
CA ARG B 405 -13.53 14.99 12.02
C ARG B 405 -13.23 15.29 10.57
N LEU B 406 -11.96 15.54 10.29
CA LEU B 406 -11.49 15.71 8.92
C LEU B 406 -10.44 14.65 8.66
N HIS B 407 -10.62 13.86 7.61
CA HIS B 407 -9.63 12.86 7.30
C HIS B 407 -9.17 12.98 5.85
N ASN B 408 -7.90 12.67 5.62
CA ASN B 408 -7.45 12.41 4.26
C ASN B 408 -7.79 10.95 4.03
N ILE B 409 -8.93 10.70 3.39
CA ILE B 409 -9.42 9.33 3.31
C ILE B 409 -8.52 8.48 2.44
N THR B 410 -7.72 9.11 1.57
CA THR B 410 -6.79 8.36 0.72
C THR B 410 -5.60 7.86 1.50
N GLN B 411 -5.12 8.60 2.49
CA GLN B 411 -3.99 8.17 3.30
C GLN B 411 -4.40 7.43 4.57
N ASP B 412 -5.64 7.63 5.04
CA ASP B 412 -6.15 7.20 6.35
C ASP B 412 -7.54 6.60 6.10
N ILE B 413 -7.57 5.47 5.38
CA ILE B 413 -8.82 4.88 4.95
C ILE B 413 -9.67 4.45 6.14
N GLY B 414 -9.03 4.15 7.27
CA GLY B 414 -9.72 3.80 8.51
C GLY B 414 -10.19 4.95 9.37
N GLU B 415 -9.99 6.20 8.95
CA GLU B 415 -10.46 7.37 9.68
C GLU B 415 -9.95 7.38 11.12
N LYS B 416 -8.63 7.17 11.27
CA LYS B 416 -8.01 7.15 12.59
C LYS B 416 -7.39 8.47 13.03
N LYS B 417 -6.95 9.35 12.12
CA LYS B 417 -6.20 10.57 12.46
C LYS B 417 -7.05 11.79 12.13
N ASN B 418 -7.60 12.43 13.17
CA ASN B 418 -8.41 13.62 12.96
C ASN B 418 -7.52 14.79 12.57
N LEU B 419 -7.76 15.39 11.40
CA LEU B 419 -7.00 16.54 10.94
C LEU B 419 -7.77 17.85 11.08
N ALA B 420 -8.89 17.85 11.79
CA ALA B 420 -9.68 19.08 11.91
C ALA B 420 -8.84 20.24 12.46
N GLY B 421 -7.94 19.95 13.40
CA GLY B 421 -7.16 21.01 14.00
C GLY B 421 -6.08 21.57 13.06
N ARG B 422 -5.48 20.69 12.25
CA ARG B 422 -4.40 21.12 11.36
C ARG B 422 -4.94 21.92 10.16
N TYR B 423 -6.12 21.57 9.63
CA TYR B 423 -6.68 22.25 8.44
C TYR B 423 -8.10 22.74 8.67
N PRO B 424 -8.31 23.67 9.59
CA PRO B 424 -9.70 24.10 9.90
C PRO B 424 -10.40 24.83 8.76
N ASP B 425 -9.66 25.44 7.83
CA ASP B 425 -10.32 26.06 6.68
C ASP B 425 -11.00 25.02 5.81
N ARG B 426 -10.28 23.95 5.48
CA ARG B 426 -10.89 22.89 4.70
C ARG B 426 -12.12 22.35 5.41
N LEU B 427 -11.99 22.11 6.72
CA LEU B 427 -13.10 21.57 7.50
C LEU B 427 -14.33 22.45 7.36
N LYS B 428 -14.18 23.77 7.55
CA LYS B 428 -15.35 24.64 7.51
C LYS B 428 -15.88 24.83 6.09
N GLU B 429 -15.01 24.80 5.08
CA GLU B 429 -15.54 24.86 3.72
C GLU B 429 -16.36 23.63 3.40
N MET B 430 -15.86 22.44 3.79
CA MET B 430 -16.63 21.23 3.53
C MET B 430 -17.91 21.21 4.36
N ILE B 431 -17.85 21.72 5.60
CA ILE B 431 -19.06 21.82 6.38
C ILE B 431 -20.05 22.81 5.75
N ALA B 432 -19.55 23.90 5.19
CA ALA B 432 -20.46 24.89 4.59
C ALA B 432 -21.26 24.28 3.43
N LYS B 433 -20.57 23.58 2.52
CA LYS B 433 -21.26 22.99 1.37
C LYS B 433 -22.28 21.94 1.81
N THR B 434 -21.92 21.10 2.80
CA THR B 434 -22.79 20.05 3.29
C THR B 434 -24.05 20.64 3.92
N GLN B 435 -23.90 21.72 4.70
CA GLN B 435 -25.07 22.38 5.26
C GLN B 435 -26.00 22.90 4.16
N GLU B 436 -25.44 23.54 3.13
CA GLU B 436 -26.27 24.02 2.03
C GLU B 436 -27.06 22.88 1.38
N TRP B 437 -26.42 21.72 1.22
CA TRP B 437 -27.13 20.56 0.68
C TRP B 437 -28.40 20.25 1.47
N THR B 438 -28.33 20.27 2.80
CA THR B 438 -29.50 19.96 3.61
C THR B 438 -30.59 21.03 3.51
N LYS B 439 -30.29 22.19 2.94
CA LYS B 439 -31.37 23.16 2.72
C LYS B 439 -32.37 22.67 1.67
N SER B 440 -32.02 21.69 0.86
CA SER B 440 -32.96 21.22 -0.15
C SER B 440 -33.82 20.06 0.31
N PHE B 441 -33.65 19.59 1.54
CA PHE B 441 -34.30 18.37 2.00
C PHE B 441 -35.80 18.60 2.13
N VAL B 442 -36.57 17.51 2.07
CA VAL B 442 -37.99 17.53 2.39
C VAL B 442 -38.18 16.82 3.74
N LYS B 443 -39.37 16.96 4.28
CA LYS B 443 -39.74 16.24 5.50
C LYS B 443 -39.90 14.75 5.21
N PRO B 444 -39.52 13.89 6.14
CA PRO B 444 -39.76 12.45 5.98
C PRO B 444 -41.26 12.18 5.87
N LEU B 445 -41.61 11.34 4.91
CA LEU B 445 -42.99 10.89 4.72
C LEU B 445 -43.41 9.91 5.81
N TRP B 446 -42.46 9.21 6.38
CA TRP B 446 -42.67 8.34 7.53
C TRP B 446 -41.36 8.31 8.30
N VAL B 447 -41.45 7.95 9.57
CA VAL B 447 -40.27 7.77 10.39
C VAL B 447 -40.31 6.32 10.86
N TYR B 448 -39.42 5.93 11.77
CA TYR B 448 -39.34 4.53 12.10
C TYR B 448 -39.88 4.18 13.48
N SER B 449 -39.65 5.01 14.49
CA SER B 449 -40.06 4.70 15.84
C SER B 449 -40.95 5.80 16.44
N VAL B 450 -41.68 5.42 17.49
CA VAL B 450 -42.45 6.41 18.26
C VAL B 450 -41.56 7.56 18.70
N LYS B 451 -40.35 7.24 19.20
CA LYS B 451 -39.39 8.28 19.55
C LYS B 451 -39.13 9.23 18.38
N ASP B 452 -38.95 8.70 17.17
CA ASP B 452 -38.74 9.55 16.01
C ASP B 452 -39.89 10.53 15.85
N LYS B 453 -41.13 10.03 15.93
CA LYS B 453 -42.29 10.88 15.70
C LYS B 453 -42.35 12.00 16.71
N GLU B 454 -42.08 11.70 17.98
CA GLU B 454 -42.06 12.76 18.99
C GLU B 454 -40.99 13.81 18.67
N LEU B 455 -39.78 13.37 18.33
CA LEU B 455 -38.70 14.33 18.14
C LEU B 455 -38.96 15.26 16.95
N TRP B 456 -39.53 14.73 15.87
CA TRP B 456 -39.84 15.58 14.73
C TRP B 456 -41.02 16.50 15.03
N GLU B 457 -41.98 16.03 15.83
CA GLU B 457 -43.12 16.87 16.17
C GLU B 457 -42.73 17.99 17.11
N SER B 458 -41.81 17.72 18.04
CA SER B 458 -41.33 18.75 18.95
C SER B 458 -40.30 19.67 18.33
N GLY B 459 -39.78 19.35 17.16
CA GLY B 459 -38.72 20.14 16.58
C GLY B 459 -37.32 19.76 17.03
N GLN B 460 -37.19 18.85 18.01
CA GLN B 460 -35.87 18.37 18.40
C GLN B 460 -35.12 17.77 17.22
N MET B 461 -35.84 17.13 16.30
CA MET B 461 -35.32 16.71 15.01
C MET B 461 -36.02 17.54 13.92
N PRO B 462 -35.33 17.85 12.80
CA PRO B 462 -33.98 17.43 12.42
C PRO B 462 -32.83 18.28 12.95
N ASN B 463 -33.10 19.53 13.27
CA ASN B 463 -32.12 20.50 13.78
C ASN B 463 -30.79 20.43 13.03
N TYR B 464 -30.87 20.69 11.73
CA TYR B 464 -29.65 20.72 10.94
C TYR B 464 -28.68 21.78 11.46
N GLU B 465 -29.21 22.87 12.03
CA GLU B 465 -28.34 23.95 12.48
C GLU B 465 -27.37 23.46 13.56
N ALA B 466 -27.88 22.71 14.54
CA ALA B 466 -27.00 22.16 15.57
C ALA B 466 -26.02 21.16 14.98
N THR B 467 -26.43 20.43 13.94
CA THR B 467 -25.55 19.45 13.34
C THR B 467 -24.26 20.08 12.80
N PHE B 468 -24.35 21.31 12.27
CA PHE B 468 -23.20 21.90 11.60
C PHE B 468 -22.44 22.89 12.49
N GLU B 469 -22.76 22.96 13.78
CA GLU B 469 -21.87 23.61 14.75
C GLU B 469 -20.48 22.97 14.71
N VAL B 470 -19.46 23.78 14.99
CA VAL B 470 -18.08 23.27 14.98
C VAL B 470 -17.27 23.67 16.20
N ASP B 471 -17.09 24.98 16.44
CA ASP B 471 -16.14 25.44 17.47
C ASP B 471 -16.60 25.06 18.87
N LYS B 472 -17.89 25.20 19.17
CA LYS B 472 -18.38 24.96 20.52
C LYS B 472 -18.22 23.50 20.94
N LEU B 473 -18.07 22.57 19.99
CA LEU B 473 -17.90 21.18 20.36
C LEU B 473 -16.49 20.93 20.88
N VAL B 474 -15.56 21.83 20.57
CA VAL B 474 -14.16 21.65 20.86
C VAL B 474 -13.61 22.72 21.81
N ASP B 475 -14.25 23.89 21.89
CA ASP B 475 -13.75 24.98 22.73
C ASP B 475 -14.01 24.67 24.19
N SER B 476 -13.05 25.01 25.03
CA SER B 476 -13.34 24.94 26.46
C SER B 476 -14.08 26.19 26.92
N PRO B 477 -15.04 26.08 27.84
CA PRO B 477 -15.66 27.29 28.39
C PRO B 477 -14.82 27.98 29.45
N TYR B 478 -13.61 27.53 29.73
CA TYR B 478 -12.77 28.12 30.76
C TYR B 478 -11.48 28.53 30.04
N THR C 15 -5.15 38.26 -35.75
CA THR C 15 -4.33 37.14 -36.19
C THR C 15 -3.17 36.89 -35.19
N ARG C 16 -2.95 35.61 -34.87
CA ARG C 16 -2.03 35.21 -33.80
C ARG C 16 -0.60 35.63 -34.11
N PRO C 17 0.19 35.98 -33.09
CA PRO C 17 1.56 36.44 -33.34
C PRO C 17 2.51 35.29 -33.60
N ASN C 18 3.59 35.61 -34.30
CA ASN C 18 4.73 34.70 -34.37
C ASN C 18 5.46 34.71 -33.03
N ILE C 19 6.16 33.62 -32.74
CA ILE C 19 6.97 33.52 -31.52
C ILE C 19 8.38 33.07 -31.90
N LEU C 20 9.36 33.93 -31.63
CA LEU C 20 10.78 33.61 -31.83
C LEU C 20 11.48 33.69 -30.48
N VAL C 21 11.88 32.55 -29.93
CA VAL C 21 12.68 32.53 -28.72
C VAL C 21 14.13 32.27 -29.13
N VAL C 22 14.98 33.27 -28.98
CA VAL C 22 16.41 33.13 -29.23
C VAL C 22 17.06 32.89 -27.88
N LEU C 23 17.53 31.66 -27.69
CA LEU C 23 18.05 31.17 -26.43
C LEU C 23 19.56 31.02 -26.54
N CYS C 24 20.29 31.80 -25.74
CA CYS C 24 21.72 31.59 -25.67
C CYS C 24 22.06 30.55 -24.61
N ASP C 25 23.32 30.10 -24.66
CA ASP C 25 23.83 29.02 -23.82
C ASP C 25 24.98 29.58 -23.01
N ASP C 26 24.80 29.67 -21.68
CA ASP C 26 25.81 30.17 -20.73
C ASP C 26 26.14 31.65 -20.94
N LEU C 27 25.19 32.47 -21.37
CA LEU C 27 25.46 33.90 -21.52
C LEU C 27 25.44 34.58 -20.15
N GLY C 28 26.51 35.33 -19.85
CA GLY C 28 26.61 35.97 -18.55
C GLY C 28 25.68 37.16 -18.38
N TYR C 29 25.37 37.44 -17.11
CA TYR C 29 24.37 38.46 -16.76
C TYR C 29 24.77 39.83 -17.24
N ALA C 30 26.07 40.12 -17.30
CA ALA C 30 26.55 41.42 -17.72
C ALA C 30 27.16 41.37 -19.12
N ASP C 31 26.73 40.41 -19.95
CA ASP C 31 27.38 40.16 -21.22
C ASP C 31 26.53 40.57 -22.42
N VAL C 32 25.49 41.38 -22.20
CA VAL C 32 24.81 42.06 -23.29
C VAL C 32 24.73 43.53 -22.93
N GLY C 33 24.74 44.38 -23.97
CA GLY C 33 24.70 45.82 -23.75
C GLY C 33 23.51 46.26 -22.91
N PHE C 34 22.31 45.79 -23.28
CA PHE C 34 21.12 46.26 -22.56
C PHE C 34 21.11 45.84 -21.09
N ASN C 35 21.98 44.93 -20.68
CA ASN C 35 22.03 44.51 -19.29
C ASN C 35 23.31 44.96 -18.60
N GLY C 36 24.03 45.92 -19.19
CA GLY C 36 25.15 46.55 -18.52
C GLY C 36 26.52 46.25 -19.07
N SER C 37 26.64 45.50 -20.16
CA SER C 37 27.98 45.16 -20.65
C SER C 37 28.71 46.41 -21.09
N THR C 38 29.96 46.52 -20.66
CA THR C 38 30.82 47.65 -20.97
C THR C 38 31.82 47.37 -22.08
N ASP C 39 32.13 46.10 -22.35
CA ASP C 39 33.14 45.73 -23.33
C ASP C 39 32.60 44.89 -24.48
N ILE C 40 31.48 44.21 -24.29
CA ILE C 40 30.83 43.44 -25.35
C ILE C 40 29.75 44.30 -25.96
N LEU C 41 29.81 44.49 -27.28
CA LEU C 41 28.84 45.29 -28.00
C LEU C 41 27.79 44.37 -28.61
N THR C 42 26.53 44.63 -28.30
CA THR C 42 25.39 43.90 -28.85
C THR C 42 24.35 44.89 -29.36
N PRO C 43 24.71 45.71 -30.35
CA PRO C 43 23.80 46.79 -30.77
C PRO C 43 22.43 46.31 -31.24
N GLU C 44 22.36 45.24 -32.03
CA GLU C 44 21.06 44.77 -32.49
C GLU C 44 20.20 44.26 -31.34
N LEU C 45 20.76 43.39 -30.48
CA LEU C 45 20.02 42.95 -29.29
C LEU C 45 19.62 44.14 -28.44
N ASP C 46 20.51 45.12 -28.32
CA ASP C 46 20.18 46.31 -27.54
C ASP C 46 19.00 47.04 -28.16
N ASN C 47 18.97 47.15 -29.49
CA ASN C 47 17.87 47.84 -30.16
C ASN C 47 16.53 47.16 -29.85
N LEU C 48 16.48 45.84 -29.98
CA LEU C 48 15.24 45.12 -29.66
C LEU C 48 14.81 45.39 -28.22
N ALA C 49 15.76 45.33 -27.29
CA ALA C 49 15.41 45.51 -25.88
C ALA C 49 14.88 46.92 -25.63
N GLN C 50 15.57 47.93 -26.16
CA GLN C 50 15.14 49.31 -25.93
C GLN C 50 13.76 49.55 -26.50
N ASN C 51 13.37 48.82 -27.54
CA ASN C 51 12.05 48.96 -28.14
C ASN C 51 11.04 47.95 -27.57
N GLY C 52 11.33 47.37 -26.41
CA GLY C 52 10.41 46.45 -25.76
C GLY C 52 10.53 46.54 -24.26
N SER C 53 10.35 45.40 -23.59
CA SER C 53 10.40 45.33 -22.14
C SER C 53 11.59 44.49 -21.70
N ILE C 54 12.48 45.08 -20.89
CA ILE C 54 13.60 44.40 -20.23
C ILE C 54 13.14 43.84 -18.90
N PHE C 55 13.53 42.60 -18.61
CA PHE C 55 13.16 41.94 -17.37
C PHE C 55 14.38 41.93 -16.44
N THR C 56 14.34 42.76 -15.40
CA THR C 56 15.51 42.89 -14.53
C THR C 56 15.57 41.82 -13.45
N SER C 57 14.54 40.98 -13.32
CA SER C 57 14.57 39.87 -12.39
C SER C 57 13.98 38.64 -13.10
N ALA C 58 14.68 38.15 -14.12
CA ALA C 58 14.30 36.95 -14.84
C ALA C 58 15.10 35.74 -14.36
N TYR C 59 14.43 34.61 -14.19
CA TYR C 59 15.06 33.41 -13.69
C TYR C 59 14.75 32.21 -14.59
N VAL C 60 15.73 31.33 -14.75
CA VAL C 60 15.48 30.02 -15.33
C VAL C 60 15.24 29.05 -14.19
N ALA C 61 14.68 27.88 -14.53
CA ALA C 61 14.24 26.94 -13.51
C ALA C 61 15.36 26.05 -13.00
N HIS C 62 16.57 26.17 -13.52
CA HIS C 62 17.68 25.36 -13.01
C HIS C 62 18.98 26.04 -13.45
N PRO C 63 20.05 25.94 -12.65
CA PRO C 63 21.28 26.68 -13.01
C PRO C 63 22.20 26.01 -14.02
N PHE C 64 21.76 24.99 -14.77
CA PHE C 64 22.60 24.52 -15.88
C PHE C 64 21.75 23.88 -16.98
N CYS C 65 22.42 23.58 -18.10
CA CYS C 65 21.85 23.29 -19.42
C CYS C 65 20.60 22.44 -19.42
N DDZ C 65 22.40 23.55 -18.10
CA DDZ C 65 21.79 23.37 -19.45
C DDZ C 65 20.57 22.43 -19.44
O DDZ C 65 19.44 22.94 -19.59
OG1 DDZ C 65 23.88 23.80 -20.65
OG2 DDZ C 65 23.33 21.60 -20.08
CB DDZ C 65 22.82 22.87 -20.46
N GLY C 66 20.78 21.13 -19.34
CA GLY C 66 19.73 20.16 -19.63
C GLY C 66 18.42 20.37 -18.90
N PRO C 67 18.47 20.41 -17.58
CA PRO C 67 17.21 20.59 -16.83
C PRO C 67 16.52 21.91 -17.14
N SER C 68 17.30 22.97 -17.32
CA SER C 68 16.70 24.25 -17.67
C SER C 68 15.97 24.16 -19.00
N ARG C 69 16.60 23.53 -20.00
CA ARG C 69 15.98 23.40 -21.31
C ARG C 69 14.79 22.47 -21.24
N SER C 70 14.91 21.39 -20.48
CA SER C 70 13.74 20.57 -20.17
C SER C 70 12.62 21.41 -19.59
N ALA C 71 12.96 22.33 -18.68
CA ALA C 71 11.93 23.16 -18.05
C ALA C 71 11.31 24.10 -19.05
N ILE C 72 12.11 24.68 -19.94
CA ILE C 72 11.55 25.61 -20.91
C ILE C 72 10.50 24.90 -21.77
N LEU C 73 10.82 23.69 -22.24
CA LEU C 73 9.91 23.04 -23.18
C LEU C 73 8.78 22.30 -22.50
N THR C 74 8.99 21.74 -21.31
CA THR C 74 7.88 21.08 -20.65
C THR C 74 7.02 22.02 -19.82
N GLY C 75 7.55 23.20 -19.46
CA GLY C 75 6.83 24.12 -18.58
C GLY C 75 6.75 23.68 -17.14
N ARG C 76 7.55 22.71 -16.74
CA ARG C 76 7.53 22.18 -15.39
C ARG C 76 8.95 22.16 -14.86
N TYR C 77 9.08 22.30 -13.54
CA TYR C 77 10.39 22.17 -12.91
C TYR C 77 10.97 20.81 -13.24
N PRO C 78 12.28 20.73 -13.54
CA PRO C 78 12.86 19.43 -13.85
C PRO C 78 12.78 18.43 -12.70
N HIS C 79 12.63 18.90 -11.45
CA HIS C 79 12.47 17.99 -10.33
C HIS C 79 11.12 17.30 -10.35
N LEU C 80 10.17 17.80 -11.14
CA LEU C 80 8.87 17.13 -11.24
C LEU C 80 8.77 16.21 -12.45
N THR C 81 9.66 16.36 -13.43
CA THR C 81 9.67 15.51 -14.60
C THR C 81 10.76 14.45 -14.55
N GLY C 82 11.62 14.49 -13.52
CA GLY C 82 12.71 13.56 -13.37
C GLY C 82 13.97 13.90 -14.13
N THR C 83 14.09 15.13 -14.60
CA THR C 83 15.14 15.49 -15.56
C THR C 83 16.09 16.54 -15.00
N ALA C 84 16.37 16.48 -13.70
CA ALA C 84 17.20 17.47 -13.01
C ALA C 84 18.69 17.18 -13.09
N TYR C 85 19.10 16.13 -13.79
CA TYR C 85 20.50 15.93 -14.13
C TYR C 85 20.67 16.04 -15.65
N ASN C 86 21.87 16.42 -16.05
CA ASN C 86 22.23 16.43 -17.46
C ASN C 86 22.28 15.01 -18.01
N LEU C 87 21.97 14.88 -19.29
CA LEU C 87 22.35 13.68 -20.02
C LEU C 87 23.86 13.64 -20.15
N PHE C 88 24.45 12.47 -19.92
CA PHE C 88 25.88 12.36 -20.20
C PHE C 88 26.09 12.52 -21.69
N HIS C 89 27.27 13.00 -22.08
CA HIS C 89 27.53 13.14 -23.49
C HIS C 89 27.47 11.76 -24.16
N ASN C 90 27.05 11.76 -25.42
CA ASN C 90 26.84 10.51 -26.16
C ASN C 90 25.84 9.61 -25.46
N SER C 91 24.77 10.18 -24.94
CA SER C 91 23.80 9.36 -24.23
C SER C 91 23.15 8.34 -25.18
N SER C 92 22.51 7.34 -24.59
CA SER C 92 22.01 6.21 -25.36
C SER C 92 21.05 6.70 -26.43
N GLU C 93 21.16 6.10 -27.62
CA GLU C 93 20.30 6.43 -28.74
C GLU C 93 19.23 5.37 -28.98
N ASP C 94 19.11 4.40 -28.09
CA ASP C 94 18.11 3.36 -28.22
C ASP C 94 16.93 3.71 -27.32
N ASP C 95 15.74 3.70 -27.90
CA ASP C 95 14.53 4.02 -27.14
C ASP C 95 14.39 3.17 -25.89
N LYS C 96 14.99 1.97 -25.85
CA LYS C 96 14.80 1.09 -24.70
C LYS C 96 15.30 1.74 -23.41
N ASP C 97 16.50 2.30 -23.42
CA ASP C 97 17.03 3.06 -22.27
C ASP C 97 16.57 4.52 -22.35
N ASN C 98 15.30 4.75 -22.00
CA ASN C 98 14.66 6.07 -22.00
C ASN C 98 15.53 7.24 -21.53
N MET C 99 16.68 7.48 -22.19
CA MET C 99 17.59 8.57 -21.84
C MET C 99 17.16 9.86 -22.55
N GLY C 100 16.04 10.40 -22.09
CA GLY C 100 15.50 11.63 -22.66
C GLY C 100 14.25 12.02 -21.90
N VAL C 101 13.82 13.26 -22.13
CA VAL C 101 12.68 13.82 -21.40
C VAL C 101 11.43 12.97 -21.67
N PRO C 102 10.72 12.52 -20.64
CA PRO C 102 9.54 11.66 -20.81
C PRO C 102 8.60 12.14 -21.91
N VAL C 103 8.23 11.22 -22.81
CA VAL C 103 7.43 11.57 -23.97
C VAL C 103 5.96 11.83 -23.63
N GLU C 104 5.49 11.38 -22.47
CA GLU C 104 4.12 11.73 -22.09
C GLU C 104 3.99 13.21 -21.70
N GLU C 105 5.10 13.86 -21.36
CA GLU C 105 5.13 15.27 -20.97
C GLU C 105 5.14 16.12 -22.24
N THR C 106 4.00 16.70 -22.59
CA THR C 106 3.86 17.38 -23.88
C THR C 106 4.60 18.71 -23.92
N TYR C 107 5.45 18.88 -24.94
CA TYR C 107 6.17 20.13 -25.15
C TYR C 107 5.25 21.22 -25.70
N MET C 108 5.59 22.47 -25.42
CA MET C 108 4.81 23.57 -25.96
C MET C 108 4.91 23.64 -27.49
N SER C 109 5.95 23.05 -28.10
CA SER C 109 6.01 23.01 -29.55
C SER C 109 4.92 22.11 -30.12
N LYS C 110 4.70 20.94 -29.51
CA LYS C 110 3.62 20.07 -29.98
C LYS C 110 2.26 20.75 -29.81
N VAL C 111 2.04 21.43 -28.68
CA VAL C 111 0.80 22.17 -28.49
C VAL C 111 0.66 23.24 -29.57
N LEU C 112 1.73 23.98 -29.82
CA LEU C 112 1.69 25.02 -30.83
C LEU C 112 1.54 24.42 -32.22
N GLN C 113 2.15 23.25 -32.46
CA GLN C 113 2.00 22.59 -33.75
C GLN C 113 0.55 22.22 -33.99
N ASN C 114 -0.07 21.55 -33.02
CA ASN C 114 -1.49 21.20 -33.11
C ASN C 114 -2.41 22.41 -33.14
N ALA C 115 -1.88 23.62 -32.95
CA ALA C 115 -2.69 24.84 -33.05
C ALA C 115 -2.48 25.57 -34.37
N GLY C 116 -1.84 24.92 -35.33
CA GLY C 116 -1.69 25.50 -36.65
C GLY C 116 -0.44 26.31 -36.84
N TYR C 117 0.52 26.22 -35.93
CA TYR C 117 1.78 26.92 -36.06
C TYR C 117 2.78 26.09 -36.85
N TYR C 118 3.59 26.77 -37.68
CA TYR C 118 4.77 26.15 -38.26
C TYR C 118 5.91 26.21 -37.25
N THR C 119 6.39 25.04 -36.81
CA THR C 119 7.33 24.94 -35.70
C THR C 119 8.73 24.55 -36.20
N SER C 120 9.74 25.16 -35.59
CA SER C 120 11.12 25.01 -36.03
C SER C 120 12.06 25.09 -34.83
N ALA C 121 12.98 24.13 -34.75
CA ALA C 121 14.03 24.11 -33.73
C ALA C 121 15.38 24.16 -34.41
N ILE C 122 16.25 25.03 -33.91
CA ILE C 122 17.57 25.24 -34.50
C ILE C 122 18.62 25.20 -33.39
N GLY C 123 19.76 24.58 -33.68
CA GLY C 123 20.89 24.61 -32.77
C GLY C 123 20.86 23.44 -31.81
N LYS C 124 21.05 23.73 -30.53
CA LYS C 124 21.28 22.71 -29.51
C LYS C 124 19.97 22.07 -29.09
N TRP C 125 20.02 20.75 -28.85
CA TRP C 125 18.86 20.01 -28.35
C TRP C 125 19.10 19.59 -26.92
N HIS C 126 19.77 18.46 -26.66
CA HIS C 126 20.12 17.93 -25.34
C HIS C 126 18.91 17.46 -24.53
N LEU C 127 17.82 17.10 -25.20
CA LEU C 127 16.63 16.59 -24.54
C LEU C 127 16.40 15.12 -24.83
N GLY C 128 17.41 14.43 -25.33
CA GLY C 128 17.30 13.01 -25.62
C GLY C 128 17.75 12.68 -27.02
N ALA C 129 18.69 11.74 -27.16
CA ALA C 129 19.28 11.42 -28.45
C ALA C 129 18.67 10.19 -29.10
N ALA C 130 17.77 9.52 -28.44
CA ALA C 130 17.06 8.41 -29.04
C ALA C 130 15.85 8.93 -29.82
N PRO C 131 15.42 8.20 -30.86
CA PRO C 131 14.42 8.75 -31.80
C PRO C 131 13.13 9.22 -31.14
N LYS C 132 12.64 8.52 -30.12
CA LYS C 132 11.39 8.95 -29.50
C LYS C 132 11.50 10.33 -28.86
N PHE C 133 12.73 10.83 -28.67
CA PHE C 133 12.98 12.16 -28.12
C PHE C 133 13.37 13.16 -29.19
N HIS C 134 13.38 12.75 -30.46
CA HIS C 134 13.87 13.63 -31.51
C HIS C 134 12.91 14.80 -31.69
N PRO C 135 13.44 15.98 -32.07
CA PRO C 135 12.56 17.14 -32.25
C PRO C 135 11.38 16.87 -33.18
N ASN C 136 11.57 16.10 -34.26
CA ASN C 136 10.50 15.91 -35.22
C ASN C 136 9.32 15.15 -34.62
N LYS C 137 9.56 14.35 -33.59
CA LYS C 137 8.50 13.66 -32.87
C LYS C 137 7.95 14.47 -31.69
N ARG C 138 8.56 15.61 -31.37
CA ARG C 138 8.15 16.43 -30.23
C ARG C 138 7.63 17.79 -30.67
N GLY C 139 7.00 17.85 -31.84
CA GLY C 139 6.26 19.03 -32.24
C GLY C 139 6.97 19.98 -33.17
N PHE C 140 8.15 19.64 -33.67
CA PHE C 140 8.90 20.54 -34.53
C PHE C 140 8.81 20.06 -35.96
N ASP C 141 8.19 20.87 -36.82
CA ASP C 141 8.18 20.55 -38.24
C ASP C 141 9.59 20.42 -38.77
N ASP C 142 10.49 21.31 -38.32
CA ASP C 142 11.85 21.35 -38.84
C ASP C 142 12.86 21.40 -37.69
N PHE C 143 13.93 20.63 -37.84
CA PHE C 143 15.04 20.68 -36.89
C PHE C 143 16.35 20.80 -37.64
N TYR C 144 17.18 21.75 -37.23
CA TYR C 144 18.50 21.90 -37.79
C TYR C 144 19.47 22.13 -36.63
N GLY C 145 20.28 21.13 -36.32
CA GLY C 145 21.25 21.28 -35.26
C GLY C 145 21.84 19.94 -34.85
N PHE C 146 22.12 19.80 -33.55
CA PHE C 146 22.72 18.60 -32.98
C PHE C 146 21.92 18.18 -31.75
N LEU C 147 21.96 16.89 -31.44
CA LEU C 147 21.06 16.33 -30.44
C LEU C 147 21.61 16.44 -29.02
N GLY C 148 22.92 16.60 -28.84
CA GLY C 148 23.56 16.59 -27.54
C GLY C 148 23.68 17.97 -26.90
N GLY C 149 24.67 18.09 -26.00
CA GLY C 149 24.84 19.25 -25.15
C GLY C 149 25.81 20.32 -25.64
N GLY C 150 26.59 20.02 -26.67
CA GLY C 150 27.52 21.02 -27.18
C GLY C 150 28.09 20.55 -28.50
N HIS C 151 28.88 21.43 -29.12
CA HIS C 151 29.41 21.10 -30.43
C HIS C 151 30.51 22.07 -30.80
N ASP C 152 31.50 21.55 -31.53
CA ASP C 152 32.52 22.41 -32.11
C ASP C 152 31.91 23.33 -33.15
N TYR C 153 32.55 24.47 -33.35
CA TYR C 153 31.92 25.58 -34.07
C TYR C 153 32.27 25.64 -35.56
N PHE C 154 33.36 25.01 -36.01
CA PHE C 154 33.83 25.12 -37.40
C PHE C 154 33.68 23.78 -38.09
N PRO C 155 32.83 23.66 -39.12
CA PRO C 155 32.64 22.34 -39.77
C PRO C 155 33.90 21.80 -40.42
N SER C 156 34.74 22.66 -40.97
CA SER C 156 36.00 22.19 -41.54
C SER C 156 36.80 21.38 -40.53
N GLU C 157 36.79 21.81 -39.26
CA GLU C 157 37.61 21.12 -38.27
C GLU C 157 36.92 19.86 -37.76
N TYR C 158 35.65 19.95 -37.38
CA TYR C 158 35.08 18.77 -36.74
C TYR C 158 34.67 17.72 -37.75
N GLN C 159 34.35 18.09 -39.00
CA GLN C 159 34.09 17.06 -40.00
C GLN C 159 35.37 16.27 -40.29
N LYS C 160 36.51 16.98 -40.44
CA LYS C 160 37.78 16.29 -40.63
C LYS C 160 38.06 15.34 -39.46
N THR C 161 37.95 15.84 -38.22
CA THR C 161 38.19 14.99 -37.05
C THR C 161 37.21 13.82 -37.04
N TYR C 162 35.95 14.07 -37.38
CA TYR C 162 34.95 13.00 -37.38
C TYR C 162 35.27 11.92 -38.41
N LYS C 163 35.68 12.34 -39.62
CA LYS C 163 36.00 11.38 -40.67
C LYS C 163 37.20 10.51 -40.30
N ALA C 164 38.31 11.14 -39.92
CA ALA C 164 39.51 10.38 -39.58
C ALA C 164 39.23 9.34 -38.51
N GLN C 165 38.60 9.76 -37.42
CA GLN C 165 38.37 8.87 -36.28
C GLN C 165 37.33 7.80 -36.59
N LYS C 166 36.37 8.09 -37.48
CA LYS C 166 35.39 7.08 -37.88
C LYS C 166 36.00 6.01 -38.78
N LYS C 167 36.91 6.40 -39.69
CA LYS C 167 37.56 5.41 -40.53
C LYS C 167 38.52 4.55 -39.73
N ALA C 168 38.96 5.01 -38.55
CA ALA C 168 39.83 4.25 -37.67
C ALA C 168 39.02 3.40 -36.70
N GLY C 169 37.73 3.26 -36.95
CA GLY C 169 36.90 2.49 -36.04
C GLY C 169 36.98 2.95 -34.61
N ASN C 170 37.12 4.26 -34.39
CA ASN C 170 37.09 4.78 -33.03
C ASN C 170 35.73 4.44 -32.46
N PRO C 171 35.65 3.64 -31.40
CA PRO C 171 34.34 3.22 -30.90
C PRO C 171 33.67 4.24 -30.00
N ASN C 172 34.35 5.34 -29.66
CA ASN C 172 33.81 6.37 -28.79
C ASN C 172 34.15 7.76 -29.35
N ILE C 173 33.63 8.08 -30.52
CA ILE C 173 33.81 9.44 -31.04
C ILE C 173 32.94 10.38 -30.23
N ARG C 174 33.51 11.51 -29.81
CA ARG C 174 32.78 12.46 -28.98
C ARG C 174 31.71 13.15 -29.81
N ASP C 175 30.51 13.30 -29.23
CA ASP C 175 29.42 13.88 -30.01
C ASP C 175 29.62 15.36 -30.32
N TYR C 176 30.57 16.03 -29.67
CA TYR C 176 30.88 17.40 -30.06
C TYR C 176 31.39 17.51 -31.49
N VAL C 177 31.74 16.41 -32.13
CA VAL C 177 32.22 16.46 -33.51
C VAL C 177 31.30 15.71 -34.48
N PHE C 178 30.20 15.12 -33.99
CA PHE C 178 29.27 14.46 -34.90
C PHE C 178 28.79 15.46 -35.95
N PRO C 179 28.54 14.99 -37.16
CA PRO C 179 27.85 15.83 -38.16
C PRO C 179 26.48 16.23 -37.65
N MET C 180 26.11 17.48 -37.92
CA MET C 180 24.77 17.95 -37.59
C MET C 180 23.76 17.36 -38.57
N GLU C 181 22.49 17.54 -38.26
CA GLU C 181 21.42 16.93 -39.03
C GLU C 181 20.38 17.99 -39.36
N HIS C 182 19.66 17.73 -40.45
CA HIS C 182 18.52 18.54 -40.89
C HIS C 182 17.38 17.54 -41.00
N ASN C 183 16.61 17.41 -39.92
CA ASN C 183 15.49 16.47 -39.86
C ASN C 183 15.93 15.04 -40.15
N GLY C 184 17.06 14.64 -39.54
CA GLY C 184 17.63 13.31 -39.67
C GLY C 184 18.70 13.15 -40.73
N LYS C 185 18.54 13.75 -41.90
CA LYS C 185 19.56 13.63 -42.92
C LYS C 185 20.74 14.55 -42.56
N PRO C 186 21.94 14.24 -43.04
CA PRO C 186 23.10 15.08 -42.71
C PRO C 186 22.88 16.51 -43.14
N ALA C 187 23.29 17.44 -42.27
CA ALA C 187 23.07 18.86 -42.55
C ALA C 187 24.06 19.42 -43.55
N ASN C 188 25.26 18.83 -43.65
CA ASN C 188 26.33 19.33 -44.51
C ASN C 188 26.56 20.83 -44.30
N GLU C 189 26.75 21.21 -43.04
CA GLU C 189 27.02 22.60 -42.73
C GLU C 189 28.40 22.99 -43.25
N THR C 190 28.54 24.24 -43.72
CA THR C 190 29.80 24.69 -44.27
C THR C 190 30.32 26.00 -43.69
N GLU C 191 29.67 26.57 -42.68
CA GLU C 191 30.14 27.81 -42.10
C GLU C 191 30.05 27.72 -40.58
N TYR C 192 30.78 28.62 -39.90
CA TYR C 192 30.64 28.86 -38.46
C TYR C 192 29.20 28.72 -38.00
N ILE C 193 28.94 27.70 -37.17
CA ILE C 193 27.58 27.21 -37.02
C ILE C 193 26.68 28.27 -36.42
N THR C 194 27.24 29.23 -35.69
CA THR C 194 26.43 30.37 -35.24
C THR C 194 25.84 31.12 -36.42
N ASP C 195 26.66 31.41 -37.43
CA ASP C 195 26.15 32.03 -38.65
C ASP C 195 25.23 31.08 -39.41
N GLY C 196 25.55 29.79 -39.39
CA GLY C 196 24.68 28.80 -40.01
C GLY C 196 23.33 28.70 -39.33
N PHE C 197 23.31 28.81 -37.99
CA PHE C 197 22.07 28.79 -37.26
C PHE C 197 21.22 30.03 -37.55
N SER C 198 21.86 31.20 -37.69
CA SER C 198 21.12 32.40 -38.04
C SER C 198 20.53 32.27 -39.44
N ARG C 199 21.32 31.77 -40.39
CA ARG C 199 20.85 31.58 -41.75
C ARG C 199 19.63 30.66 -41.79
N GLU C 200 19.65 29.58 -40.98
CA GLU C 200 18.52 28.67 -40.95
C GLU C 200 17.30 29.32 -40.30
N ALA C 201 17.50 30.20 -39.31
CA ALA C 201 16.38 30.93 -38.75
C ALA C 201 15.74 31.82 -39.82
N ILE C 202 16.57 32.47 -40.65
CA ILE C 202 16.06 33.30 -41.72
C ILE C 202 15.27 32.45 -42.72
N LYS C 203 15.78 31.28 -43.08
CA LYS C 203 15.05 30.43 -44.02
C LYS C 203 13.73 29.97 -43.43
N ASN C 204 13.70 29.59 -42.17
CA ASN C 204 12.44 29.13 -41.59
C ASN C 204 11.46 30.28 -41.41
N ILE C 205 11.95 31.51 -41.21
CA ILE C 205 11.04 32.65 -41.20
C ILE C 205 10.43 32.85 -42.58
N LYS C 206 11.24 32.71 -43.64
CA LYS C 206 10.72 32.82 -45.00
C LYS C 206 9.79 31.68 -45.35
N ILE C 207 10.01 30.48 -44.82
CA ILE C 207 9.10 29.35 -45.10
C ILE C 207 7.70 29.65 -44.53
N ALA C 208 7.64 30.05 -43.27
CA ALA C 208 6.34 30.34 -42.66
C ALA C 208 5.64 31.49 -43.36
N ALA C 209 6.40 32.51 -43.79
CA ALA C 209 5.77 33.63 -44.49
C ALA C 209 5.13 33.16 -45.80
N ALA C 210 5.83 32.32 -46.55
CA ALA C 210 5.24 31.83 -47.79
C ALA C 210 4.02 30.95 -47.51
N LYS C 211 4.03 30.22 -46.39
CA LYS C 211 2.87 29.43 -46.03
C LYS C 211 1.74 30.28 -45.46
N LYS C 212 1.96 31.58 -45.27
CA LYS C 212 1.02 32.46 -44.58
C LYS C 212 0.53 31.81 -43.29
N GLN C 213 1.49 31.34 -42.49
CA GLN C 213 1.29 30.61 -41.25
C GLN C 213 2.07 31.26 -40.12
N PRO C 214 1.50 31.34 -38.92
CA PRO C 214 2.29 31.84 -37.78
C PRO C 214 3.37 30.85 -37.38
N PHE C 215 4.57 31.36 -37.10
CA PHE C 215 5.70 30.49 -36.78
C PHE C 215 6.02 30.50 -35.30
N PHE C 216 6.60 29.39 -34.86
CA PHE C 216 7.27 29.27 -33.56
C PHE C 216 8.67 28.73 -33.81
N ILE C 217 9.68 29.57 -33.60
CA ILE C 217 11.08 29.19 -33.85
C ILE C 217 11.84 29.13 -32.53
N TYR C 218 12.37 27.95 -32.23
CA TYR C 218 13.19 27.72 -31.04
C TYR C 218 14.64 27.74 -31.50
N LEU C 219 15.25 28.92 -31.46
CA LEU C 219 16.60 29.15 -31.98
C LEU C 219 17.57 29.08 -30.81
N ALA C 220 18.11 27.87 -30.59
CA ALA C 220 18.96 27.57 -29.44
C ALA C 220 20.44 27.59 -29.84
N TYR C 221 20.97 28.80 -29.96
CA TYR C 221 22.41 28.97 -30.15
C TYR C 221 23.20 28.22 -29.07
N ASN C 222 24.34 27.64 -29.46
CA ASN C 222 25.26 27.13 -28.45
C ASN C 222 26.26 28.18 -27.98
N ALA C 223 26.40 29.28 -28.72
CA ALA C 223 27.24 30.36 -28.27
C ALA C 223 26.69 31.01 -26.99
N PRO C 224 27.56 31.46 -26.08
CA PRO C 224 29.02 31.30 -26.07
C PRO C 224 29.50 30.13 -25.19
N HIS C 225 28.77 29.02 -25.14
CA HIS C 225 29.20 27.84 -24.43
C HIS C 225 30.51 27.31 -25.04
N VAL C 226 31.31 26.63 -24.22
CA VAL C 226 32.58 26.07 -24.68
C VAL C 226 32.34 25.05 -25.78
N PRO C 227 33.33 24.78 -26.66
CA PRO C 227 34.71 25.33 -26.71
C PRO C 227 34.71 26.80 -27.15
N LEU C 228 35.57 27.65 -26.60
CA LEU C 228 35.64 29.05 -27.04
C LEU C 228 36.28 29.07 -28.42
N GLN C 229 35.44 29.17 -29.46
CA GLN C 229 35.90 29.24 -30.84
C GLN C 229 35.16 30.39 -31.52
N ALA C 230 35.89 31.27 -32.19
CA ALA C 230 35.31 32.47 -32.78
C ALA C 230 35.89 32.73 -34.16
N LYS C 231 35.14 33.49 -34.96
CA LYS C 231 35.60 33.92 -36.27
C LYS C 231 36.60 35.06 -36.15
N ALA C 232 37.61 35.03 -37.02
CA ALA C 232 38.68 36.04 -37.00
C ALA C 232 38.17 37.46 -37.16
N GLU C 233 37.17 37.64 -38.03
CA GLU C 233 36.59 38.96 -38.26
C GLU C 233 35.89 39.50 -37.02
N ASP C 234 35.32 38.61 -36.20
CA ASP C 234 34.66 39.04 -34.97
C ASP C 234 35.67 39.35 -33.88
N VAL C 235 36.67 38.48 -33.69
CA VAL C 235 37.68 38.74 -32.68
C VAL C 235 38.38 40.06 -32.98
N ALA C 236 38.46 40.43 -34.26
CA ALA C 236 39.11 41.66 -34.65
C ALA C 236 38.41 42.89 -34.07
N LYS C 237 37.09 42.79 -33.86
CA LYS C 237 36.37 43.90 -33.25
C LYS C 237 36.64 44.04 -31.76
N PHE C 238 37.35 43.08 -31.15
CA PHE C 238 37.59 43.11 -29.71
C PHE C 238 39.05 42.91 -29.37
N ALA C 239 39.96 43.37 -30.23
CA ALA C 239 41.39 43.20 -29.93
C ALA C 239 41.84 44.03 -28.74
N HIS C 240 41.11 45.11 -28.41
CA HIS C 240 41.41 45.94 -27.24
C HIS C 240 41.10 45.23 -25.94
N ILE C 241 40.57 44.01 -25.98
CA ILE C 241 40.36 43.18 -24.80
C ILE C 241 41.61 42.34 -24.58
N LYS C 242 42.24 42.50 -23.41
CA LYS C 242 43.55 41.89 -23.18
C LYS C 242 43.45 40.39 -22.92
N ASP C 243 42.46 39.96 -22.14
CA ASP C 243 42.32 38.53 -21.85
C ASP C 243 41.82 37.75 -23.06
N LYS C 244 42.57 36.71 -23.46
CA LYS C 244 42.22 35.95 -24.65
C LYS C 244 40.86 35.29 -24.53
N ASP C 245 40.55 34.70 -23.37
CA ASP C 245 39.26 34.04 -23.22
C ASP C 245 38.11 35.04 -23.24
N ARG C 246 38.29 36.19 -22.59
CA ARG C 246 37.26 37.22 -22.65
C ARG C 246 37.07 37.72 -24.09
N ARG C 247 38.17 37.83 -24.84
CA ARG C 247 38.08 38.29 -26.22
C ARG C 247 37.32 37.30 -27.09
N THR C 248 37.68 36.02 -27.02
CA THR C 248 37.00 35.02 -27.84
C THR C 248 35.53 34.95 -27.47
N TYR C 249 35.24 34.96 -26.17
CA TYR C 249 33.86 34.95 -25.70
C TYR C 249 33.07 36.13 -26.24
N ALA C 250 33.67 37.33 -26.17
CA ALA C 250 33.00 38.50 -26.70
C ALA C 250 32.69 38.35 -28.19
N ALA C 251 33.64 37.78 -28.94
CA ALA C 251 33.41 37.55 -30.37
C ALA C 251 32.30 36.53 -30.59
N MET C 252 32.21 35.50 -29.75
CA MET C 252 31.14 34.51 -29.92
C MET C 252 29.79 35.17 -29.71
N VAL C 253 29.68 35.99 -28.66
CA VAL C 253 28.46 36.72 -28.38
C VAL C 253 28.15 37.72 -29.50
N TYR C 254 29.16 38.37 -30.04
CA TYR C 254 28.95 39.35 -31.11
C TYR C 254 28.35 38.67 -32.34
N ALA C 255 28.80 37.46 -32.66
CA ALA C 255 28.26 36.73 -33.80
C ALA C 255 26.77 36.45 -33.64
N VAL C 256 26.31 36.25 -32.39
CA VAL C 256 24.89 36.08 -32.17
C VAL C 256 24.15 37.38 -32.48
N ASP C 257 24.74 38.52 -32.07
CA ASP C 257 24.14 39.81 -32.35
C ASP C 257 24.02 40.06 -33.86
N ARG C 258 25.08 39.76 -34.61
CA ARG C 258 25.00 39.89 -36.06
C ARG C 258 23.88 39.02 -36.63
N GLY C 259 23.77 37.79 -36.15
CA GLY C 259 22.73 36.92 -36.68
C GLY C 259 21.35 37.44 -36.35
N VAL C 260 21.20 38.06 -35.19
CA VAL C 260 19.93 38.69 -34.82
C VAL C 260 19.61 39.86 -35.73
N GLY C 261 20.63 40.63 -36.11
CA GLY C 261 20.41 41.77 -36.99
C GLY C 261 19.87 41.37 -38.34
N LYS C 262 20.38 40.28 -38.91
CA LYS C 262 19.79 39.82 -40.15
C LYS C 262 18.39 39.26 -39.94
N ILE C 263 18.17 38.58 -38.82
CA ILE C 263 16.83 38.04 -38.53
C ILE C 263 15.81 39.16 -38.48
N VAL C 264 16.16 40.29 -37.87
CA VAL C 264 15.24 41.42 -37.82
C VAL C 264 15.03 41.98 -39.22
N GLN C 265 16.11 42.15 -39.99
CA GLN C 265 15.97 42.64 -41.36
C GLN C 265 15.05 41.74 -42.20
N THR C 266 15.19 40.43 -42.08
CA THR C 266 14.29 39.53 -42.78
C THR C 266 12.86 39.68 -42.27
N LEU C 267 12.67 39.84 -40.96
CA LEU C 267 11.33 40.02 -40.42
C LEU C 267 10.66 41.27 -41.01
N LYS C 268 11.45 42.32 -41.25
CA LYS C 268 10.90 43.54 -41.83
C LYS C 268 10.62 43.39 -43.32
N GLU C 269 11.48 42.67 -44.05
CA GLU C 269 11.22 42.41 -45.47
C GLU C 269 9.97 41.57 -45.68
N THR C 270 9.79 40.52 -44.88
CA THR C 270 8.60 39.69 -44.96
C THR C 270 7.39 40.27 -44.22
N LYS C 271 7.47 41.52 -43.75
CA LYS C 271 6.36 42.17 -43.03
C LYS C 271 5.81 41.32 -41.89
N GLN C 272 6.67 40.51 -41.26
CA GLN C 272 6.30 39.74 -40.08
C GLN C 272 6.78 40.39 -38.79
N PHE C 273 7.51 41.50 -38.88
CA PHE C 273 8.21 42.06 -37.72
C PHE C 273 7.24 42.50 -36.64
N ASP C 274 6.25 43.31 -37.02
CA ASP C 274 5.44 43.99 -36.01
C ASP C 274 4.62 43.03 -35.18
N ASN C 275 4.17 41.91 -35.77
CA ASN C 275 3.40 40.90 -35.03
C ASN C 275 4.22 39.65 -34.73
N THR C 276 5.50 39.81 -34.46
CA THR C 276 6.35 38.75 -33.94
C THR C 276 6.74 39.08 -32.50
N LEU C 277 6.48 38.16 -31.58
CA LEU C 277 7.00 38.26 -30.22
C LEU C 277 8.38 37.60 -30.21
N ILE C 278 9.42 38.41 -29.98
CA ILE C 278 10.78 37.93 -29.85
C ILE C 278 11.12 37.86 -28.38
N VAL C 279 11.45 36.67 -27.88
CA VAL C 279 11.92 36.49 -26.51
C VAL C 279 13.38 36.03 -26.55
N PHE C 280 14.25 36.81 -25.92
CA PHE C 280 15.68 36.53 -25.86
C PHE C 280 16.07 36.28 -24.41
N LEU C 281 16.84 35.24 -24.16
CA LEU C 281 17.28 34.92 -22.81
C LEU C 281 18.49 33.99 -22.87
N SER C 282 19.12 33.81 -21.71
CA SER C 282 20.15 32.81 -21.53
C SER C 282 19.56 31.60 -20.80
N ASP C 283 20.14 30.43 -21.04
CA ASP C 283 19.56 29.23 -20.45
C ASP C 283 19.98 29.03 -19.01
N ASN C 284 21.03 29.71 -18.57
CA ASN C 284 21.53 29.68 -17.20
C ASN C 284 22.60 30.77 -17.12
N GLY C 285 23.13 30.99 -15.92
CA GLY C 285 24.14 32.01 -15.75
C GLY C 285 25.44 31.67 -16.47
N GLY C 286 26.25 32.70 -16.68
CA GLY C 286 27.55 32.49 -17.31
C GLY C 286 28.50 31.73 -16.39
N ASN C 287 29.40 30.97 -17.03
CA ASN C 287 30.51 30.32 -16.32
C ASN C 287 31.68 31.30 -16.30
N PHE C 288 32.03 31.81 -15.12
CA PHE C 288 33.10 32.79 -15.13
C PHE C 288 34.49 32.14 -15.23
N ASN C 289 34.55 30.81 -15.38
CA ASN C 289 35.80 30.14 -15.74
C ASN C 289 36.02 30.13 -17.24
N HIS C 290 35.02 30.47 -18.04
CA HIS C 290 35.10 30.36 -19.48
C HIS C 290 34.62 31.64 -20.15
N GLY C 291 35.09 32.79 -19.67
CA GLY C 291 34.94 34.05 -20.37
C GLY C 291 33.75 34.90 -19.97
N ALA C 292 32.82 34.37 -19.19
CA ALA C 292 31.58 35.04 -18.85
C ALA C 292 31.75 35.97 -17.64
N ASN C 293 30.83 36.94 -17.54
CA ASN C 293 30.80 37.93 -16.46
C ASN C 293 29.37 38.07 -15.97
N ASN C 294 29.15 37.78 -14.69
CA ASN C 294 27.82 37.81 -14.09
C ASN C 294 27.56 39.04 -13.21
N TYR C 295 28.38 40.09 -13.32
CA TYR C 295 28.19 41.28 -12.50
C TYR C 295 26.77 41.84 -12.67
N PRO C 296 26.13 42.32 -11.59
CA PRO C 296 26.62 42.40 -10.20
C PRO C 296 26.27 41.19 -9.37
N LEU C 297 25.89 40.08 -10.01
CA LEU C 297 25.45 38.93 -9.23
C LEU C 297 26.66 38.21 -8.66
N LYS C 298 26.41 37.44 -7.60
CA LYS C 298 27.42 36.60 -7.00
C LYS C 298 27.37 35.22 -7.66
N GLY C 299 28.53 34.62 -7.85
CA GLY C 299 28.56 33.24 -8.28
C GLY C 299 28.52 33.07 -9.78
N THR C 300 28.31 31.80 -10.15
CA THR C 300 28.59 31.34 -11.50
C THR C 300 27.62 30.22 -11.86
N LYS C 301 27.66 29.83 -13.14
CA LYS C 301 26.88 28.71 -13.66
C LYS C 301 26.91 27.52 -12.71
N GLY C 302 25.73 27.01 -12.37
CA GLY C 302 25.59 25.90 -11.46
C GLY C 302 25.24 26.29 -10.03
N ASP C 303 25.37 27.56 -9.69
CA ASP C 303 25.11 28.01 -8.32
C ASP C 303 23.64 28.31 -8.10
N THR C 304 23.23 28.26 -6.84
CA THR C 304 21.96 28.84 -6.44
C THR C 304 22.12 30.27 -5.92
N TRP C 305 23.33 30.84 -5.94
CA TRP C 305 23.47 32.29 -5.96
C TRP C 305 22.75 32.84 -7.19
N GLU C 306 22.44 34.13 -7.17
CA GLU C 306 21.80 34.73 -8.34
C GLU C 306 22.57 34.45 -9.62
N GLY C 307 23.91 34.41 -9.54
CA GLY C 307 24.73 34.24 -10.73
C GLY C 307 24.49 32.95 -11.49
N GLY C 308 23.94 31.93 -10.83
CA GLY C 308 23.68 30.67 -11.48
C GLY C 308 22.46 30.62 -12.40
N TYR C 309 21.36 31.27 -12.01
CA TYR C 309 20.13 31.08 -12.77
C TYR C 309 19.36 32.37 -13.01
N ARG C 310 19.92 33.53 -12.67
CA ARG C 310 19.34 34.82 -13.03
C ARG C 310 19.98 35.29 -14.33
N VAL C 311 19.15 35.55 -15.35
CA VAL C 311 19.63 35.70 -16.73
C VAL C 311 19.07 36.99 -17.30
N PRO C 312 19.72 37.54 -18.32
CA PRO C 312 19.07 38.61 -19.10
C PRO C 312 17.90 38.06 -19.91
N MET C 313 16.91 38.92 -20.12
CA MET C 313 15.74 38.57 -20.90
C MET C 313 15.00 39.84 -21.31
N PHE C 314 14.50 39.85 -22.54
CA PHE C 314 13.57 40.88 -22.97
C PHE C 314 12.46 40.24 -23.81
N PHE C 315 11.32 40.93 -23.86
CA PHE C 315 10.24 40.69 -24.82
C PHE C 315 10.18 41.86 -25.79
N HIS C 316 10.03 41.57 -27.08
CA HIS C 316 9.91 42.62 -28.09
C HIS C 316 8.77 42.26 -29.04
N TRP C 317 7.75 43.12 -29.05
CA TRP C 317 6.53 42.87 -29.81
C TRP C 317 5.87 44.20 -30.11
N PRO C 318 6.24 44.85 -31.22
CA PRO C 318 5.78 46.24 -31.43
C PRO C 318 4.27 46.40 -31.39
N LYS C 319 3.51 45.42 -31.88
CA LYS C 319 2.06 45.57 -31.93
C LYS C 319 1.44 45.77 -30.55
N LYS C 320 2.09 45.31 -29.49
CA LYS C 320 1.44 45.39 -28.19
C LYS C 320 2.34 45.87 -27.05
N ILE C 321 3.63 45.57 -27.04
CA ILE C 321 4.51 45.95 -25.92
C ILE C 321 5.11 47.32 -26.18
N LYS C 322 4.93 48.24 -25.24
CA LYS C 322 5.46 49.59 -25.35
C LYS C 322 6.97 49.57 -25.23
N LYS C 323 7.62 50.54 -25.88
CA LYS C 323 9.07 50.66 -25.88
C LYS C 323 9.58 51.25 -24.56
N ASP C 324 10.88 51.06 -24.32
CA ASP C 324 11.58 51.59 -23.14
C ASP C 324 10.97 51.11 -21.84
N GLN C 325 10.32 49.94 -21.87
CA GLN C 325 9.73 49.39 -20.65
C GLN C 325 10.78 48.60 -19.88
N ARG C 326 10.72 48.68 -18.55
CA ARG C 326 11.49 47.82 -17.67
C ARG C 326 10.53 47.14 -16.70
N PHE C 327 10.50 45.81 -16.75
CA PHE C 327 9.63 45.00 -15.91
C PHE C 327 10.47 44.41 -14.77
N ASP C 328 10.20 44.86 -13.55
CA ASP C 328 11.04 44.57 -12.39
C ASP C 328 10.48 43.48 -11.49
N PHE C 329 9.32 42.94 -11.81
CA PHE C 329 8.84 41.86 -10.98
C PHE C 329 9.50 40.55 -11.37
N PRO C 330 9.70 39.64 -10.42
CA PRO C 330 10.33 38.36 -10.75
C PRO C 330 9.45 37.54 -11.67
N VAL C 331 10.06 37.04 -12.75
CA VAL C 331 9.41 36.12 -13.68
C VAL C 331 10.30 34.89 -13.85
N SER C 332 9.73 33.85 -14.45
CA SER C 332 10.42 32.58 -14.63
C SER C 332 10.39 32.12 -16.08
N SER C 333 11.41 31.35 -16.46
CA SER C 333 11.36 30.73 -17.79
C SER C 333 10.18 29.76 -17.93
N LEU C 334 9.67 29.24 -16.81
CA LEU C 334 8.47 28.42 -16.83
C LEU C 334 7.24 29.17 -17.35
N ASP C 335 7.30 30.49 -17.39
CA ASP C 335 6.16 31.28 -17.81
C ASP C 335 5.98 31.28 -19.32
N LEU C 336 7.02 30.93 -20.08
CA LEU C 336 6.92 31.00 -21.52
C LEU C 336 5.93 29.99 -22.07
N TYR C 337 5.91 28.77 -21.50
CA TYR C 337 5.01 27.73 -21.98
C TYR C 337 3.55 28.18 -21.90
N PRO C 338 2.99 28.52 -20.73
CA PRO C 338 1.59 28.98 -20.71
C PRO C 338 1.40 30.30 -21.41
N THR C 339 2.40 31.17 -21.46
CA THR C 339 2.27 32.43 -22.19
C THR C 339 2.16 32.19 -23.69
N PHE C 340 2.94 31.26 -24.24
CA PHE C 340 2.92 31.09 -25.69
C PHE C 340 1.61 30.46 -26.13
N THR C 341 1.19 29.39 -25.46
CA THR C 341 -0.06 28.74 -25.83
C THR C 341 -1.25 29.67 -25.65
N GLY C 342 -1.21 30.52 -24.61
CA GLY C 342 -2.21 31.57 -24.49
C GLY C 342 -2.24 32.47 -25.69
N LEU C 343 -1.08 32.98 -26.11
CA LEU C 343 -1.03 33.81 -27.30
C LEU C 343 -1.49 33.03 -28.52
N ALA C 344 -1.27 31.73 -28.52
CA ALA C 344 -1.65 30.87 -29.63
C ALA C 344 -3.12 30.50 -29.60
N GLU C 345 -3.84 30.93 -28.57
CA GLU C 345 -5.24 30.56 -28.38
C GLU C 345 -5.36 29.04 -28.44
N ALA C 346 -4.29 28.36 -28.05
CA ALA C 346 -4.22 26.91 -28.12
C ALA C 346 -4.75 26.28 -26.84
N LYS C 347 -5.23 25.04 -26.98
CA LYS C 347 -5.71 24.28 -25.84
C LYS C 347 -4.60 23.43 -25.25
N LEU C 348 -4.54 23.36 -23.93
CA LEU C 348 -3.53 22.52 -23.29
C LEU C 348 -3.95 21.06 -23.34
N PRO C 349 -2.98 20.14 -23.36
CA PRO C 349 -3.32 18.71 -23.36
C PRO C 349 -4.07 18.32 -22.10
N LYS C 350 -4.95 17.32 -22.23
CA LYS C 350 -5.68 16.81 -21.09
C LYS C 350 -4.67 16.17 -20.13
N GLY C 351 -4.61 16.69 -18.91
CA GLY C 351 -3.69 16.21 -17.90
C GLY C 351 -2.34 16.90 -17.87
N LYS C 352 -2.18 18.00 -18.61
CA LYS C 352 -0.92 18.74 -18.62
C LYS C 352 -0.82 19.64 -17.39
N GLN C 353 0.21 19.43 -16.57
CA GLN C 353 0.47 20.28 -15.42
C GLN C 353 1.56 21.30 -15.77
N LEU C 354 1.39 22.54 -15.29
CA LEU C 354 2.30 23.64 -15.58
C LEU C 354 2.69 24.37 -14.30
N ASP C 355 3.96 24.79 -14.22
CA ASP C 355 4.47 25.47 -13.05
C ASP C 355 4.62 26.97 -13.21
N GLY C 356 4.47 27.49 -14.42
CA GLY C 356 4.49 28.91 -14.65
C GLY C 356 3.09 29.46 -14.87
N LYS C 357 3.06 30.71 -15.36
CA LYS C 357 1.82 31.42 -15.51
C LYS C 357 1.87 32.25 -16.79
N ASN C 358 0.71 32.46 -17.39
CA ASN C 358 0.62 33.40 -18.50
C ASN C 358 0.81 34.79 -17.91
N ILE C 359 1.88 35.46 -18.31
CA ILE C 359 2.26 36.74 -17.74
C ILE C 359 2.10 37.87 -18.76
N MET C 360 1.48 37.59 -19.91
CA MET C 360 1.43 38.60 -20.96
C MET C 360 0.67 39.85 -20.54
N ASP C 361 -0.47 39.68 -19.86
CA ASP C 361 -1.20 40.84 -19.37
C ASP C 361 -0.40 41.58 -18.31
N ASP C 362 0.20 40.84 -17.38
CA ASP C 362 1.07 41.46 -16.38
C ASP C 362 2.14 42.30 -17.04
N VAL C 363 2.72 41.82 -18.13
CA VAL C 363 3.75 42.58 -18.81
C VAL C 363 3.17 43.84 -19.44
N LEU C 364 1.99 43.72 -20.05
CA LEU C 364 1.39 44.88 -20.70
C LEU C 364 0.87 45.90 -19.69
N LYS C 365 0.42 45.43 -18.52
CA LYS C 365 -0.10 46.34 -17.49
C LYS C 365 0.87 46.55 -16.33
N ASN C 366 2.08 45.99 -16.40
CA ASN C 366 3.13 46.12 -15.39
C ASN C 366 2.62 45.80 -13.98
N THR C 367 2.15 44.56 -13.81
CA THR C 367 1.62 44.04 -12.56
C THR C 367 2.38 42.78 -12.14
N GLU C 368 2.27 42.43 -10.85
CA GLU C 368 3.05 41.36 -10.21
C GLU C 368 2.51 39.95 -10.44
N PRO C 369 3.19 39.11 -11.22
CA PRO C 369 2.73 37.72 -11.41
C PRO C 369 2.98 36.77 -10.25
N TYR C 370 3.96 37.06 -9.36
CA TYR C 370 4.33 36.13 -8.30
C TYR C 370 4.16 36.73 -6.90
N LYS C 371 3.19 37.62 -6.72
CA LYS C 371 2.90 38.18 -5.40
C LYS C 371 2.49 37.09 -4.43
N ASP C 372 3.21 36.99 -3.31
CA ASP C 372 2.99 35.97 -2.29
C ASP C 372 3.26 34.56 -2.81
N GLU C 373 3.96 34.46 -3.95
CA GLU C 373 4.31 33.18 -4.57
C GLU C 373 5.81 33.10 -4.78
N MET C 374 6.32 31.89 -5.05
CA MET C 374 7.74 31.61 -5.04
C MET C 374 8.31 31.32 -6.44
N ILE C 375 9.57 31.67 -6.62
CA ILE C 375 10.41 31.17 -7.71
C ILE C 375 11.55 30.38 -7.08
N TYR C 376 11.71 29.13 -7.49
CA TYR C 376 12.56 28.17 -6.80
C TYR C 376 13.80 27.81 -7.60
N SER C 377 14.79 27.26 -6.89
CA SER C 377 15.90 26.55 -7.51
C SER C 377 16.45 25.55 -6.49
N LEU C 378 16.69 24.32 -6.93
CA LEU C 378 17.36 23.32 -6.11
C LEU C 378 18.29 22.53 -7.01
N ARG C 379 19.57 22.51 -6.67
CA ARG C 379 20.56 21.85 -7.48
C ARG C 379 21.22 20.74 -6.67
N TYR C 380 21.20 19.52 -7.22
CA TYR C 380 21.81 18.40 -6.52
C TYR C 380 23.34 18.50 -6.56
N ARG C 381 23.97 18.23 -5.43
CA ARG C 381 25.42 18.17 -5.28
C ARG C 381 25.82 16.78 -4.81
N GLU C 382 27.11 16.61 -4.51
CA GLU C 382 27.65 15.31 -4.10
C GLU C 382 27.36 15.09 -2.60
N GLY C 383 26.10 14.78 -2.31
CA GLY C 383 25.68 14.45 -0.96
C GLY C 383 24.83 15.49 -0.26
N TYR C 384 24.52 16.62 -0.90
CA TYR C 384 23.72 17.69 -0.30
C TYR C 384 23.07 18.45 -1.45
N ASN C 385 22.26 19.45 -1.10
CA ASN C 385 21.58 20.26 -2.10
C ASN C 385 21.86 21.75 -1.88
N ASP C 386 22.06 22.47 -2.98
CA ASP C 386 22.06 23.93 -2.99
C ASP C 386 20.64 24.43 -3.27
N VAL C 387 20.22 25.49 -2.57
CA VAL C 387 18.85 25.96 -2.66
C VAL C 387 18.82 27.46 -2.93
N GLY C 388 17.78 27.89 -3.65
CA GLY C 388 17.46 29.29 -3.79
C GLY C 388 15.96 29.49 -3.92
N ALA C 389 15.42 30.53 -3.27
CA ALA C 389 13.99 30.81 -3.29
C ALA C 389 13.77 32.29 -3.03
N ARG C 390 13.00 32.95 -3.90
CA ARG C 390 12.73 34.36 -3.81
C ARG C 390 11.23 34.64 -3.74
N MET C 391 10.85 35.60 -2.87
CA MET C 391 9.50 36.15 -2.78
C MET C 391 9.60 37.66 -2.71
N GLY C 392 9.13 38.37 -3.72
CA GLY C 392 9.16 39.81 -3.66
C GLY C 392 10.59 40.33 -3.60
N ASP C 393 10.92 41.03 -2.50
CA ASP C 393 12.25 41.57 -2.29
C ASP C 393 13.17 40.62 -1.52
N TRP C 394 12.67 39.45 -1.09
CA TRP C 394 13.39 38.57 -0.19
C TRP C 394 13.80 37.27 -0.87
N LYS C 395 15.03 36.82 -0.60
CA LYS C 395 15.57 35.57 -1.14
C LYS C 395 16.33 34.80 -0.06
N ILE C 396 16.15 33.48 -0.04
CA ILE C 396 16.96 32.59 0.79
C ILE C 396 17.88 31.77 -0.11
N THR C 397 19.03 31.40 0.45
CA THR C 397 20.08 30.70 -0.27
C THR C 397 20.77 29.75 0.70
N ARG C 398 21.00 28.51 0.26
CA ARG C 398 21.95 27.61 0.88
C ARG C 398 22.93 27.14 -0.20
N MET C 399 24.20 27.38 0.01
CA MET C 399 25.26 26.98 -0.89
C MET C 399 26.27 26.18 -0.10
N GLY C 400 26.80 25.12 -0.70
CA GLY C 400 27.86 24.32 -0.07
C GLY C 400 27.50 23.67 1.24
N ASN C 401 26.21 23.55 1.53
CA ASN C 401 25.68 23.01 2.79
C ASN C 401 26.02 23.89 3.99
N GLU C 402 26.42 25.14 3.72
CA GLU C 402 26.70 26.13 4.73
C GLU C 402 25.41 26.62 5.40
N PRO C 403 25.52 27.42 6.47
CA PRO C 403 24.31 27.97 7.10
C PRO C 403 23.46 28.74 6.12
N TRP C 404 22.15 28.68 6.34
CA TRP C 404 21.19 29.37 5.49
C TRP C 404 21.40 30.87 5.53
N ARG C 405 21.17 31.51 4.39
CA ARG C 405 21.27 32.96 4.28
C ARG C 405 19.94 33.56 3.85
N LEU C 406 19.62 34.73 4.40
CA LEU C 406 18.46 35.51 4.00
C LEU C 406 18.93 36.87 3.51
N HIS C 407 18.51 37.25 2.32
CA HIS C 407 18.91 38.51 1.74
C HIS C 407 17.70 39.33 1.31
N ASN C 408 17.83 40.64 1.41
CA ASN C 408 16.92 41.53 0.69
C ASN C 408 17.55 41.76 -0.67
N ILE C 409 17.09 40.97 -1.65
CA ILE C 409 17.75 40.95 -2.95
C ILE C 409 17.57 42.27 -3.67
N THR C 410 16.56 43.06 -3.30
CA THR C 410 16.37 44.35 -3.97
C THR C 410 17.43 45.37 -3.56
N GLN C 411 17.83 45.35 -2.29
CA GLN C 411 18.90 46.24 -1.84
C GLN C 411 20.26 45.58 -1.82
N ASP C 412 20.32 44.25 -1.87
CA ASP C 412 21.54 43.50 -1.69
C ASP C 412 21.61 42.46 -2.83
N ILE C 413 21.74 42.97 -4.06
CA ILE C 413 21.69 42.12 -5.24
C ILE C 413 22.85 41.14 -5.27
N GLY C 414 23.98 41.50 -4.65
CA GLY C 414 25.14 40.63 -4.59
C GLY C 414 25.12 39.57 -3.51
N GLU C 415 24.04 39.46 -2.73
CA GLU C 415 23.92 38.45 -1.68
C GLU C 415 25.11 38.51 -0.71
N LYS C 416 25.43 39.72 -0.25
CA LYS C 416 26.56 39.94 0.64
C LYS C 416 26.19 39.99 2.12
N LYS C 417 24.98 40.39 2.44
CA LYS C 417 24.61 40.71 3.82
C LYS C 417 23.58 39.70 4.33
N ASN C 418 24.02 38.76 5.15
CA ASN C 418 23.10 37.76 5.68
C ASN C 418 22.21 38.41 6.76
N LEU C 419 20.90 38.40 6.54
CA LEU C 419 19.92 38.98 7.46
C LEU C 419 19.17 37.92 8.25
N ALA C 420 19.68 36.68 8.26
CA ALA C 420 18.99 35.59 8.96
C ALA C 420 18.80 35.91 10.44
N GLY C 421 19.78 36.55 11.06
CA GLY C 421 19.64 36.89 12.47
C GLY C 421 18.64 38.00 12.71
N ARG C 422 18.56 38.96 11.79
CA ARG C 422 17.69 40.12 11.98
C ARG C 422 16.21 39.76 11.82
N TYR C 423 15.88 38.86 10.91
CA TYR C 423 14.49 38.48 10.67
C TYR C 423 14.35 36.96 10.69
N PRO C 424 14.61 36.32 11.83
CA PRO C 424 14.56 34.85 11.87
C PRO C 424 13.17 34.32 11.62
N ASP C 425 12.16 35.16 11.81
CA ASP C 425 10.81 34.79 11.47
C ASP C 425 10.69 34.52 9.96
N ARG C 426 11.16 35.47 9.15
CA ARG C 426 11.05 35.35 7.70
C ARG C 426 11.77 34.12 7.16
N LEU C 427 12.97 33.84 7.68
CA LEU C 427 13.76 32.72 7.18
C LEU C 427 12.97 31.41 7.22
N LYS C 428 12.42 31.06 8.38
CA LYS C 428 11.76 29.77 8.50
C LYS C 428 10.42 29.71 7.76
N GLU C 429 9.74 30.83 7.58
CA GLU C 429 8.51 30.79 6.78
C GLU C 429 8.84 30.48 5.32
N MET C 430 9.93 31.06 4.81
CA MET C 430 10.37 30.77 3.45
C MET C 430 10.91 29.34 3.33
N ILE C 431 11.58 28.84 4.35
CA ILE C 431 12.01 27.45 4.31
C ILE C 431 10.81 26.51 4.35
N ALA C 432 9.73 26.90 5.04
CA ALA C 432 8.55 26.06 5.13
C ALA C 432 7.95 25.83 3.76
N LYS C 433 7.74 26.92 3.04
CA LYS C 433 7.17 26.82 1.71
C LYS C 433 8.06 26.06 0.74
N THR C 434 9.36 26.34 0.73
CA THR C 434 10.27 25.63 -0.17
C THR C 434 10.30 24.13 0.13
N GLN C 435 10.26 23.77 1.41
CA GLN C 435 10.22 22.34 1.74
C GLN C 435 8.95 21.70 1.21
N GLU C 436 7.82 22.40 1.31
CA GLU C 436 6.56 21.92 0.73
C GLU C 436 6.72 21.67 -0.76
N TRP C 437 7.41 22.58 -1.45
CA TRP C 437 7.71 22.40 -2.88
C TRP C 437 8.44 21.09 -3.15
N THR C 438 9.46 20.78 -2.34
CA THR C 438 10.21 19.53 -2.54
C THR C 438 9.40 18.30 -2.18
N LYS C 439 8.28 18.47 -1.47
CA LYS C 439 7.43 17.32 -1.17
C LYS C 439 6.79 16.75 -2.43
N SER C 440 6.74 17.53 -3.50
CA SER C 440 6.19 17.10 -4.77
C SER C 440 7.24 16.54 -5.73
N PHE C 441 8.50 16.44 -5.33
CA PHE C 441 9.55 16.04 -6.24
C PHE C 441 9.44 14.56 -6.62
N VAL C 442 10.02 14.20 -7.75
CA VAL C 442 10.13 12.81 -8.18
C VAL C 442 11.58 12.37 -8.12
N LYS C 443 11.79 11.06 -8.24
CA LYS C 443 13.13 10.52 -8.34
C LYS C 443 13.72 10.85 -9.71
N PRO C 444 15.02 11.10 -9.78
CA PRO C 444 15.64 11.30 -11.09
C PRO C 444 15.50 10.05 -11.95
N LEU C 445 15.15 10.26 -13.23
CA LEU C 445 15.14 9.16 -14.20
C LEU C 445 16.55 8.69 -14.52
N TRP C 446 17.55 9.55 -14.35
CA TRP C 446 18.95 9.17 -14.46
C TRP C 446 19.75 10.15 -13.62
N VAL C 447 21.00 9.78 -13.32
CA VAL C 447 21.90 10.68 -12.63
C VAL C 447 23.09 10.92 -13.55
N TYR C 448 24.12 11.59 -13.05
CA TYR C 448 25.25 11.98 -13.87
C TYR C 448 26.53 11.21 -13.56
N SER C 449 26.82 10.90 -12.29
CA SER C 449 28.05 10.22 -11.92
C SER C 449 27.77 8.97 -11.11
N VAL C 450 28.76 8.07 -11.07
CA VAL C 450 28.68 6.88 -10.24
C VAL C 450 28.38 7.25 -8.79
N LYS C 451 29.09 8.28 -8.29
CA LYS C 451 28.82 8.77 -6.94
C LYS C 451 27.34 9.08 -6.75
N ASP C 452 26.71 9.74 -7.74
CA ASP C 452 25.28 10.03 -7.64
C ASP C 452 24.47 8.76 -7.42
N LYS C 453 24.77 7.70 -8.19
CA LYS C 453 24.00 6.47 -8.08
C LYS C 453 24.15 5.85 -6.69
N GLU C 454 25.39 5.80 -6.18
CA GLU C 454 25.60 5.26 -4.85
C GLU C 454 24.80 6.05 -3.82
N LEU C 455 24.88 7.38 -3.90
CA LEU C 455 24.25 8.23 -2.90
C LEU C 455 22.74 8.07 -2.89
N TRP C 456 22.13 7.96 -4.07
CA TRP C 456 20.68 7.83 -4.15
C TRP C 456 20.20 6.44 -3.72
N GLU C 457 20.99 5.40 -4.01
CA GLU C 457 20.61 4.05 -3.61
C GLU C 457 20.82 3.85 -2.11
N SER C 458 21.89 4.43 -1.56
CA SER C 458 22.16 4.31 -0.13
C SER C 458 21.27 5.20 0.72
N GLY C 459 20.51 6.11 0.10
CA GLY C 459 19.72 7.07 0.83
C GLY C 459 20.47 8.33 1.22
N GLN C 460 21.78 8.37 0.99
CA GLN C 460 22.57 9.58 1.25
C GLN C 460 22.02 10.79 0.51
N MET C 461 21.44 10.58 -0.68
CA MET C 461 20.66 11.55 -1.45
C MET C 461 19.19 11.13 -1.55
N PRO C 462 18.25 12.08 -1.64
CA PRO C 462 18.44 13.54 -1.67
C PRO C 462 18.46 14.16 -0.27
N ASN C 463 17.82 13.48 0.69
CA ASN C 463 17.73 13.93 2.08
C ASN C 463 17.33 15.40 2.18
N TYR C 464 16.14 15.70 1.65
CA TYR C 464 15.65 17.07 1.70
C TYR C 464 15.49 17.57 3.13
N GLU C 465 15.19 16.69 4.07
CA GLU C 465 14.98 17.14 5.44
C GLU C 465 16.25 17.74 6.06
N ALA C 466 17.40 17.09 5.87
CA ALA C 466 18.65 17.67 6.37
C ALA C 466 18.99 18.98 5.66
N THR C 467 18.67 19.07 4.37
CA THR C 467 18.92 20.30 3.63
C THR C 467 18.15 21.47 4.24
N PHE C 468 16.98 21.21 4.83
CA PHE C 468 16.15 22.27 5.39
C PHE C 468 16.31 22.40 6.91
N GLU C 469 17.33 21.77 7.50
CA GLU C 469 17.76 22.13 8.84
C GLU C 469 18.13 23.61 8.89
N VAL C 470 17.96 24.22 10.06
CA VAL C 470 18.28 25.65 10.19
C VAL C 470 19.12 25.90 11.44
N ASP C 471 18.55 25.60 12.61
CA ASP C 471 19.17 25.99 13.87
C ASP C 471 20.45 25.20 14.13
N LYS C 472 20.47 23.91 13.77
CA LYS C 472 21.62 23.07 14.10
C LYS C 472 22.89 23.55 13.40
N LEU C 473 22.78 24.36 12.35
CA LEU C 473 23.94 24.84 11.60
C LEU C 473 24.65 26.03 12.25
N VAL C 474 23.95 26.81 13.07
CA VAL C 474 24.50 28.04 13.63
C VAL C 474 24.66 27.99 15.14
N ASP C 475 23.93 27.11 15.82
CA ASP C 475 24.01 27.03 17.27
C ASP C 475 25.29 26.31 17.65
N SER C 476 25.96 26.81 18.66
CA SER C 476 27.12 26.17 19.25
C SER C 476 26.67 25.01 20.13
N PRO C 477 27.47 23.94 20.22
CA PRO C 477 27.14 22.85 21.15
C PRO C 477 27.48 23.13 22.60
N TYR C 478 27.90 24.35 22.94
CA TYR C 478 28.34 24.68 24.30
C TYR C 478 27.55 25.86 24.90
N THR D 15 45.43 -24.60 -5.92
CA THR D 15 44.45 -24.94 -4.88
C THR D 15 43.09 -25.28 -5.53
N ARG D 16 42.33 -26.16 -4.86
CA ARG D 16 41.11 -26.71 -5.43
C ARG D 16 40.11 -25.60 -5.76
N PRO D 17 39.34 -25.76 -6.83
CA PRO D 17 38.42 -24.70 -7.26
C PRO D 17 37.11 -24.73 -6.49
N ASN D 18 36.45 -23.57 -6.47
CA ASN D 18 35.06 -23.51 -6.06
C ASN D 18 34.15 -24.12 -7.12
N ILE D 19 33.00 -24.60 -6.67
CA ILE D 19 32.00 -25.20 -7.56
C ILE D 19 30.66 -24.56 -7.24
N LEU D 20 30.09 -23.88 -8.23
CA LEU D 20 28.78 -23.23 -8.13
C LEU D 20 27.86 -23.89 -9.15
N VAL D 21 26.83 -24.56 -8.66
CA VAL D 21 25.81 -25.16 -9.51
C VAL D 21 24.62 -24.22 -9.50
N VAL D 22 24.32 -23.60 -10.63
CA VAL D 22 23.10 -22.83 -10.79
C VAL D 22 22.11 -23.74 -11.50
N LEU D 23 21.12 -24.21 -10.76
CA LEU D 23 20.14 -25.18 -11.25
C LEU D 23 18.80 -24.49 -11.37
N CYS D 24 18.32 -24.35 -12.60
CA CYS D 24 17.00 -23.83 -12.84
C CYS D 24 15.99 -24.97 -12.86
N ASP D 25 14.71 -24.60 -12.77
CA ASP D 25 13.61 -25.53 -12.59
C ASP D 25 12.63 -25.38 -13.75
N ASP D 26 12.56 -26.39 -14.62
CA ASP D 26 11.69 -26.39 -15.80
C ASP D 26 12.09 -25.32 -16.83
N LEU D 27 13.38 -25.01 -16.94
CA LEU D 27 13.84 -24.08 -17.97
C LEU D 27 13.85 -24.80 -19.32
N GLY D 28 13.16 -24.22 -20.32
CA GLY D 28 13.02 -24.86 -21.61
C GLY D 28 14.30 -24.87 -22.42
N TYR D 29 14.38 -25.80 -23.37
CA TYR D 29 15.61 -26.02 -24.12
C TYR D 29 16.06 -24.82 -24.92
N ALA D 30 15.11 -24.02 -25.42
CA ALA D 30 15.39 -22.85 -26.22
C ALA D 30 15.12 -21.55 -25.47
N ASP D 31 15.20 -21.58 -24.14
CA ASP D 31 14.77 -20.45 -23.32
C ASP D 31 15.92 -19.70 -22.67
N VAL D 32 17.17 -19.93 -23.10
CA VAL D 32 18.27 -19.02 -22.82
C VAL D 32 18.92 -18.70 -24.15
N GLY D 33 19.43 -17.47 -24.26
CA GLY D 33 20.02 -17.03 -25.51
C GLY D 33 21.10 -17.95 -26.03
N PHE D 34 22.05 -18.33 -25.16
CA PHE D 34 23.16 -19.15 -25.64
C PHE D 34 22.68 -20.49 -26.15
N ASN D 35 21.42 -20.83 -25.91
CA ASN D 35 20.83 -22.05 -26.44
C ASN D 35 19.78 -21.76 -27.50
N GLY D 36 19.74 -20.53 -28.02
CA GLY D 36 18.96 -20.21 -29.21
C GLY D 36 17.72 -19.35 -29.01
N SER D 37 17.43 -18.89 -27.80
CA SER D 37 16.22 -18.11 -27.58
C SER D 37 16.24 -16.81 -28.38
N THR D 38 15.10 -16.51 -29.02
CA THR D 38 14.97 -15.28 -29.79
C THR D 38 14.25 -14.16 -29.04
N ASP D 39 13.49 -14.47 -27.98
CA ASP D 39 12.73 -13.46 -27.27
C ASP D 39 13.09 -13.30 -25.79
N ILE D 40 13.70 -14.29 -25.17
CA ILE D 40 14.14 -14.14 -23.78
C ILE D 40 15.59 -13.67 -23.78
N LEU D 41 15.84 -12.58 -23.05
CA LEU D 41 17.16 -11.97 -22.96
C LEU D 41 17.86 -12.49 -21.70
N THR D 42 19.01 -13.16 -21.89
CA THR D 42 19.82 -13.66 -20.78
C THR D 42 21.28 -13.27 -21.00
N PRO D 43 21.57 -11.97 -20.98
CA PRO D 43 22.93 -11.55 -21.34
C PRO D 43 24.01 -12.10 -20.42
N GLU D 44 23.77 -12.07 -19.10
CA GLU D 44 24.78 -12.55 -18.15
C GLU D 44 25.08 -14.02 -18.38
N LEU D 45 24.04 -14.86 -18.42
CA LEU D 45 24.24 -16.29 -18.65
C LEU D 45 24.94 -16.54 -19.98
N ASP D 46 24.55 -15.79 -21.02
CA ASP D 46 25.19 -15.95 -22.33
C ASP D 46 26.67 -15.59 -22.26
N ASN D 47 26.99 -14.49 -21.58
CA ASN D 47 28.39 -14.06 -21.47
C ASN D 47 29.25 -15.14 -20.83
N LEU D 48 28.76 -15.72 -19.72
CA LEU D 48 29.48 -16.84 -19.09
C LEU D 48 29.60 -18.03 -20.05
N ALA D 49 28.52 -18.36 -20.76
CA ALA D 49 28.56 -19.52 -21.65
C ALA D 49 29.55 -19.32 -22.77
N GLN D 50 29.63 -18.09 -23.31
CA GLN D 50 30.61 -17.79 -24.35
C GLN D 50 32.03 -17.99 -23.84
N ASN D 51 32.25 -17.77 -22.55
CA ASN D 51 33.57 -17.88 -21.96
C ASN D 51 33.86 -19.27 -21.40
N GLY D 52 33.06 -20.26 -21.78
CA GLY D 52 33.31 -21.63 -21.33
C GLY D 52 32.91 -22.61 -22.38
N SER D 53 32.48 -23.79 -21.95
CA SER D 53 32.09 -24.87 -22.84
C SER D 53 30.58 -25.11 -22.73
N ILE D 54 29.86 -24.97 -23.89
CA ILE D 54 28.43 -25.24 -24.02
C ILE D 54 28.22 -26.69 -24.42
N PHE D 55 27.28 -27.37 -23.77
CA PHE D 55 27.04 -28.80 -23.97
C PHE D 55 25.76 -29.03 -24.79
N THR D 56 25.93 -29.39 -26.05
CA THR D 56 24.81 -29.49 -26.97
C THR D 56 24.08 -30.83 -26.89
N SER D 57 24.58 -31.80 -26.13
CA SER D 57 23.84 -33.06 -25.89
C SER D 57 23.91 -33.47 -24.41
N ALA D 58 23.40 -32.60 -23.53
CA ALA D 58 23.39 -32.81 -22.08
C ALA D 58 22.07 -33.38 -21.61
N TYR D 59 22.13 -34.37 -20.71
CA TYR D 59 20.92 -35.05 -20.26
C TYR D 59 20.86 -35.14 -18.74
N VAL D 60 19.68 -34.95 -18.22
CA VAL D 60 19.41 -35.26 -16.83
C VAL D 60 18.86 -36.69 -16.79
N ALA D 61 18.88 -37.29 -15.61
CA ALA D 61 18.61 -38.71 -15.49
C ALA D 61 17.14 -39.05 -15.40
N HIS D 62 16.25 -38.04 -15.40
CA HIS D 62 14.82 -38.29 -15.36
C HIS D 62 14.12 -37.05 -15.86
N PRO D 63 13.00 -37.20 -16.53
CA PRO D 63 12.35 -36.04 -17.12
C PRO D 63 11.49 -35.21 -16.17
N PHE D 64 11.60 -35.32 -14.84
CA PHE D 64 10.93 -34.33 -14.01
C PHE D 64 11.60 -34.16 -12.65
N CYS D 65 11.07 -33.22 -11.86
CA CYS D 65 11.71 -32.59 -10.71
C CYS D 65 12.44 -33.55 -9.78
N DDZ D 65 11.06 -33.22 -11.87
CA DDZ D 65 11.67 -32.56 -10.69
C DDZ D 65 12.43 -33.53 -9.79
O DDZ D 65 13.67 -33.52 -9.81
OG1 DDZ D 65 11.15 -31.36 -8.63
OG2 DDZ D 65 10.02 -30.75 -10.62
CB DDZ D 65 10.60 -31.81 -9.87
N GLY D 66 11.70 -34.32 -8.99
CA GLY D 66 12.26 -35.09 -7.91
C GLY D 66 13.36 -36.09 -8.22
N PRO D 67 13.09 -37.01 -9.15
CA PRO D 67 14.13 -37.99 -9.49
C PRO D 67 15.37 -37.37 -10.09
N SER D 68 15.21 -36.34 -10.92
CA SER D 68 16.37 -35.68 -11.48
C SER D 68 17.26 -35.09 -10.38
N ARG D 69 16.64 -34.40 -9.41
CA ARG D 69 17.44 -33.81 -8.34
C ARG D 69 18.03 -34.89 -7.43
N SER D 70 17.24 -35.92 -7.12
CA SER D 70 17.77 -37.09 -6.42
C SER D 70 18.97 -37.66 -7.16
N ALA D 71 18.87 -37.76 -8.48
CA ALA D 71 19.96 -38.30 -9.29
C ALA D 71 21.19 -37.40 -9.26
N ILE D 72 21.00 -36.07 -9.26
CA ILE D 72 22.15 -35.16 -9.27
C ILE D 72 23.00 -35.31 -8.01
N LEU D 73 22.36 -35.32 -6.84
CA LEU D 73 23.16 -35.33 -5.62
C LEU D 73 23.59 -36.72 -5.21
N THR D 74 22.81 -37.75 -5.54
CA THR D 74 23.23 -39.11 -5.23
C THR D 74 24.13 -39.71 -6.29
N GLY D 75 24.12 -39.17 -7.51
CA GLY D 75 24.95 -39.73 -8.56
C GLY D 75 24.49 -41.07 -9.10
N ARG D 76 23.24 -41.46 -8.83
CA ARG D 76 22.72 -42.74 -9.27
C ARG D 76 21.37 -42.54 -9.96
N TYR D 77 21.07 -43.41 -10.92
CA TYR D 77 19.74 -43.39 -11.51
C TYR D 77 18.67 -43.59 -10.44
N PRO D 78 17.60 -42.83 -10.46
CA PRO D 78 16.56 -42.98 -9.44
C PRO D 78 15.90 -44.35 -9.41
N HIS D 79 16.05 -45.15 -10.48
CA HIS D 79 15.54 -46.53 -10.48
C HIS D 79 16.41 -47.43 -9.63
N LEU D 80 17.62 -46.99 -9.29
CA LEU D 80 18.51 -47.72 -8.42
C LEU D 80 18.39 -47.26 -6.96
N THR D 81 17.83 -46.08 -6.73
CA THR D 81 17.68 -45.55 -5.38
C THR D 81 16.25 -45.63 -4.88
N GLY D 82 15.31 -46.05 -5.73
CA GLY D 82 13.92 -46.13 -5.32
C GLY D 82 13.16 -44.83 -5.37
N THR D 83 13.68 -43.82 -6.06
CA THR D 83 13.17 -42.47 -6.00
C THR D 83 12.65 -42.00 -7.36
N ALA D 84 12.08 -42.91 -8.13
CA ALA D 84 11.65 -42.58 -9.48
C ALA D 84 10.26 -41.95 -9.55
N TYR D 85 9.61 -41.73 -8.40
CA TYR D 85 8.41 -40.90 -8.33
C TYR D 85 8.67 -39.65 -7.50
N ASN D 86 7.93 -38.59 -7.81
CA ASN D 86 7.96 -37.38 -7.00
C ASN D 86 7.36 -37.63 -5.62
N LEU D 87 7.90 -36.92 -4.63
CA LEU D 87 7.19 -36.77 -3.37
C LEU D 87 5.96 -35.88 -3.58
N PHE D 88 4.83 -36.30 -3.03
CA PHE D 88 3.61 -35.51 -3.10
C PHE D 88 3.79 -34.20 -2.31
N HIS D 89 3.03 -33.18 -2.68
CA HIS D 89 3.11 -31.92 -1.95
C HIS D 89 2.71 -32.16 -0.50
N ASN D 90 3.33 -31.39 0.41
CA ASN D 90 3.10 -31.58 1.84
C ASN D 90 3.34 -33.03 2.26
N SER D 91 4.43 -33.61 1.74
CA SER D 91 4.83 -34.97 2.07
C SER D 91 5.24 -35.08 3.53
N SER D 92 5.32 -36.33 4.03
CA SER D 92 5.52 -36.58 5.46
C SER D 92 6.78 -35.93 6.00
N GLU D 93 6.67 -35.37 7.22
CA GLU D 93 7.79 -34.75 7.91
C GLU D 93 8.33 -35.59 9.07
N ASP D 94 7.87 -36.83 9.23
CA ASP D 94 8.34 -37.70 10.31
C ASP D 94 9.36 -38.70 9.78
N ASP D 95 10.51 -38.81 10.48
CA ASP D 95 11.56 -39.75 10.07
C ASP D 95 11.04 -41.17 9.93
N LYS D 96 9.99 -41.53 10.69
CA LYS D 96 9.47 -42.88 10.61
C LYS D 96 8.96 -43.19 9.21
N ASP D 97 8.20 -42.26 8.63
CA ASP D 97 7.75 -42.32 7.25
C ASP D 97 8.91 -41.91 6.36
N ASN D 98 9.64 -42.90 5.82
CA ASN D 98 10.81 -42.60 5.01
C ASN D 98 10.48 -41.91 3.69
N MET D 99 9.76 -40.79 3.76
CA MET D 99 9.41 -40.00 2.57
C MET D 99 10.55 -39.04 2.23
N GLY D 100 11.64 -39.64 1.74
CA GLY D 100 12.83 -38.88 1.39
C GLY D 100 13.87 -39.82 0.81
N VAL D 101 14.89 -39.22 0.19
CA VAL D 101 15.94 -40.02 -0.45
C VAL D 101 16.68 -40.83 0.61
N PRO D 102 16.90 -42.15 0.42
CA PRO D 102 17.60 -42.95 1.43
C PRO D 102 18.84 -42.27 2.00
N VAL D 103 18.94 -42.26 3.33
CA VAL D 103 20.03 -41.56 3.99
C VAL D 103 21.35 -42.29 3.83
N GLU D 104 21.31 -43.58 3.53
CA GLU D 104 22.56 -44.33 3.30
C GLU D 104 23.22 -43.93 2.00
N GLU D 105 22.46 -43.39 1.05
CA GLU D 105 23.00 -42.96 -0.24
C GLU D 105 23.65 -41.61 -0.04
N THR D 106 24.96 -41.61 0.08
CA THR D 106 25.68 -40.42 0.50
C THR D 106 25.68 -39.40 -0.63
N TYR D 107 25.23 -38.19 -0.33
CA TYR D 107 25.21 -37.10 -1.30
C TYR D 107 26.62 -36.59 -1.55
N MET D 108 26.83 -36.04 -2.75
CA MET D 108 28.13 -35.47 -3.05
C MET D 108 28.41 -34.23 -2.21
N SER D 109 27.37 -33.60 -1.65
CA SER D 109 27.59 -32.47 -0.76
C SER D 109 28.33 -32.90 0.51
N LYS D 110 27.94 -34.03 1.10
CA LYS D 110 28.61 -34.52 2.29
C LYS D 110 30.07 -34.86 1.99
N VAL D 111 30.31 -35.52 0.85
CA VAL D 111 31.66 -35.89 0.44
C VAL D 111 32.55 -34.66 0.37
N LEU D 112 32.05 -33.60 -0.27
CA LEU D 112 32.84 -32.36 -0.36
C LEU D 112 33.00 -31.71 1.00
N GLN D 113 31.95 -31.81 1.83
CA GLN D 113 32.04 -31.25 3.18
C GLN D 113 33.11 -31.99 3.98
N ASN D 114 33.05 -33.33 3.99
CA ASN D 114 34.04 -34.14 4.67
C ASN D 114 35.43 -33.98 4.08
N ALA D 115 35.53 -33.37 2.90
CA ALA D 115 36.81 -33.09 2.27
C ALA D 115 37.20 -31.63 2.41
N GLY D 116 36.56 -30.91 3.33
CA GLY D 116 36.97 -29.56 3.64
C GLY D 116 36.33 -28.45 2.85
N TYR D 117 35.26 -28.72 2.10
CA TYR D 117 34.59 -27.64 1.38
C TYR D 117 33.56 -26.99 2.28
N TYR D 118 33.43 -25.66 2.14
CA TYR D 118 32.30 -24.94 2.70
C TYR D 118 31.08 -25.15 1.81
N THR D 119 30.04 -25.80 2.35
CA THR D 119 28.89 -26.24 1.57
C THR D 119 27.64 -25.43 1.91
N SER D 120 26.87 -25.10 0.88
CA SER D 120 25.67 -24.26 1.02
C SER D 120 24.65 -24.67 -0.02
N ALA D 121 23.40 -24.81 0.42
CA ALA D 121 22.26 -25.08 -0.45
C ALA D 121 21.26 -23.95 -0.32
N ILE D 122 20.77 -23.46 -1.45
CA ILE D 122 19.87 -22.32 -1.52
C ILE D 122 18.69 -22.65 -2.43
N GLY D 123 17.48 -22.28 -2.01
CA GLY D 123 16.31 -22.41 -2.86
C GLY D 123 15.58 -23.73 -2.64
N LYS D 124 15.26 -24.41 -3.75
CA LYS D 124 14.40 -25.59 -3.72
C LYS D 124 15.18 -26.84 -3.31
N TRP D 125 14.53 -27.71 -2.53
CA TRP D 125 15.11 -28.97 -2.07
C TRP D 125 14.44 -30.16 -2.72
N HIS D 126 13.30 -30.56 -2.17
CA HIS D 126 12.44 -31.62 -2.69
C HIS D 126 13.06 -33.00 -2.58
N LEU D 127 14.01 -33.18 -1.66
CA LEU D 127 14.65 -34.47 -1.42
C LEU D 127 14.27 -35.07 -0.06
N GLY D 128 13.16 -34.61 0.52
CA GLY D 128 12.73 -35.11 1.81
C GLY D 128 12.38 -34.00 2.78
N ALA D 129 11.20 -34.11 3.40
CA ALA D 129 10.71 -33.08 4.31
C ALA D 129 10.90 -33.42 5.79
N ALA D 130 11.50 -34.68 6.14
CA ALA D 130 11.83 -35.08 7.51
C ALA D 130 13.24 -34.66 7.90
N PRO D 131 13.50 -34.49 9.20
CA PRO D 131 14.83 -34.00 9.63
C PRO D 131 16.00 -34.83 9.14
N LYS D 132 15.86 -36.16 9.10
CA LYS D 132 16.98 -36.99 8.62
C LYS D 132 17.28 -36.76 7.14
N PHE D 133 16.34 -36.18 6.38
CA PHE D 133 16.53 -35.85 4.98
C PHE D 133 16.87 -34.38 4.78
N HIS D 134 17.03 -33.64 5.87
CA HIS D 134 17.24 -32.20 5.80
C HIS D 134 18.61 -31.89 5.21
N PRO D 135 18.74 -30.78 4.48
CA PRO D 135 20.06 -30.41 3.93
C PRO D 135 21.18 -30.35 4.96
N ASN D 136 20.92 -29.84 6.17
CA ASN D 136 22.00 -29.69 7.16
C ASN D 136 22.54 -31.02 7.64
N LYS D 137 21.77 -32.08 7.54
CA LYS D 137 22.26 -33.41 7.86
C LYS D 137 22.76 -34.15 6.63
N ARG D 138 22.66 -33.54 5.44
CA ARG D 138 23.10 -34.15 4.20
C ARG D 138 24.27 -33.38 3.57
N GLY D 139 25.13 -32.79 4.39
CA GLY D 139 26.38 -32.25 3.94
C GLY D 139 26.45 -30.76 3.68
N PHE D 140 25.39 -30.02 4.00
CA PHE D 140 25.35 -28.58 3.75
C PHE D 140 25.50 -27.82 5.06
N ASP D 141 26.57 -27.03 5.16
CA ASP D 141 26.75 -26.17 6.34
C ASP D 141 25.59 -25.19 6.49
N ASP D 142 25.12 -24.65 5.37
CA ASP D 142 24.10 -23.61 5.36
C ASP D 142 23.01 -24.02 4.39
N PHE D 143 21.76 -23.80 4.79
CA PHE D 143 20.62 -23.98 3.90
C PHE D 143 19.71 -22.76 4.01
N TYR D 144 19.32 -22.22 2.86
CA TYR D 144 18.36 -21.12 2.81
C TYR D 144 17.38 -21.44 1.69
N GLY D 145 16.15 -21.82 2.05
CA GLY D 145 15.13 -22.10 1.06
C GLY D 145 13.93 -22.80 1.67
N PHE D 146 13.33 -23.69 0.87
CA PHE D 146 12.15 -24.43 1.27
C PHE D 146 12.34 -25.90 0.90
N LEU D 147 11.62 -26.77 1.62
CA LEU D 147 11.90 -28.20 1.56
C LEU D 147 11.13 -28.95 0.49
N GLY D 148 10.03 -28.39 -0.02
CA GLY D 148 9.17 -29.08 -0.97
C GLY D 148 9.52 -28.82 -2.43
N GLY D 149 8.50 -28.98 -3.28
CA GLY D 149 8.70 -28.96 -4.71
C GLY D 149 8.49 -27.63 -5.40
N GLY D 150 7.90 -26.65 -4.71
CA GLY D 150 7.66 -25.34 -5.29
C GLY D 150 7.30 -24.35 -4.21
N HIS D 151 7.12 -23.09 -4.64
CA HIS D 151 6.80 -21.99 -3.74
C HIS D 151 6.36 -20.76 -4.52
N ASP D 152 5.42 -20.01 -3.95
CA ASP D 152 5.06 -18.71 -4.51
C ASP D 152 6.24 -17.75 -4.37
N TYR D 153 6.26 -16.72 -5.23
CA TYR D 153 7.43 -15.90 -5.44
C TYR D 153 7.47 -14.60 -4.63
N PHE D 154 6.35 -14.12 -4.10
CA PHE D 154 6.35 -12.84 -3.39
C PHE D 154 6.02 -13.05 -1.92
N PRO D 155 6.97 -12.87 -1.01
CA PRO D 155 6.66 -13.02 0.42
C PRO D 155 5.62 -12.02 0.86
N SER D 156 5.59 -10.89 0.16
CA SER D 156 4.56 -9.88 0.36
C SER D 156 3.16 -10.49 0.30
N GLU D 157 2.93 -11.40 -0.65
CA GLU D 157 1.64 -12.06 -0.83
C GLU D 157 1.49 -13.37 -0.05
N TYR D 158 2.51 -14.24 -0.07
CA TYR D 158 2.29 -15.57 0.54
C TYR D 158 2.41 -15.55 2.06
N GLN D 159 3.13 -14.59 2.64
CA GLN D 159 3.14 -14.46 4.10
C GLN D 159 1.75 -14.06 4.60
N LYS D 160 1.12 -13.09 3.92
CA LYS D 160 -0.25 -12.70 4.27
C LYS D 160 -1.20 -13.88 4.23
N THR D 161 -1.17 -14.64 3.12
CA THR D 161 -2.01 -15.83 3.00
C THR D 161 -1.69 -16.86 4.09
N TYR D 162 -0.41 -17.08 4.38
CA TYR D 162 -0.06 -18.10 5.36
C TYR D 162 -0.50 -17.70 6.77
N LYS D 163 -0.26 -16.45 7.16
CA LYS D 163 -0.65 -16.02 8.50
C LYS D 163 -2.17 -16.08 8.66
N ALA D 164 -2.90 -15.52 7.69
CA ALA D 164 -4.36 -15.57 7.72
C ALA D 164 -4.87 -17.00 7.83
N GLN D 165 -4.30 -17.91 7.03
CA GLN D 165 -4.81 -19.28 7.05
C GLN D 165 -4.42 -20.06 8.30
N LYS D 166 -3.25 -19.76 8.90
CA LYS D 166 -2.90 -20.45 10.15
C LYS D 166 -3.79 -19.98 11.30
N LYS D 167 -4.10 -18.68 11.33
CA LYS D 167 -4.97 -18.13 12.36
C LYS D 167 -6.42 -18.60 12.24
N ALA D 168 -6.82 -19.07 11.06
CA ALA D 168 -8.16 -19.60 10.85
C ALA D 168 -8.20 -21.11 11.03
N GLY D 169 -7.16 -21.71 11.60
CA GLY D 169 -7.10 -23.16 11.82
C GLY D 169 -7.24 -24.00 10.56
N ASN D 170 -6.70 -23.53 9.45
CA ASN D 170 -6.69 -24.32 8.22
C ASN D 170 -5.83 -25.56 8.41
N PRO D 171 -6.38 -26.78 8.25
CA PRO D 171 -5.56 -27.99 8.41
C PRO D 171 -4.82 -28.43 7.16
N ASN D 172 -5.04 -27.77 6.02
CA ASN D 172 -4.45 -28.15 4.73
C ASN D 172 -3.85 -26.93 4.04
N ILE D 173 -2.86 -26.31 4.69
CA ILE D 173 -2.13 -25.21 4.09
C ILE D 173 -1.20 -25.75 3.00
N ARG D 174 -1.22 -25.10 1.84
CA ARG D 174 -0.34 -25.51 0.74
C ARG D 174 1.10 -25.18 1.09
N ASP D 175 2.02 -26.10 0.80
CA ASP D 175 3.41 -25.78 1.12
C ASP D 175 4.01 -24.72 0.20
N TYR D 176 3.37 -24.41 -0.93
CA TYR D 176 3.86 -23.28 -1.71
C TYR D 176 3.80 -21.96 -0.94
N VAL D 177 3.11 -21.90 0.21
CA VAL D 177 3.03 -20.68 0.99
C VAL D 177 3.66 -20.80 2.37
N PHE D 178 4.25 -21.95 2.74
CA PHE D 178 4.94 -22.02 4.02
C PHE D 178 6.08 -20.99 4.08
N PRO D 179 6.35 -20.41 5.24
CA PRO D 179 7.57 -19.60 5.37
C PRO D 179 8.81 -20.43 5.04
N MET D 180 9.76 -19.79 4.36
CA MET D 180 11.03 -20.43 4.06
C MET D 180 11.90 -20.45 5.32
N GLU D 181 13.03 -21.14 5.23
CA GLU D 181 13.86 -21.33 6.41
C GLU D 181 15.32 -21.01 6.11
N HIS D 182 16.03 -20.69 7.19
CA HIS D 182 17.48 -20.53 7.20
C HIS D 182 18.02 -21.43 8.31
N ASN D 183 18.46 -22.63 7.95
CA ASN D 183 18.99 -23.61 8.89
C ASN D 183 18.02 -23.90 10.03
N GLY D 184 16.74 -24.00 9.70
CA GLY D 184 15.73 -24.29 10.70
C GLY D 184 15.11 -23.08 11.36
N LYS D 185 15.30 -21.88 10.82
CA LYS D 185 14.77 -20.66 11.40
C LYS D 185 13.96 -19.87 10.39
N PRO D 186 13.05 -19.00 10.86
CA PRO D 186 12.04 -18.38 9.98
C PRO D 186 12.45 -17.61 8.72
N ALA D 187 13.73 -17.44 8.40
CA ALA D 187 14.12 -16.78 7.14
C ALA D 187 13.62 -15.35 6.93
N ASN D 188 12.33 -15.11 7.14
CA ASN D 188 11.70 -13.78 7.05
C ASN D 188 12.07 -13.04 5.77
N GLU D 189 11.80 -13.69 4.64
CA GLU D 189 12.12 -13.09 3.35
C GLU D 189 11.30 -11.83 3.12
N THR D 190 11.92 -10.86 2.44
CA THR D 190 11.26 -9.58 2.12
C THR D 190 11.34 -9.26 0.63
N GLU D 191 11.85 -10.15 -0.20
CA GLU D 191 12.02 -9.87 -1.62
C GLU D 191 11.47 -11.01 -2.46
N TYR D 192 11.12 -10.66 -3.70
CA TYR D 192 10.92 -11.64 -4.77
C TYR D 192 11.94 -12.75 -4.63
N ILE D 193 11.48 -13.98 -4.36
CA ILE D 193 12.38 -14.97 -3.77
C ILE D 193 13.53 -15.29 -4.71
N THR D 194 13.34 -15.12 -6.03
CA THR D 194 14.46 -15.24 -6.96
C THR D 194 15.56 -14.24 -6.62
N ASP D 195 15.17 -13.00 -6.32
CA ASP D 195 16.16 -12.00 -5.88
C ASP D 195 16.75 -12.38 -4.52
N GLY D 196 15.94 -12.92 -3.62
CA GLY D 196 16.46 -13.34 -2.32
C GLY D 196 17.44 -14.49 -2.42
N PHE D 197 17.17 -15.44 -3.31
CA PHE D 197 18.11 -16.55 -3.51
C PHE D 197 19.43 -16.06 -4.09
N SER D 198 19.38 -15.05 -4.97
CA SER D 198 20.62 -14.44 -5.48
C SER D 198 21.38 -13.77 -4.35
N ARG D 199 20.69 -13.00 -3.53
CA ARG D 199 21.33 -12.31 -2.43
C ARG D 199 21.96 -13.30 -1.45
N GLU D 200 21.32 -14.45 -1.19
CA GLU D 200 21.93 -15.41 -0.28
C GLU D 200 23.16 -16.06 -0.89
N ALA D 201 23.15 -16.31 -2.20
CA ALA D 201 24.35 -16.83 -2.84
C ALA D 201 25.51 -15.84 -2.73
N ILE D 202 25.22 -14.55 -2.87
CA ILE D 202 26.25 -13.54 -2.70
C ILE D 202 26.80 -13.59 -1.27
N LYS D 203 25.91 -13.69 -0.28
CA LYS D 203 26.36 -13.75 1.10
C LYS D 203 27.26 -14.95 1.33
N ASN D 204 26.88 -16.12 0.82
CA ASN D 204 27.67 -17.31 1.04
C ASN D 204 29.00 -17.27 0.31
N ILE D 205 29.07 -16.56 -0.83
CA ILE D 205 30.37 -16.39 -1.51
C ILE D 205 31.31 -15.57 -0.65
N LYS D 206 30.79 -14.54 0.01
CA LYS D 206 31.59 -13.78 0.94
C LYS D 206 31.95 -14.61 2.18
N ILE D 207 31.07 -15.55 2.57
CA ILE D 207 31.35 -16.39 3.73
C ILE D 207 32.58 -17.23 3.45
N ALA D 208 32.54 -18.01 2.38
CA ALA D 208 33.69 -18.83 2.00
C ALA D 208 34.92 -17.97 1.74
N ALA D 209 34.70 -16.77 1.18
CA ALA D 209 35.81 -15.85 0.97
C ALA D 209 36.47 -15.47 2.28
N ALA D 210 35.67 -15.19 3.31
CA ALA D 210 36.23 -14.82 4.60
C ALA D 210 36.93 -15.99 5.27
N LYS D 211 36.40 -17.19 5.10
CA LYS D 211 37.02 -18.36 5.71
C LYS D 211 38.25 -18.84 4.97
N LYS D 212 38.59 -18.24 3.81
CA LYS D 212 39.62 -18.76 2.91
C LYS D 212 39.42 -20.26 2.69
N GLN D 213 38.18 -20.62 2.37
CA GLN D 213 37.77 -21.99 2.19
C GLN D 213 37.10 -22.16 0.83
N PRO D 214 37.37 -23.25 0.13
CA PRO D 214 36.63 -23.50 -1.12
C PRO D 214 35.17 -23.76 -0.83
N PHE D 215 34.30 -23.18 -1.67
CA PHE D 215 32.86 -23.32 -1.46
C PHE D 215 32.26 -24.29 -2.46
N PHE D 216 31.16 -24.90 -2.06
CA PHE D 216 30.28 -25.59 -2.98
C PHE D 216 28.88 -25.06 -2.75
N ILE D 217 28.35 -24.30 -3.71
CA ILE D 217 27.05 -23.64 -3.59
C ILE D 217 26.08 -24.33 -4.54
N TYR D 218 25.02 -24.88 -3.99
CA TYR D 218 23.97 -25.55 -4.75
C TYR D 218 22.79 -24.58 -4.84
N LEU D 219 22.78 -23.79 -5.92
CA LEU D 219 21.79 -22.71 -6.09
C LEU D 219 20.64 -23.24 -6.94
N ALA D 220 19.60 -23.70 -6.25
CA ALA D 220 18.45 -24.36 -6.87
C ALA D 220 17.27 -23.39 -6.98
N TYR D 221 17.35 -22.48 -7.94
CA TYR D 221 16.22 -21.61 -8.24
C TYR D 221 14.97 -22.41 -8.48
N ASN D 222 13.84 -21.91 -7.99
CA ASN D 222 12.59 -22.49 -8.45
C ASN D 222 12.14 -21.85 -9.76
N ALA D 223 12.71 -20.72 -10.15
CA ALA D 223 12.40 -20.15 -11.46
C ALA D 223 12.93 -21.05 -12.58
N PRO D 224 12.21 -21.12 -13.73
CA PRO D 224 10.91 -20.53 -14.06
C PRO D 224 9.70 -21.47 -13.87
N HIS D 225 9.73 -22.32 -12.86
CA HIS D 225 8.62 -23.20 -12.50
C HIS D 225 7.39 -22.38 -12.11
N VAL D 226 6.22 -22.99 -12.26
CA VAL D 226 4.96 -22.36 -11.86
C VAL D 226 4.99 -22.14 -10.35
N PRO D 227 4.22 -21.18 -9.80
CA PRO D 227 3.31 -20.24 -10.50
C PRO D 227 4.07 -19.19 -11.29
N LEU D 228 3.59 -18.82 -12.48
CA LEU D 228 4.24 -17.76 -13.25
C LEU D 228 3.97 -16.43 -12.55
N GLN D 229 4.94 -15.97 -11.75
CA GLN D 229 4.84 -14.70 -11.03
C GLN D 229 6.14 -13.94 -11.22
N ALA D 230 6.04 -12.68 -11.61
CA ALA D 230 7.25 -11.92 -11.94
C ALA D 230 7.11 -10.47 -11.48
N LYS D 231 8.27 -9.83 -11.31
CA LYS D 231 8.31 -8.43 -10.90
C LYS D 231 7.88 -7.54 -12.06
N ALA D 232 7.17 -6.47 -11.71
CA ALA D 232 6.65 -5.57 -12.74
C ALA D 232 7.76 -4.98 -13.59
N GLU D 233 8.88 -4.61 -12.97
CA GLU D 233 9.98 -4.01 -13.73
C GLU D 233 10.57 -5.00 -14.73
N ASP D 234 10.55 -6.29 -14.39
CA ASP D 234 11.05 -7.30 -15.31
C ASP D 234 10.07 -7.53 -16.46
N VAL D 235 8.76 -7.53 -16.17
CA VAL D 235 7.76 -7.66 -17.22
C VAL D 235 7.92 -6.56 -18.26
N ALA D 236 8.34 -5.37 -17.82
CA ALA D 236 8.44 -4.24 -18.75
C ALA D 236 9.47 -4.49 -19.84
N LYS D 237 10.51 -5.26 -19.56
CA LYS D 237 11.52 -5.54 -20.57
C LYS D 237 11.04 -6.49 -21.65
N PHE D 238 9.85 -7.09 -21.49
CA PHE D 238 9.33 -8.04 -22.45
C PHE D 238 7.91 -7.70 -22.88
N ALA D 239 7.62 -6.39 -22.95
CA ALA D 239 6.28 -5.94 -23.30
C ALA D 239 5.90 -6.30 -24.73
N HIS D 240 6.88 -6.46 -25.64
CA HIS D 240 6.56 -6.85 -27.01
C HIS D 240 6.11 -8.31 -27.16
N ILE D 241 6.10 -9.08 -26.08
CA ILE D 241 5.61 -10.45 -26.13
C ILE D 241 4.11 -10.45 -25.89
N LYS D 242 3.35 -10.99 -26.85
CA LYS D 242 1.89 -10.89 -26.79
C LYS D 242 1.27 -11.85 -25.77
N ASP D 243 1.76 -13.09 -25.70
CA ASP D 243 1.17 -14.04 -24.77
C ASP D 243 1.52 -13.67 -23.34
N LYS D 244 0.48 -13.56 -22.50
CA LYS D 244 0.69 -13.18 -21.11
C LYS D 244 1.58 -14.21 -20.39
N ASP D 245 1.37 -15.50 -20.68
CA ASP D 245 2.16 -16.52 -20.01
C ASP D 245 3.62 -16.50 -20.47
N ARG D 246 3.86 -16.41 -21.78
CA ARG D 246 5.24 -16.33 -22.27
C ARG D 246 5.91 -15.08 -21.71
N ARG D 247 5.17 -13.97 -21.62
CA ARG D 247 5.76 -12.74 -21.11
C ARG D 247 6.23 -12.91 -19.68
N THR D 248 5.37 -13.48 -18.83
CA THR D 248 5.75 -13.64 -17.44
C THR D 248 6.94 -14.57 -17.30
N TYR D 249 6.91 -15.69 -18.02
CA TYR D 249 8.00 -16.65 -18.01
C TYR D 249 9.31 -15.98 -18.42
N ALA D 250 9.25 -15.17 -19.48
CA ALA D 250 10.45 -14.44 -19.91
C ALA D 250 10.96 -13.53 -18.80
N ALA D 251 10.05 -12.84 -18.11
CA ALA D 251 10.48 -11.99 -17.00
C ALA D 251 11.10 -12.83 -15.88
N MET D 252 10.55 -14.01 -15.62
CA MET D 252 11.09 -14.86 -14.58
C MET D 252 12.51 -15.33 -14.92
N VAL D 253 12.72 -15.78 -16.16
CA VAL D 253 14.06 -16.21 -16.55
C VAL D 253 15.02 -15.02 -16.48
N TYR D 254 14.53 -13.83 -16.85
CA TYR D 254 15.36 -12.64 -16.83
C TYR D 254 15.83 -12.31 -15.42
N ALA D 255 14.95 -12.47 -14.44
CA ALA D 255 15.33 -12.16 -13.07
C ALA D 255 16.48 -13.05 -12.60
N VAL D 256 16.51 -14.31 -13.06
CA VAL D 256 17.62 -15.21 -12.76
C VAL D 256 18.90 -14.70 -13.44
N ASP D 257 18.76 -14.13 -14.63
CA ASP D 257 19.91 -13.55 -15.31
C ASP D 257 20.53 -12.41 -14.52
N ARG D 258 19.71 -11.47 -14.04
CA ARG D 258 20.27 -10.41 -13.23
C ARG D 258 20.98 -10.97 -12.00
N GLY D 259 20.39 -11.97 -11.37
CA GLY D 259 21.01 -12.55 -10.19
C GLY D 259 22.32 -13.22 -10.49
N VAL D 260 22.44 -13.85 -11.67
CA VAL D 260 23.72 -14.42 -12.06
C VAL D 260 24.75 -13.31 -12.24
N GLY D 261 24.30 -12.15 -12.75
CA GLY D 261 25.22 -11.03 -12.91
C GLY D 261 25.71 -10.45 -11.59
N LYS D 262 24.81 -10.29 -10.62
CA LYS D 262 25.23 -9.82 -9.31
C LYS D 262 26.15 -10.85 -8.64
N ILE D 263 25.88 -12.13 -8.83
CA ILE D 263 26.78 -13.16 -8.30
C ILE D 263 28.15 -13.01 -8.91
N VAL D 264 28.22 -12.72 -10.21
CA VAL D 264 29.52 -12.59 -10.87
C VAL D 264 30.31 -11.44 -10.30
N GLN D 265 29.66 -10.27 -10.12
CA GLN D 265 30.38 -9.14 -9.55
C GLN D 265 31.01 -9.52 -8.22
N THR D 266 30.28 -10.26 -7.38
CA THR D 266 30.84 -10.69 -6.11
C THR D 266 32.03 -11.62 -6.30
N LEU D 267 31.90 -12.61 -7.21
CA LEU D 267 32.99 -13.54 -7.43
C LEU D 267 34.24 -12.82 -7.93
N LYS D 268 34.06 -11.79 -8.77
CA LYS D 268 35.21 -11.04 -9.25
C LYS D 268 35.77 -10.13 -8.17
N GLU D 269 34.89 -9.51 -7.36
CA GLU D 269 35.34 -8.63 -6.30
C GLU D 269 36.17 -9.39 -5.27
N THR D 270 35.74 -10.59 -4.88
CA THR D 270 36.49 -11.44 -3.97
C THR D 270 37.63 -12.19 -4.65
N LYS D 271 37.96 -11.85 -5.90
CA LYS D 271 39.01 -12.52 -6.66
C LYS D 271 38.80 -14.04 -6.69
N GLN D 272 37.53 -14.45 -6.67
CA GLN D 272 37.19 -15.86 -6.72
C GLN D 272 36.74 -16.33 -8.09
N PHE D 273 36.63 -15.41 -9.06
CA PHE D 273 36.02 -15.72 -10.35
C PHE D 273 36.82 -16.76 -11.12
N ASP D 274 38.13 -16.53 -11.29
CA ASP D 274 38.89 -17.33 -12.24
C ASP D 274 39.00 -18.79 -11.81
N ASN D 275 39.07 -19.06 -10.51
CA ASN D 275 39.16 -20.43 -10.02
C ASN D 275 37.85 -20.93 -9.43
N THR D 276 36.72 -20.49 -9.99
CA THR D 276 35.41 -21.03 -9.67
C THR D 276 34.84 -21.71 -10.92
N LEU D 277 34.47 -22.99 -10.80
CA LEU D 277 33.75 -23.72 -11.84
C LEU D 277 32.25 -23.54 -11.67
N ILE D 278 31.60 -22.86 -12.61
CA ILE D 278 30.16 -22.66 -12.61
C ILE D 278 29.54 -23.65 -13.59
N VAL D 279 28.62 -24.49 -13.09
CA VAL D 279 27.85 -25.39 -13.94
C VAL D 279 26.41 -24.90 -13.95
N PHE D 280 25.86 -24.64 -15.13
CA PHE D 280 24.48 -24.18 -15.27
C PHE D 280 23.68 -25.22 -16.03
N LEU D 281 22.48 -25.51 -15.54
CA LEU D 281 21.62 -26.48 -16.18
C LEU D 281 20.20 -26.30 -15.67
N SER D 282 19.28 -26.99 -16.33
CA SER D 282 17.90 -27.18 -15.90
C SER D 282 17.77 -28.57 -15.32
N ASP D 283 16.81 -28.74 -14.40
CA ASP D 283 16.66 -30.08 -13.84
C ASP D 283 15.86 -30.99 -14.76
N ASN D 284 15.16 -30.44 -15.76
CA ASN D 284 14.47 -31.21 -16.78
C ASN D 284 14.03 -30.24 -17.86
N GLY D 285 13.42 -30.78 -18.92
CA GLY D 285 12.98 -29.95 -20.01
C GLY D 285 11.87 -29.01 -19.59
N GLY D 286 11.64 -27.99 -20.41
CA GLY D 286 10.56 -27.07 -20.14
C GLY D 286 9.20 -27.72 -20.28
N ASN D 287 8.24 -27.21 -19.50
CA ASN D 287 6.83 -27.54 -19.65
C ASN D 287 6.26 -26.54 -20.64
N PHE D 288 5.94 -26.99 -21.86
CA PHE D 288 5.49 -26.00 -22.84
C PHE D 288 4.02 -25.61 -22.64
N ASN D 289 3.37 -26.16 -21.62
CA ASN D 289 2.07 -25.66 -21.20
C ASN D 289 2.17 -24.45 -20.28
N HIS D 290 3.37 -24.12 -19.77
CA HIS D 290 3.52 -23.04 -18.80
C HIS D 290 4.64 -22.10 -19.21
N GLY D 291 4.66 -21.69 -20.47
CA GLY D 291 5.55 -20.64 -20.92
C GLY D 291 6.86 -21.09 -21.52
N ALA D 292 7.22 -22.37 -21.43
CA ALA D 292 8.52 -22.85 -21.87
C ALA D 292 8.52 -23.20 -23.37
N ASN D 293 9.72 -23.18 -23.96
CA ASN D 293 9.92 -23.52 -25.36
C ASN D 293 11.12 -24.47 -25.48
N ASN D 294 10.89 -25.66 -26.02
CA ASN D 294 11.94 -26.67 -26.10
C ASN D 294 12.55 -26.82 -27.50
N TYR D 295 12.34 -25.83 -28.36
CA TYR D 295 12.81 -25.90 -29.73
C TYR D 295 14.32 -26.19 -29.75
N PRO D 296 14.79 -27.06 -30.63
CA PRO D 296 14.03 -27.81 -31.63
C PRO D 296 13.63 -29.18 -31.11
N LEU D 297 13.64 -29.43 -29.81
CA LEU D 297 13.36 -30.80 -29.42
C LEU D 297 11.86 -31.08 -29.47
N LYS D 298 11.53 -32.37 -29.58
CA LYS D 298 10.15 -32.82 -29.54
C LYS D 298 9.78 -33.09 -28.09
N GLY D 299 8.54 -32.74 -27.74
CA GLY D 299 7.99 -33.05 -26.44
C GLY D 299 8.24 -31.99 -25.39
N THR D 300 7.96 -32.38 -24.15
CA THR D 300 7.84 -31.45 -23.05
C THR D 300 8.27 -32.14 -21.77
N LYS D 301 8.39 -31.37 -20.68
CA LYS D 301 8.76 -31.91 -19.37
C LYS D 301 8.04 -33.22 -19.08
N GLY D 302 8.81 -34.23 -18.67
CA GLY D 302 8.23 -35.51 -18.37
C GLY D 302 8.35 -36.55 -19.47
N ASP D 303 8.72 -36.16 -20.69
CA ASP D 303 8.78 -37.08 -21.82
C ASP D 303 10.14 -37.78 -21.93
N THR D 304 10.13 -38.97 -22.57
CA THR D 304 11.37 -39.58 -23.02
C THR D 304 11.72 -39.18 -24.44
N TRP D 305 10.95 -38.28 -25.07
CA TRP D 305 11.50 -37.49 -26.16
C TRP D 305 12.64 -36.63 -25.61
N GLU D 306 13.48 -36.11 -26.51
CA GLU D 306 14.57 -35.24 -26.08
C GLU D 306 14.08 -34.09 -25.20
N GLY D 307 12.90 -33.55 -25.48
CA GLY D 307 12.40 -32.41 -24.74
C GLY D 307 12.21 -32.66 -23.27
N GLY D 308 12.05 -33.93 -22.87
CA GLY D 308 11.84 -34.22 -21.46
C GLY D 308 13.09 -34.09 -20.61
N TYR D 309 14.23 -34.57 -21.12
CA TYR D 309 15.40 -34.67 -20.26
C TYR D 309 16.69 -34.19 -20.92
N ARG D 310 16.63 -33.62 -22.11
CA ARG D 310 17.77 -32.94 -22.69
C ARG D 310 17.67 -31.46 -22.38
N VAL D 311 18.70 -30.90 -21.78
CA VAL D 311 18.63 -29.58 -21.14
C VAL D 311 19.80 -28.73 -21.61
N PRO D 312 19.72 -27.41 -21.45
CA PRO D 312 20.91 -26.57 -21.65
C PRO D 312 21.92 -26.80 -20.53
N MET D 313 23.20 -26.59 -20.85
CA MET D 313 24.26 -26.68 -19.87
C MET D 313 25.54 -26.02 -20.38
N PHE D 314 26.22 -25.31 -19.48
CA PHE D 314 27.58 -24.86 -19.77
C PHE D 314 28.47 -25.06 -18.54
N PHE D 315 29.77 -25.21 -18.80
CA PHE D 315 30.82 -25.13 -17.80
C PHE D 315 31.60 -23.84 -18.01
N HIS D 316 31.84 -23.11 -16.93
CA HIS D 316 32.63 -21.89 -16.99
C HIS D 316 33.62 -21.89 -15.84
N TRP D 317 34.90 -21.92 -16.18
CA TRP D 317 36.01 -22.05 -15.26
C TRP D 317 37.26 -21.50 -15.95
N PRO D 318 37.52 -20.20 -15.85
CA PRO D 318 38.58 -19.60 -16.67
C PRO D 318 39.95 -20.29 -16.53
N LYS D 319 40.28 -20.78 -15.33
CA LYS D 319 41.58 -21.42 -15.09
C LYS D 319 41.82 -22.68 -15.92
N LYS D 320 40.76 -23.32 -16.40
CA LYS D 320 40.91 -24.60 -17.08
C LYS D 320 40.04 -24.74 -18.34
N ILE D 321 38.89 -24.06 -18.40
CA ILE D 321 37.96 -24.16 -19.52
C ILE D 321 38.31 -23.10 -20.56
N LYS D 322 38.56 -23.54 -21.79
CA LYS D 322 38.81 -22.63 -22.90
C LYS D 322 37.52 -21.93 -23.31
N LYS D 323 37.66 -20.74 -23.87
CA LYS D 323 36.49 -19.99 -24.28
C LYS D 323 35.89 -20.54 -25.58
N ASP D 324 34.64 -20.17 -25.82
CA ASP D 324 33.95 -20.43 -27.08
C ASP D 324 33.94 -21.92 -27.42
N GLN D 325 34.01 -22.77 -26.41
CA GLN D 325 34.05 -24.20 -26.65
C GLN D 325 32.64 -24.75 -26.88
N ARG D 326 32.56 -25.74 -27.75
CA ARG D 326 31.31 -26.46 -27.98
C ARG D 326 31.56 -27.94 -27.74
N PHE D 327 30.89 -28.50 -26.74
CA PHE D 327 31.07 -29.91 -26.40
C PHE D 327 29.85 -30.67 -26.89
N ASP D 328 30.03 -31.49 -27.92
CA ASP D 328 28.93 -32.13 -28.62
C ASP D 328 28.75 -33.58 -28.25
N PHE D 329 29.60 -34.13 -27.42
CA PHE D 329 29.38 -35.51 -27.02
C PHE D 329 28.34 -35.58 -25.91
N PRO D 330 27.48 -36.59 -25.91
CA PRO D 330 26.45 -36.69 -24.87
C PRO D 330 27.04 -36.91 -23.48
N VAL D 331 26.52 -36.13 -22.51
CA VAL D 331 26.91 -36.22 -21.11
C VAL D 331 25.64 -36.38 -20.29
N SER D 332 25.82 -36.75 -19.04
CA SER D 332 24.68 -36.95 -18.15
C SER D 332 24.88 -36.11 -16.91
N SER D 333 23.78 -35.64 -16.30
CA SER D 333 23.93 -34.96 -15.02
C SER D 333 24.53 -35.88 -13.96
N LEU D 334 24.41 -37.19 -14.16
CA LEU D 334 25.07 -38.18 -13.31
C LEU D 334 26.58 -38.00 -13.29
N ASP D 335 27.15 -37.25 -14.24
CA ASP D 335 28.58 -37.02 -14.27
C ASP D 335 29.04 -35.99 -13.24
N LEU D 336 28.12 -35.19 -12.70
CA LEU D 336 28.53 -34.11 -11.80
C LEU D 336 29.13 -34.64 -10.50
N TYR D 337 28.56 -35.72 -9.97
CA TYR D 337 29.04 -36.27 -8.70
C TYR D 337 30.51 -36.65 -8.81
N PRO D 338 30.92 -37.56 -9.70
CA PRO D 338 32.36 -37.89 -9.78
C PRO D 338 33.23 -36.78 -10.32
N THR D 339 32.69 -35.87 -11.15
CA THR D 339 33.53 -34.75 -11.60
C THR D 339 33.90 -33.85 -10.44
N PHE D 340 32.95 -33.61 -9.52
CA PHE D 340 33.19 -32.70 -8.41
C PHE D 340 34.16 -33.32 -7.38
N THR D 341 33.92 -34.58 -7.01
CA THR D 341 34.84 -35.22 -6.07
C THR D 341 36.22 -35.36 -6.69
N GLY D 342 36.29 -35.62 -7.99
CA GLY D 342 37.58 -35.60 -8.67
C GLY D 342 38.28 -34.25 -8.53
N LEU D 343 37.56 -33.16 -8.82
CA LEU D 343 38.14 -31.84 -8.66
C LEU D 343 38.52 -31.56 -7.22
N ALA D 344 37.73 -32.09 -6.29
CA ALA D 344 37.97 -31.85 -4.87
C ALA D 344 39.03 -32.78 -4.27
N GLU D 345 39.55 -33.74 -5.04
CA GLU D 345 40.48 -34.73 -4.50
C GLU D 345 39.88 -35.43 -3.29
N ALA D 346 38.57 -35.59 -3.28
CA ALA D 346 37.90 -36.23 -2.15
C ALA D 346 37.86 -37.74 -2.36
N LYS D 347 37.90 -38.46 -1.26
CA LYS D 347 37.84 -39.91 -1.33
C LYS D 347 36.40 -40.37 -1.21
N LEU D 348 36.03 -41.34 -2.02
CA LEU D 348 34.67 -41.81 -1.96
C LEU D 348 34.48 -42.77 -0.78
N PRO D 349 33.28 -42.77 -0.18
CA PRO D 349 32.98 -43.73 0.89
C PRO D 349 33.05 -45.18 0.42
N LYS D 350 33.28 -46.08 1.38
CA LYS D 350 33.31 -47.51 1.09
C LYS D 350 31.94 -47.96 0.59
N GLY D 351 31.89 -48.52 -0.61
CA GLY D 351 30.65 -48.98 -1.16
C GLY D 351 29.89 -47.94 -1.95
N LYS D 352 30.51 -46.80 -2.27
CA LYS D 352 29.79 -45.75 -2.98
C LYS D 352 29.65 -46.19 -4.43
N GLN D 353 28.41 -46.38 -4.88
CA GLN D 353 28.12 -46.79 -6.24
C GLN D 353 27.74 -45.57 -7.07
N LEU D 354 28.28 -45.48 -8.27
CA LEU D 354 28.04 -44.34 -9.14
C LEU D 354 27.70 -44.81 -10.57
N ASP D 355 26.73 -44.13 -11.18
CA ASP D 355 26.32 -44.45 -12.55
C ASP D 355 26.90 -43.51 -13.59
N GLY D 356 27.48 -42.39 -13.20
CA GLY D 356 28.11 -41.47 -14.11
C GLY D 356 29.63 -41.58 -14.07
N LYS D 357 30.28 -40.59 -14.66
CA LYS D 357 31.73 -40.62 -14.81
C LYS D 357 32.29 -39.21 -14.66
N ASN D 358 33.56 -39.16 -14.27
CA ASN D 358 34.30 -37.90 -14.26
C ASN D 358 34.57 -37.48 -15.69
N ILE D 359 34.02 -36.35 -16.10
CA ILE D 359 34.14 -35.92 -17.49
C ILE D 359 35.02 -34.69 -17.63
N MET D 360 35.71 -34.28 -16.56
CA MET D 360 36.45 -33.03 -16.66
C MET D 360 37.56 -33.14 -17.68
N ASP D 361 38.31 -34.26 -17.65
CA ASP D 361 39.40 -34.44 -18.61
C ASP D 361 38.89 -34.46 -20.04
N ASP D 362 37.82 -35.23 -20.28
CA ASP D 362 37.19 -35.28 -21.59
C ASP D 362 36.82 -33.87 -22.05
N VAL D 363 36.35 -33.02 -21.13
CA VAL D 363 36.01 -31.65 -21.50
C VAL D 363 37.26 -30.90 -21.94
N LEU D 364 38.39 -31.13 -21.26
CA LEU D 364 39.62 -30.44 -21.62
C LEU D 364 40.25 -31.01 -22.88
N LYS D 365 40.05 -32.29 -23.15
CA LYS D 365 40.65 -32.94 -24.32
C LYS D 365 39.64 -33.28 -25.43
N ASN D 366 38.39 -32.87 -25.31
CA ASN D 366 37.36 -33.11 -26.33
C ASN D 366 37.30 -34.57 -26.76
N THR D 367 36.98 -35.44 -25.82
CA THR D 367 36.83 -36.88 -26.07
C THR D 367 35.46 -37.35 -25.63
N GLU D 368 34.99 -38.45 -26.22
CA GLU D 368 33.64 -38.96 -25.91
C GLU D 368 33.68 -39.80 -24.65
N PRO D 369 33.07 -39.36 -23.55
CA PRO D 369 33.06 -40.19 -22.35
C PRO D 369 32.16 -41.40 -22.47
N TYR D 370 31.17 -41.40 -23.36
CA TYR D 370 30.20 -42.48 -23.40
C TYR D 370 30.21 -43.23 -24.73
N LYS D 371 31.38 -43.29 -25.39
CA LYS D 371 31.50 -44.10 -26.59
C LYS D 371 31.22 -45.55 -26.21
N ASP D 372 30.28 -46.16 -26.93
CA ASP D 372 29.80 -47.53 -26.74
C ASP D 372 29.08 -47.72 -25.41
N GLU D 373 28.71 -46.64 -24.73
CA GLU D 373 27.93 -46.72 -23.50
C GLU D 373 26.67 -45.87 -23.65
N MET D 374 25.71 -46.15 -22.78
CA MET D 374 24.34 -45.66 -22.91
C MET D 374 24.07 -44.54 -21.94
N ILE D 375 23.27 -43.57 -22.36
CA ILE D 375 22.64 -42.60 -21.47
C ILE D 375 21.16 -42.87 -21.53
N TYR D 376 20.55 -43.11 -20.37
CA TYR D 376 19.20 -43.67 -20.27
C TYR D 376 18.21 -42.64 -19.77
N SER D 377 16.95 -42.99 -19.96
CA SER D 377 15.81 -42.41 -19.27
C SER D 377 14.70 -43.45 -19.31
N LEU D 378 14.01 -43.63 -18.18
CA LEU D 378 12.81 -44.47 -18.15
C LEU D 378 11.80 -43.82 -17.23
N ARG D 379 10.61 -43.53 -17.74
CA ARG D 379 9.61 -42.82 -16.96
C ARG D 379 8.36 -43.68 -16.81
N TYR D 380 7.93 -43.90 -15.56
CA TYR D 380 6.75 -44.71 -15.30
C TYR D 380 5.48 -43.98 -15.70
N ARG D 381 4.57 -44.69 -16.33
CA ARG D 381 3.26 -44.16 -16.64
C ARG D 381 2.19 -45.05 -15.99
N GLU D 382 0.91 -44.76 -16.29
CA GLU D 382 -0.19 -45.52 -15.71
C GLU D 382 -0.40 -46.80 -16.52
N GLY D 383 0.48 -47.77 -16.29
CA GLY D 383 0.35 -49.08 -16.89
C GLY D 383 1.38 -49.42 -17.95
N TYR D 384 2.33 -48.54 -18.23
CA TYR D 384 3.37 -48.78 -19.22
C TYR D 384 4.52 -47.85 -18.89
N ASN D 385 5.62 -47.99 -19.61
CA ASN D 385 6.79 -47.16 -19.38
C ASN D 385 7.20 -46.45 -20.64
N ASP D 386 7.56 -45.17 -20.51
CA ASP D 386 8.24 -44.43 -21.55
C ASP D 386 9.74 -44.63 -21.37
N VAL D 387 10.44 -44.84 -22.48
CA VAL D 387 11.86 -45.16 -22.44
C VAL D 387 12.61 -44.30 -23.42
N GLY D 388 13.85 -43.97 -23.08
CA GLY D 388 14.77 -43.37 -24.01
C GLY D 388 16.17 -43.86 -23.73
N ALA D 389 16.93 -44.15 -24.79
CA ALA D 389 18.29 -44.66 -24.65
C ALA D 389 19.11 -44.22 -25.86
N ARG D 390 20.24 -43.58 -25.60
CA ARG D 390 21.10 -43.05 -26.63
C ARG D 390 22.48 -43.69 -26.52
N MET D 391 23.06 -44.01 -27.67
CA MET D 391 24.46 -44.41 -27.76
C MET D 391 25.01 -43.73 -29.01
N GLY D 392 25.97 -42.81 -28.83
CA GLY D 392 26.57 -42.12 -29.97
C GLY D 392 25.61 -41.20 -30.72
N ASP D 393 25.37 -41.48 -32.00
CA ASP D 393 24.43 -40.73 -32.82
C ASP D 393 23.04 -41.34 -32.82
N TRP D 394 22.85 -42.48 -32.16
CA TRP D 394 21.62 -43.23 -32.27
C TRP D 394 20.85 -43.19 -30.96
N LYS D 395 19.54 -43.00 -31.07
CA LYS D 395 18.66 -42.96 -29.91
C LYS D 395 17.44 -43.80 -30.20
N ILE D 396 17.02 -44.59 -29.22
CA ILE D 396 15.78 -45.35 -29.28
C ILE D 396 14.75 -44.76 -28.33
N THR D 397 13.47 -44.87 -28.69
CA THR D 397 12.41 -44.23 -27.93
C THR D 397 11.17 -45.11 -27.96
N ARG D 398 10.54 -45.29 -26.81
CA ARG D 398 9.16 -45.79 -26.78
C ARG D 398 8.33 -44.79 -25.98
N MET D 399 7.33 -44.20 -26.63
CA MET D 399 6.46 -43.19 -26.02
C MET D 399 5.01 -43.63 -26.11
N GLY D 400 4.27 -43.39 -25.04
CA GLY D 400 2.85 -43.69 -25.03
C GLY D 400 2.52 -45.13 -25.29
N ASN D 401 3.51 -46.00 -25.14
CA ASN D 401 3.44 -47.44 -25.42
C ASN D 401 3.24 -47.76 -26.90
N GLU D 402 3.46 -46.79 -27.78
CA GLU D 402 3.43 -47.00 -29.21
C GLU D 402 4.63 -47.86 -29.63
N PRO D 403 4.68 -48.29 -30.90
CA PRO D 403 5.85 -49.05 -31.37
C PRO D 403 7.17 -48.31 -31.16
N TRP D 404 8.21 -49.10 -30.97
CA TRP D 404 9.55 -48.56 -30.75
C TRP D 404 10.03 -47.75 -31.95
N ARG D 405 10.76 -46.68 -31.66
CA ARG D 405 11.34 -45.79 -32.65
C ARG D 405 12.84 -45.78 -32.49
N LEU D 406 13.55 -45.67 -33.61
CA LEU D 406 14.99 -45.49 -33.61
C LEU D 406 15.30 -44.27 -34.48
N HIS D 407 16.04 -43.33 -33.94
CA HIS D 407 16.38 -42.11 -34.65
C HIS D 407 17.89 -41.94 -34.65
N ASN D 408 18.38 -41.35 -35.73
CA ASN D 408 19.71 -40.78 -35.77
C ASN D 408 19.56 -39.37 -35.25
N ILE D 409 19.83 -39.20 -33.94
CA ILE D 409 19.54 -37.94 -33.26
C ILE D 409 20.43 -36.81 -33.75
N THR D 410 21.58 -37.13 -34.32
CA THR D 410 22.43 -36.10 -34.87
C THR D 410 21.86 -35.58 -36.19
N GLN D 411 21.18 -36.47 -36.95
CA GLN D 411 20.56 -36.09 -38.21
C GLN D 411 19.10 -35.69 -38.08
N ASP D 412 18.44 -36.15 -37.03
CA ASP D 412 17.01 -36.04 -36.87
C ASP D 412 16.75 -35.65 -35.40
N ILE D 413 17.16 -34.42 -35.04
CA ILE D 413 17.10 -34.00 -33.65
C ILE D 413 15.66 -33.97 -33.15
N GLY D 414 14.70 -33.76 -34.03
CA GLY D 414 13.29 -33.74 -33.71
C GLY D 414 12.60 -35.07 -33.66
N GLU D 415 13.31 -36.18 -33.85
CA GLU D 415 12.74 -37.53 -33.78
C GLU D 415 11.53 -37.67 -34.70
N LYS D 416 11.70 -37.23 -35.94
CA LYS D 416 10.64 -37.25 -36.92
C LYS D 416 10.66 -38.51 -37.79
N LYS D 417 11.85 -39.09 -38.00
CA LYS D 417 12.05 -40.18 -38.96
C LYS D 417 12.42 -41.47 -38.23
N ASN D 418 11.47 -42.40 -38.11
CA ASN D 418 11.72 -43.68 -37.47
C ASN D 418 12.52 -44.59 -38.40
N LEU D 419 13.73 -44.96 -37.99
CA LEU D 419 14.56 -45.86 -38.76
C LEU D 419 14.52 -47.28 -38.25
N ALA D 420 13.54 -47.60 -37.40
CA ALA D 420 13.42 -48.96 -36.90
C ALA D 420 13.31 -49.96 -38.05
N GLY D 421 12.64 -49.56 -39.14
CA GLY D 421 12.53 -50.45 -40.29
C GLY D 421 13.82 -50.60 -41.07
N ARG D 422 14.58 -49.50 -41.20
CA ARG D 422 15.79 -49.54 -42.01
C ARG D 422 16.91 -50.32 -41.34
N TYR D 423 17.04 -50.25 -40.01
CA TYR D 423 18.15 -50.91 -39.31
C TYR D 423 17.65 -51.68 -38.10
N PRO D 424 16.86 -52.74 -38.28
CA PRO D 424 16.31 -53.45 -37.10
C PRO D 424 17.36 -54.15 -36.23
N ASP D 425 18.55 -54.44 -36.77
CA ASP D 425 19.60 -55.01 -35.92
C ASP D 425 20.04 -54.00 -34.84
N ARG D 426 20.28 -52.74 -35.23
CA ARG D 426 20.67 -51.72 -34.25
C ARG D 426 19.62 -51.63 -33.14
N LEU D 427 18.34 -51.60 -33.54
CA LEU D 427 17.25 -51.50 -32.59
C LEU D 427 17.25 -52.64 -31.57
N LYS D 428 17.34 -53.88 -32.05
CA LYS D 428 17.16 -55.04 -31.18
C LYS D 428 18.32 -55.19 -30.18
N GLU D 429 19.53 -54.81 -30.59
CA GLU D 429 20.65 -54.82 -29.65
C GLU D 429 20.50 -53.71 -28.62
N MET D 430 20.05 -52.52 -29.06
CA MET D 430 19.84 -51.43 -28.11
C MET D 430 18.70 -51.75 -27.16
N ILE D 431 17.66 -52.45 -27.64
CA ILE D 431 16.59 -52.88 -26.75
C ILE D 431 17.11 -53.87 -25.71
N ALA D 432 18.04 -54.75 -26.13
CA ALA D 432 18.61 -55.74 -25.22
C ALA D 432 19.41 -55.09 -24.10
N LYS D 433 20.31 -54.18 -24.45
CA LYS D 433 21.12 -53.50 -23.46
C LYS D 433 20.26 -52.69 -22.49
N THR D 434 19.26 -51.98 -23.00
CA THR D 434 18.34 -51.23 -22.15
C THR D 434 17.57 -52.17 -21.23
N GLN D 435 17.17 -53.33 -21.75
CA GLN D 435 16.52 -54.32 -20.89
C GLN D 435 17.47 -54.82 -19.82
N GLU D 436 18.74 -55.04 -20.17
CA GLU D 436 19.72 -55.46 -19.17
C GLU D 436 19.76 -54.44 -18.05
N TRP D 437 19.76 -53.16 -18.41
CA TRP D 437 19.73 -52.08 -17.42
C TRP D 437 18.52 -52.21 -16.50
N THR D 438 17.34 -52.52 -17.04
CA THR D 438 16.16 -52.56 -16.18
C THR D 438 16.18 -53.72 -15.19
N LYS D 439 17.01 -54.74 -15.41
CA LYS D 439 17.07 -55.85 -14.46
C LYS D 439 17.63 -55.44 -13.10
N SER D 440 18.34 -54.31 -13.02
CA SER D 440 18.95 -53.86 -11.77
C SER D 440 18.03 -52.94 -10.97
N PHE D 441 16.80 -52.70 -11.43
CA PHE D 441 15.97 -51.71 -10.77
C PHE D 441 15.55 -52.19 -9.39
N VAL D 442 15.21 -51.23 -8.54
CA VAL D 442 14.67 -51.52 -7.22
C VAL D 442 13.19 -51.15 -7.21
N LYS D 443 12.51 -51.58 -6.17
CA LYS D 443 11.13 -51.16 -6.01
C LYS D 443 11.11 -49.68 -5.66
N PRO D 444 10.13 -48.93 -6.15
CA PRO D 444 9.98 -47.54 -5.68
C PRO D 444 9.70 -47.52 -4.20
N LEU D 445 10.42 -46.67 -3.49
CA LEU D 445 10.15 -46.50 -2.07
C LEU D 445 8.78 -45.86 -1.87
N TRP D 446 8.32 -45.09 -2.85
CA TRP D 446 6.99 -44.51 -2.82
C TRP D 446 6.56 -44.28 -4.26
N VAL D 447 5.25 -44.14 -4.45
CA VAL D 447 4.71 -43.81 -5.76
C VAL D 447 3.95 -42.49 -5.63
N TYR D 448 3.23 -42.10 -6.69
CA TYR D 448 2.60 -40.79 -6.73
C TYR D 448 1.08 -40.82 -6.64
N SER D 449 0.40 -41.78 -7.27
CA SER D 449 -1.05 -41.77 -7.22
C SER D 449 -1.56 -43.10 -6.70
N VAL D 450 -2.82 -43.08 -6.27
CA VAL D 450 -3.50 -44.32 -5.90
C VAL D 450 -3.43 -45.31 -7.05
N LYS D 451 -3.69 -44.83 -8.27
CA LYS D 451 -3.56 -45.64 -9.47
C LYS D 451 -2.17 -46.28 -9.57
N ASP D 452 -1.12 -45.52 -9.27
CA ASP D 452 0.23 -46.10 -9.22
C ASP D 452 0.31 -47.25 -8.22
N LYS D 453 -0.25 -47.05 -7.03
CA LYS D 453 -0.14 -48.08 -6.00
C LYS D 453 -0.90 -49.34 -6.41
N GLU D 454 -2.11 -49.20 -6.95
CA GLU D 454 -2.86 -50.35 -7.42
C GLU D 454 -2.08 -51.10 -8.50
N LEU D 455 -1.59 -50.37 -9.51
CA LEU D 455 -0.94 -51.03 -10.64
C LEU D 455 0.36 -51.74 -10.22
N TRP D 456 1.11 -51.15 -9.30
CA TRP D 456 2.32 -51.83 -8.81
C TRP D 456 1.99 -53.00 -7.91
N GLU D 457 0.88 -52.92 -7.17
CA GLU D 457 0.53 -53.98 -6.22
C GLU D 457 0.06 -55.24 -6.94
N SER D 458 -0.68 -55.09 -8.05
CA SER D 458 -1.11 -56.24 -8.82
C SER D 458 -0.03 -56.75 -9.77
N GLY D 459 1.07 -56.03 -9.93
CA GLY D 459 2.12 -56.38 -10.87
C GLY D 459 1.93 -55.87 -12.28
N GLN D 460 0.77 -55.29 -12.60
CA GLN D 460 0.55 -54.67 -13.91
C GLN D 460 1.67 -53.68 -14.21
N MET D 461 2.19 -53.03 -13.18
CA MET D 461 3.42 -52.27 -13.17
C MET D 461 4.47 -53.02 -12.35
N PRO D 462 5.75 -52.95 -12.72
CA PRO D 462 6.32 -52.16 -13.81
C PRO D 462 6.23 -52.88 -15.16
N ASN D 463 6.11 -54.22 -15.15
CA ASN D 463 5.99 -55.05 -16.34
C ASN D 463 6.97 -54.64 -17.44
N TYR D 464 8.25 -54.77 -17.11
CA TYR D 464 9.30 -54.48 -18.09
C TYR D 464 9.23 -55.40 -19.30
N GLU D 465 8.79 -56.65 -19.10
CA GLU D 465 8.81 -57.60 -20.21
C GLU D 465 7.97 -57.08 -21.37
N ALA D 466 6.77 -56.56 -21.07
CA ALA D 466 5.96 -55.98 -22.14
C ALA D 466 6.62 -54.75 -22.74
N THR D 467 7.33 -53.97 -21.92
CA THR D 467 7.96 -52.75 -22.40
C THR D 467 8.96 -53.01 -23.52
N PHE D 468 9.66 -54.13 -23.46
CA PHE D 468 10.72 -54.36 -24.43
C PHE D 468 10.31 -55.32 -25.54
N GLU D 469 9.03 -55.64 -25.64
CA GLU D 469 8.49 -56.23 -26.85
C GLU D 469 8.75 -55.30 -28.04
N VAL D 470 8.93 -55.91 -29.22
CA VAL D 470 9.19 -55.14 -30.44
C VAL D 470 8.31 -55.61 -31.58
N ASP D 471 8.47 -56.88 -31.98
CA ASP D 471 7.80 -57.37 -33.18
C ASP D 471 6.29 -57.40 -32.97
N LYS D 472 5.85 -57.68 -31.75
CA LYS D 472 4.42 -57.75 -31.45
C LYS D 472 3.72 -56.42 -31.71
N LEU D 473 4.48 -55.32 -31.75
CA LEU D 473 3.88 -53.99 -31.91
C LEU D 473 3.53 -53.63 -33.34
N VAL D 474 4.24 -54.19 -34.32
CA VAL D 474 4.09 -53.75 -35.71
C VAL D 474 3.59 -54.85 -36.65
N ASP D 475 3.71 -56.12 -36.29
CA ASP D 475 3.34 -57.19 -37.20
C ASP D 475 1.84 -57.33 -37.28
N SER D 476 1.35 -57.56 -38.48
CA SER D 476 -0.08 -57.79 -38.58
C SER D 476 -0.40 -59.21 -38.12
N PRO D 477 -1.54 -59.39 -37.45
CA PRO D 477 -1.97 -60.74 -37.06
C PRO D 477 -2.61 -61.53 -38.20
N TYR D 478 -2.50 -61.07 -39.44
CA TYR D 478 -3.13 -61.72 -40.58
C TYR D 478 -2.12 -62.11 -41.65
BR BR E . 11.62 17.20 33.33
BR BR F . -7.05 13.62 50.49
CL CL G . 12.98 22.40 30.98
CL CL H . -13.82 6.15 16.85
CL CL I . 3.93 24.33 23.14
CL CL J . -22.97 -2.01 16.91
CL CL K . -40.84 4.32 26.57
CL CL L . 10.92 -11.74 49.25
CL CL M . -9.35 9.35 18.61
CL CL N . -37.27 -12.11 31.18
CL CL O . -22.17 22.90 34.91
CA CA P . -6.66 6.73 29.99
BR BR Q . -43.06 -19.17 -1.44
BR BR R . -42.20 4.43 -11.58
BR BR S . -21.47 -13.65 -25.97
BR BR T . -27.24 -5.31 15.36
CL CL U . -20.21 26.57 16.84
CL CL V . -44.93 -15.14 12.74
CL CL W . -6.84 24.65 5.77
CL CL X . -42.98 13.64 10.13
CL CL Y . -12.53 -3.70 -25.96
CA CA Z . -29.00 -3.61 3.38
BR BR AA . 5.82 16.27 -27.16
BR BR BA . 27.58 19.09 -40.24
CL CL CA . 6.20 44.31 -40.20
CL CL DA . 17.34 22.45 12.97
CL CL EA . 34.48 25.06 -15.26
CL CL FA . 38.03 14.09 -30.90
CL CL GA . 27.90 23.05 -12.90
CA CA HA . 23.75 26.32 -20.49
BR BR IA . 9.78 -16.39 4.22
BR BR JA . 24.24 -37.46 2.79
CL CL KA . 0.72 -29.26 -17.62
CL CL LA . 7.35 -59.24 -29.37
CL CL MA . 22.08 -51.65 -39.04
CL CL NA . 5.20 -38.23 -32.60
CL CL OA . 39.27 -13.67 -10.11
CL CL PA . 3.96 -49.91 -4.01
CA CA QA . 11.81 -29.21 -12.72
#